data_4HGZ
#
_entry.id   4HGZ
#
_cell.length_a   168.020
_cell.length_b   244.550
_cell.length_c   117.850
_cell.angle_alpha   90.00
_cell.angle_beta   90.00
_cell.angle_gamma   90.00
#
_symmetry.space_group_name_H-M   'C 2 2 21'
#
loop_
_entity.id
_entity.type
_entity.pdbx_description
1 polymer CcbJ
2 non-polymer 'SULFATE ION'
3 non-polymer 1,2-ETHANEDIOL
4 non-polymer 'LITHIUM ION'
5 water water
#
_entity_poly.entity_id   1
_entity_poly.type   'polypeptide(L)'
_entity_poly.pdbx_seq_one_letter_code
;MGSSHHHHHHSSGLVPRGSHMRNYDETTYGDQIADVYDEWPGDAGPPPDGREAALFVAALAAARPVLELGVGTGRVAFPL
ADLGVEVHGVESSEPMLDKLREKAAAHPNGNLVVPVLGNFAKLDLGEQRYSVVFAAFNTLFCLLGQDEQIDCMRQARELL
EPGGTFVVQCLNPAGQRLATGNTFGTVELEDTAVHLEASKHDPLAQTLSAHHIVLSEGGGIRLFPYRLRYAYPAELDLMA
NVAGLELVERHADFERRRFDASSRYHVSVYRAAASA
;
_entity_poly.pdbx_strand_id   A,B,C,D,E,F
#
loop_
_chem_comp.id
_chem_comp.type
_chem_comp.name
_chem_comp.formula
EDO non-polymer 1,2-ETHANEDIOL 'C2 H6 O2'
LI non-polymer 'LITHIUM ION' 'Li 1'
SO4 non-polymer 'SULFATE ION' 'O4 S -2'
#
# COMPACT_ATOMS: atom_id res chain seq x y z
N GLU A 39 19.60 19.91 20.91
CA GLU A 39 18.33 20.35 21.58
C GLU A 39 17.39 19.17 21.90
N TRP A 40 16.91 18.47 20.87
CA TRP A 40 15.95 17.38 21.06
C TRP A 40 16.53 15.98 20.91
N PRO A 41 15.86 14.99 21.52
CA PRO A 41 16.26 13.58 21.52
C PRO A 41 16.10 12.87 20.16
N GLY A 42 17.03 11.95 19.88
CA GLY A 42 16.92 11.02 18.77
C GLY A 42 16.59 11.60 17.42
N ASP A 43 15.66 10.97 16.69
CA ASP A 43 15.34 11.39 15.33
C ASP A 43 14.66 12.75 15.29
N ALA A 44 14.24 13.24 16.46
CA ALA A 44 13.61 14.55 16.59
C ALA A 44 14.66 15.66 16.53
N GLY A 45 15.82 15.42 17.13
CA GLY A 45 16.93 16.36 17.06
C GLY A 45 17.47 16.44 15.64
N PRO A 46 18.55 17.20 15.45
CA PRO A 46 19.16 17.30 14.12
C PRO A 46 20.02 16.06 13.85
N PRO A 47 20.30 15.77 12.58
CA PRO A 47 21.07 14.57 12.23
C PRO A 47 22.42 14.55 12.95
N PRO A 48 22.86 13.37 13.38
CA PRO A 48 24.05 13.24 14.21
C PRO A 48 25.37 13.16 13.43
N ASP A 49 25.44 13.75 12.24
CA ASP A 49 26.63 13.61 11.41
C ASP A 49 27.52 14.86 11.36
N GLY A 50 27.40 15.70 12.38
CA GLY A 50 28.26 16.89 12.49
C GLY A 50 29.75 16.64 12.31
N ARG A 51 30.33 15.83 13.19
CA ARG A 51 31.75 15.49 13.07
C ARG A 51 32.07 15.04 11.66
N GLU A 52 31.23 14.17 11.10
CA GLU A 52 31.52 13.53 9.83
C GLU A 52 31.45 14.51 8.69
N ALA A 53 30.50 15.44 8.78
CA ALA A 53 30.40 16.48 7.77
C ALA A 53 31.65 17.34 7.85
N ALA A 54 32.08 17.63 9.07
CA ALA A 54 33.29 18.44 9.28
C ALA A 54 34.50 17.78 8.65
N LEU A 55 34.70 16.48 8.91
CA LEU A 55 35.83 15.78 8.34
C LEU A 55 35.78 15.82 6.83
N PHE A 56 34.59 15.63 6.28
CA PHE A 56 34.40 15.62 4.84
C PHE A 56 34.80 16.96 4.26
N VAL A 57 34.30 18.03 4.87
CA VAL A 57 34.58 19.37 4.38
C VAL A 57 36.06 19.75 4.55
N ALA A 58 36.61 19.47 5.72
CA ALA A 58 38.02 19.78 5.98
C ALA A 58 38.94 19.07 4.98
N ALA A 59 38.57 17.87 4.56
CA ALA A 59 39.38 17.15 3.59
C ALA A 59 39.45 17.92 2.26
N LEU A 60 38.40 18.69 1.98
CA LEU A 60 38.33 19.47 0.74
C LEU A 60 38.82 20.90 0.94
N ALA A 61 38.93 21.32 2.19
CA ALA A 61 39.37 22.68 2.51
C ALA A 61 40.89 22.73 2.57
N ALA A 62 41.52 23.59 1.78
CA ALA A 62 42.96 23.54 1.69
C ALA A 62 43.64 24.42 2.75
N ALA A 63 43.25 24.24 4.01
CA ALA A 63 43.72 25.13 5.07
C ALA A 63 43.30 26.57 4.77
N ARG A 64 42.44 26.74 3.77
CA ARG A 64 41.82 28.02 3.49
C ARG A 64 40.40 28.01 4.06
N PRO A 65 39.71 29.17 4.03
CA PRO A 65 38.44 29.35 4.72
C PRO A 65 37.28 28.72 3.98
N VAL A 66 36.27 28.27 4.72
CA VAL A 66 35.08 27.70 4.12
C VAL A 66 33.85 28.51 4.52
N LEU A 67 32.85 28.51 3.65
CA LEU A 67 31.59 29.22 3.90
C LEU A 67 30.45 28.23 4.06
N GLU A 68 29.77 28.26 5.21
CA GLU A 68 28.62 27.41 5.42
C GLU A 68 27.34 28.22 5.30
N LEU A 69 26.49 27.86 4.34
CA LEU A 69 25.17 28.45 4.21
C LEU A 69 24.24 27.74 5.19
N GLY A 70 23.45 28.50 5.94
CA GLY A 70 22.58 27.93 6.96
C GLY A 70 23.39 27.36 8.10
N VAL A 71 24.31 28.18 8.63
CA VAL A 71 25.20 27.76 9.71
C VAL A 71 24.44 27.40 10.98
N GLY A 72 23.23 27.93 11.14
CA GLY A 72 22.38 27.58 12.29
C GLY A 72 23.04 27.84 13.63
N THR A 73 23.24 26.78 14.41
CA THR A 73 23.87 26.89 15.74
C THR A 73 25.28 26.30 15.76
N GLY A 74 25.82 26.02 14.57
CA GLY A 74 27.18 25.54 14.47
C GLY A 74 27.34 24.04 14.66
N ARG A 75 26.28 23.29 14.37
CA ARG A 75 26.33 21.84 14.47
C ARG A 75 27.50 21.29 13.66
N VAL A 76 27.77 21.93 12.53
CA VAL A 76 28.92 21.58 11.69
C VAL A 76 30.10 22.55 11.87
N ALA A 77 29.80 23.84 11.99
CA ALA A 77 30.85 24.87 12.10
C ALA A 77 31.81 24.59 13.24
N PHE A 78 31.28 24.37 14.43
CA PHE A 78 32.16 24.17 15.58
C PHE A 78 33.06 22.95 15.41
N PRO A 79 32.47 21.80 15.09
CA PRO A 79 33.28 20.64 14.75
C PRO A 79 34.39 21.02 13.75
N LEU A 80 34.06 21.87 12.78
CA LEU A 80 35.06 22.32 11.83
C LEU A 80 36.12 23.15 12.53
N ALA A 81 35.68 23.98 13.47
CA ALA A 81 36.63 24.78 14.22
C ALA A 81 37.59 23.86 14.99
N ASP A 82 37.04 22.81 15.58
CA ASP A 82 37.84 21.83 16.31
C ASP A 82 38.96 21.25 15.43
N LEU A 83 38.76 21.29 14.12
CA LEU A 83 39.73 20.71 13.19
C LEU A 83 40.72 21.75 12.68
N GLY A 84 40.56 22.99 13.13
CA GLY A 84 41.48 24.03 12.75
C GLY A 84 41.05 24.77 11.50
N VAL A 85 39.80 24.60 11.12
CA VAL A 85 39.30 25.21 9.89
C VAL A 85 38.49 26.48 10.16
N GLU A 86 38.84 27.56 9.47
CA GLU A 86 38.10 28.81 9.60
C GLU A 86 36.75 28.67 8.90
N VAL A 87 35.67 28.97 9.62
CA VAL A 87 34.32 28.88 9.05
C VAL A 87 33.63 30.22 9.09
N HIS A 88 33.18 30.69 7.92
CA HIS A 88 32.30 31.85 7.85
C HIS A 88 30.88 31.33 7.68
N GLY A 89 30.06 31.47 8.71
CA GLY A 89 28.71 30.92 8.71
C GLY A 89 27.65 31.96 8.44
N VAL A 90 26.75 31.65 7.50
CA VAL A 90 25.70 32.58 7.08
C VAL A 90 24.32 32.14 7.56
N GLU A 91 23.58 33.07 8.16
CA GLU A 91 22.17 32.91 8.46
C GLU A 91 21.40 34.15 7.98
N SER A 92 20.09 34.03 7.88
CA SER A 92 19.25 35.15 7.45
C SER A 92 18.70 35.87 8.67
N SER A 93 18.51 35.13 9.75
CA SER A 93 17.90 35.66 10.97
C SER A 93 18.90 36.03 12.04
N GLU A 94 18.97 37.33 12.36
CA GLU A 94 19.84 37.84 13.42
C GLU A 94 19.67 37.02 14.71
N PRO A 95 18.41 36.71 15.06
CA PRO A 95 18.15 35.85 16.21
C PRO A 95 19.13 34.67 16.28
N MET A 96 19.10 33.77 15.31
CA MET A 96 19.95 32.58 15.36
C MET A 96 21.45 32.91 15.38
N LEU A 97 21.84 33.96 14.66
CA LEU A 97 23.22 34.40 14.70
C LEU A 97 23.65 34.75 16.11
N ASP A 98 22.80 35.45 16.85
CA ASP A 98 23.10 35.81 18.23
C ASP A 98 23.39 34.58 19.07
N LYS A 99 22.55 33.56 18.92
CA LYS A 99 22.72 32.34 19.70
C LYS A 99 24.02 31.66 19.29
N LEU A 100 24.36 31.77 18.01
CA LEU A 100 25.65 31.31 17.51
C LEU A 100 26.79 32.09 18.18
N ARG A 101 26.67 33.41 18.21
CA ARG A 101 27.67 34.28 18.79
C ARG A 101 27.87 33.93 20.25
N GLU A 102 26.87 33.30 20.84
CA GLU A 102 26.93 33.02 22.27
C GLU A 102 27.65 31.71 22.55
N LYS A 103 27.34 30.68 21.76
CA LYS A 103 28.04 29.41 21.89
C LYS A 103 29.50 29.57 21.49
N ALA A 104 29.73 30.42 20.51
CA ALA A 104 31.09 30.75 20.08
C ALA A 104 31.90 31.26 21.26
N ALA A 105 31.33 32.22 22.00
CA ALA A 105 32.05 32.82 23.12
C ALA A 105 32.33 31.83 24.23
N ALA A 106 31.62 30.71 24.23
CA ALA A 106 31.80 29.70 25.28
C ALA A 106 32.47 28.43 24.76
N HIS A 107 32.93 28.47 23.52
CA HIS A 107 33.54 27.32 22.87
C HIS A 107 35.04 27.54 22.78
N PRO A 108 35.84 26.49 23.05
CA PRO A 108 37.30 26.58 23.07
C PRO A 108 37.87 27.02 21.72
N ASN A 109 37.12 26.78 20.66
CA ASN A 109 37.58 27.17 19.35
C ASN A 109 36.57 28.01 18.59
N GLY A 110 35.79 28.77 19.35
CA GLY A 110 34.73 29.60 18.78
C GLY A 110 35.22 30.75 17.93
N ASN A 111 36.45 31.19 18.15
CA ASN A 111 36.96 32.31 17.40
C ASN A 111 37.17 32.03 15.91
N LEU A 112 37.21 30.75 15.55
CA LEU A 112 37.40 30.33 14.15
C LEU A 112 36.10 30.37 13.37
N VAL A 113 35.01 30.61 14.08
CA VAL A 113 33.69 30.63 13.47
C VAL A 113 33.20 32.04 13.30
N VAL A 114 33.27 32.54 12.07
CA VAL A 114 32.84 33.90 11.79
C VAL A 114 31.37 33.95 11.35
N PRO A 115 30.53 34.59 12.16
CA PRO A 115 29.12 34.77 11.82
C PRO A 115 28.93 35.86 10.77
N VAL A 116 28.26 35.54 9.67
CA VAL A 116 27.94 36.51 8.64
C VAL A 116 26.44 36.60 8.47
N LEU A 117 25.92 37.82 8.40
CA LEU A 117 24.50 38.04 8.17
C LEU A 117 24.22 38.37 6.71
N GLY A 118 23.43 37.52 6.04
CA GLY A 118 23.07 37.75 4.63
C GLY A 118 22.03 36.82 4.01
N ASN A 119 21.89 36.94 2.69
CA ASN A 119 20.96 36.10 1.94
C ASN A 119 21.66 35.10 1.02
N PHE A 120 21.28 33.82 1.15
CA PHE A 120 21.90 32.72 0.42
C PHE A 120 22.12 33.02 -1.06
N ALA A 121 21.08 33.55 -1.71
CA ALA A 121 21.16 33.88 -3.13
C ALA A 121 21.92 35.19 -3.39
N LYS A 122 21.60 36.23 -2.62
CA LYS A 122 22.17 37.55 -2.85
C LYS A 122 22.85 38.11 -1.59
N LEU A 123 24.13 38.44 -1.71
CA LEU A 123 24.82 39.17 -0.66
C LEU A 123 26.27 39.50 -1.03
N ASP A 124 26.81 40.51 -0.36
CA ASP A 124 28.12 41.06 -0.72
C ASP A 124 29.22 40.65 0.26
N LEU A 125 30.06 39.71 -0.16
CA LEU A 125 31.23 39.37 0.63
C LEU A 125 32.48 39.89 -0.07
N GLY A 126 32.27 40.72 -1.09
CA GLY A 126 33.37 41.35 -1.78
C GLY A 126 34.39 40.38 -2.32
N GLU A 127 35.66 40.65 -2.02
CA GLU A 127 36.75 39.94 -2.66
C GLU A 127 37.13 38.64 -1.97
N GLN A 128 36.51 38.38 -0.83
CA GLN A 128 36.77 37.15 -0.09
C GLN A 128 36.35 35.92 -0.91
N ARG A 129 37.22 34.92 -1.01
CA ARG A 129 36.92 33.68 -1.73
C ARG A 129 37.06 32.49 -0.78
N TYR A 130 36.60 31.32 -1.22
CA TYR A 130 36.57 30.13 -0.35
C TYR A 130 37.01 28.85 -1.05
N SER A 131 37.64 27.96 -0.31
CA SER A 131 37.98 26.66 -0.88
C SER A 131 36.74 25.78 -0.98
N VAL A 132 35.86 25.90 0.02
CA VAL A 132 34.61 25.14 0.03
C VAL A 132 33.41 26.00 0.40
N VAL A 133 32.33 25.89 -0.37
CA VAL A 133 31.06 26.47 0.04
C VAL A 133 30.07 25.33 0.21
N PHE A 134 29.42 25.25 1.38
CA PHE A 134 28.52 24.13 1.61
C PHE A 134 27.19 24.45 2.30
N ALA A 135 26.20 23.62 2.00
CA ALA A 135 24.90 23.69 2.62
C ALA A 135 24.53 22.27 3.05
N ALA A 136 24.46 22.06 4.35
CA ALA A 136 24.13 20.75 4.89
C ALA A 136 22.64 20.61 5.17
N PHE A 137 22.28 19.42 5.65
CA PHE A 137 20.89 19.07 5.89
C PHE A 137 19.86 19.98 5.22
N ASN A 138 19.77 19.89 3.90
CA ASN A 138 18.65 20.46 3.17
C ASN A 138 18.62 21.98 3.07
N THR A 139 19.69 22.65 3.48
CA THR A 139 19.70 24.09 3.47
C THR A 139 19.33 24.67 2.10
N LEU A 140 19.92 24.12 1.04
CA LEU A 140 19.62 24.59 -0.31
C LEU A 140 18.14 24.52 -0.59
N PHE A 141 17.45 23.53 0.00
CA PHE A 141 16.03 23.35 -0.31
C PHE A 141 15.17 24.27 0.54
N CYS A 142 15.82 25.10 1.34
CA CYS A 142 15.07 26.09 2.12
C CYS A 142 14.65 27.27 1.26
N LEU A 143 15.35 27.45 0.14
CA LEU A 143 14.96 28.41 -0.90
C LEU A 143 13.80 27.84 -1.72
N LEU A 144 12.67 28.53 -1.72
CA LEU A 144 11.45 27.91 -2.21
C LEU A 144 11.21 28.02 -3.71
N GLY A 145 12.22 27.71 -4.52
CA GLY A 145 12.01 27.65 -5.95
C GLY A 145 13.26 27.29 -6.72
N GLN A 146 13.08 26.73 -7.90
CA GLN A 146 14.20 26.36 -8.75
C GLN A 146 15.06 27.59 -9.03
N ASP A 147 14.40 28.70 -9.36
CA ASP A 147 15.10 29.93 -9.65
C ASP A 147 16.01 30.38 -8.52
N GLU A 148 15.49 30.44 -7.29
CA GLU A 148 16.30 30.92 -6.17
C GLU A 148 17.42 29.94 -5.88
N GLN A 149 17.19 28.66 -6.17
CA GLN A 149 18.21 27.66 -5.92
C GLN A 149 19.38 27.77 -6.91
N ILE A 150 19.06 27.99 -8.18
CA ILE A 150 20.08 28.23 -9.18
C ILE A 150 20.88 29.48 -8.78
N ASP A 151 20.18 30.58 -8.55
CA ASP A 151 20.85 31.81 -8.12
C ASP A 151 21.83 31.55 -6.99
N CYS A 152 21.38 30.81 -5.97
CA CYS A 152 22.24 30.53 -4.83
C CYS A 152 23.46 29.72 -5.25
N MET A 153 23.23 28.68 -6.05
CA MET A 153 24.33 27.90 -6.58
C MET A 153 25.33 28.78 -7.34
N ARG A 154 24.80 29.72 -8.11
CA ARG A 154 25.67 30.63 -8.86
C ARG A 154 26.50 31.51 -7.92
N GLN A 155 25.86 32.22 -6.99
CA GLN A 155 26.62 33.00 -6.01
C GLN A 155 27.71 32.13 -5.42
N ALA A 156 27.35 30.89 -5.05
CA ALA A 156 28.34 30.00 -4.48
C ALA A 156 29.51 29.84 -5.45
N ARG A 157 29.20 29.50 -6.70
CA ARG A 157 30.23 29.28 -7.68
C ARG A 157 31.18 30.47 -7.70
N GLU A 158 30.61 31.67 -7.72
CA GLU A 158 31.42 32.87 -7.85
C GLU A 158 32.27 33.17 -6.61
N LEU A 159 31.92 32.57 -5.48
CA LEU A 159 32.70 32.75 -4.26
C LEU A 159 33.82 31.71 -4.11
N LEU A 160 33.84 30.74 -5.02
CA LEU A 160 34.85 29.70 -4.97
C LEU A 160 36.19 30.18 -5.50
N GLU A 161 37.28 29.73 -4.89
CA GLU A 161 38.60 29.95 -5.42
C GLU A 161 38.87 28.94 -6.53
N PRO A 162 40.01 29.07 -7.24
CA PRO A 162 40.33 28.08 -8.27
C PRO A 162 40.35 26.68 -7.68
N GLY A 163 39.68 25.74 -8.34
CA GLY A 163 39.60 24.35 -7.85
C GLY A 163 38.74 24.16 -6.61
N GLY A 164 38.04 25.22 -6.20
CA GLY A 164 37.17 25.15 -5.03
C GLY A 164 35.95 24.31 -5.32
N THR A 165 35.33 23.76 -4.28
CA THR A 165 34.15 22.92 -4.44
C THR A 165 32.92 23.48 -3.72
N PHE A 166 31.74 23.15 -4.25
CA PHE A 166 30.46 23.49 -3.63
C PHE A 166 29.76 22.19 -3.26
N VAL A 167 29.43 22.05 -1.98
CA VAL A 167 28.98 20.78 -1.44
C VAL A 167 27.60 20.92 -0.85
N VAL A 168 26.67 20.06 -1.27
CA VAL A 168 25.32 20.08 -0.69
C VAL A 168 24.87 18.70 -0.22
N GLN A 169 24.07 18.71 0.83
CA GLN A 169 23.45 17.53 1.35
C GLN A 169 21.94 17.72 1.26
N CYS A 170 21.29 16.87 0.47
CA CYS A 170 19.87 17.02 0.17
C CYS A 170 19.07 15.72 0.26
N LEU A 171 17.82 15.84 0.69
CA LEU A 171 16.94 14.69 0.67
C LEU A 171 16.85 14.20 -0.77
N ASN A 172 16.83 12.88 -0.95
CA ASN A 172 16.75 12.27 -2.26
C ASN A 172 15.36 11.66 -2.44
N PRO A 173 14.49 12.34 -3.21
CA PRO A 173 13.07 11.97 -3.28
C PRO A 173 12.80 10.47 -3.56
N ALA A 174 13.36 9.90 -4.61
CA ALA A 174 13.20 8.47 -4.84
C ALA A 174 13.35 7.65 -3.55
N GLY A 175 14.45 7.86 -2.83
CA GLY A 175 14.72 7.05 -1.66
C GLY A 175 13.85 7.38 -0.48
N GLN A 176 13.21 8.54 -0.53
CA GLN A 176 12.42 9.03 0.59
C GLN A 176 10.97 8.54 0.50
N ARG A 177 10.60 8.06 -0.68
CA ARG A 177 9.26 7.52 -0.91
C ARG A 177 8.20 8.40 -0.27
N LEU A 178 8.08 9.63 -0.77
CA LEU A 178 7.12 10.60 -0.26
C LEU A 178 5.74 10.36 -0.84
N ALA A 179 4.78 10.09 0.03
CA ALA A 179 3.40 9.97 -0.39
C ALA A 179 2.89 11.30 -0.97
N THR A 180 1.98 11.20 -1.92
CA THR A 180 1.34 12.39 -2.43
C THR A 180 0.36 12.90 -1.38
N GLY A 181 0.20 14.22 -1.32
CA GLY A 181 -0.79 14.80 -0.45
C GLY A 181 -0.32 14.83 0.98
N ASN A 182 -1.26 14.64 1.90
CA ASN A 182 -1.00 14.88 3.30
C ASN A 182 -0.58 13.61 4.03
N THR A 183 0.30 13.74 5.02
CA THR A 183 0.64 12.61 5.89
C THR A 183 0.81 13.02 7.35
N PHE A 184 0.84 12.03 8.23
CA PHE A 184 1.06 12.26 9.66
C PHE A 184 1.87 11.11 10.20
N GLY A 185 2.89 11.43 10.98
CA GLY A 185 3.85 10.41 11.39
C GLY A 185 4.44 10.67 12.76
N THR A 186 5.02 9.62 13.32
CA THR A 186 5.71 9.72 14.59
C THR A 186 7.16 9.94 14.30
N VAL A 187 7.73 11.02 14.83
CA VAL A 187 9.16 11.27 14.62
C VAL A 187 10.00 10.65 15.72
N GLU A 188 9.61 10.84 16.98
CA GLU A 188 10.40 10.33 18.08
C GLU A 188 9.58 10.27 19.37
N LEU A 189 10.01 9.40 20.29
CA LEU A 189 9.33 9.30 21.59
C LEU A 189 10.27 9.67 22.73
N GLU A 190 9.69 10.21 23.80
CA GLU A 190 10.39 10.53 25.04
C GLU A 190 9.50 10.09 26.17
N ASP A 191 10.04 10.01 27.37
CA ASP A 191 9.26 9.58 28.53
C ASP A 191 8.06 10.50 28.79
N THR A 192 8.22 11.78 28.52
CA THR A 192 7.17 12.72 28.89
C THR A 192 6.65 13.56 27.73
N ALA A 193 7.03 13.19 26.52
CA ALA A 193 6.57 13.91 25.35
C ALA A 193 6.76 13.09 24.09
N VAL A 194 6.00 13.40 23.05
CA VAL A 194 6.11 12.73 21.76
C VAL A 194 6.27 13.78 20.66
N HIS A 195 7.11 13.44 19.69
CA HIS A 195 7.36 14.28 18.52
C HIS A 195 6.69 13.66 17.30
N LEU A 196 5.78 14.41 16.70
CA LEU A 196 5.07 13.95 15.52
C LEU A 196 5.28 14.94 14.38
N GLU A 197 4.92 14.52 13.17
CA GLU A 197 5.06 15.40 12.01
C GLU A 197 3.81 15.35 11.16
N ALA A 198 3.28 16.53 10.86
CA ALA A 198 2.14 16.66 9.97
C ALA A 198 2.62 17.39 8.73
N SER A 199 2.51 16.76 7.56
CA SER A 199 3.03 17.41 6.37
C SER A 199 2.09 17.40 5.17
N LYS A 200 2.32 18.34 4.27
CA LYS A 200 1.62 18.45 2.99
C LYS A 200 2.66 18.38 1.88
N HIS A 201 2.54 17.38 1.01
CA HIS A 201 3.48 17.24 -0.09
C HIS A 201 2.81 17.50 -1.41
N ASP A 202 3.33 18.47 -2.15
CA ASP A 202 2.87 18.77 -3.50
C ASP A 202 3.92 18.32 -4.51
N PRO A 203 3.73 17.12 -5.09
CA PRO A 203 4.79 16.50 -5.86
C PRO A 203 5.00 17.21 -7.20
N LEU A 204 4.11 18.15 -7.51
CA LEU A 204 4.20 18.89 -8.76
C LEU A 204 5.03 20.18 -8.61
N ALA A 205 4.68 20.96 -7.60
CA ALA A 205 5.51 22.09 -7.21
C ALA A 205 6.77 21.59 -6.49
N GLN A 206 6.84 20.29 -6.24
CA GLN A 206 7.96 19.72 -5.50
C GLN A 206 8.22 20.42 -4.17
N THR A 207 7.16 20.64 -3.40
CA THR A 207 7.31 21.27 -2.08
C THR A 207 6.83 20.37 -0.97
N LEU A 208 7.38 20.61 0.22
CA LEU A 208 6.97 19.95 1.43
C LEU A 208 6.68 21.03 2.46
N SER A 209 5.52 20.95 3.08
CA SER A 209 5.15 21.93 4.08
C SER A 209 4.71 21.18 5.34
N ALA A 210 5.49 21.33 6.40
CA ALA A 210 5.28 20.50 7.59
C ALA A 210 5.21 21.30 8.89
N HIS A 211 4.64 20.68 9.90
CA HIS A 211 4.83 21.11 11.27
C HIS A 211 5.51 19.98 12.02
N HIS A 212 6.61 20.28 12.68
CA HIS A 212 7.11 19.40 13.71
C HIS A 212 6.27 19.71 14.95
N ILE A 213 5.64 18.69 15.52
CA ILE A 213 4.74 18.82 16.67
C ILE A 213 5.30 18.11 17.89
N VAL A 214 5.34 18.79 19.04
CA VAL A 214 5.73 18.17 20.30
C VAL A 214 4.56 18.20 21.26
N LEU A 215 3.99 17.04 21.57
CA LEU A 215 2.95 16.97 22.60
C LEU A 215 3.58 16.59 23.94
N SER A 216 3.17 17.27 25.01
CA SER A 216 3.73 16.98 26.34
C SER A 216 2.73 16.49 27.38
N GLU A 217 3.22 15.63 28.28
CA GLU A 217 2.41 15.12 29.37
C GLU A 217 1.66 16.26 30.09
N GLY A 218 2.29 17.41 30.21
CA GLY A 218 1.54 18.54 30.74
C GLY A 218 0.18 18.69 30.06
N GLY A 219 0.22 18.86 28.75
CA GLY A 219 -0.95 19.23 27.96
C GLY A 219 -0.48 20.32 27.02
N GLY A 220 0.82 20.61 27.08
CA GLY A 220 1.42 21.59 26.20
C GLY A 220 1.55 21.06 24.78
N ILE A 221 1.44 21.98 23.83
CA ILE A 221 1.61 21.67 22.43
C ILE A 221 2.50 22.74 21.78
N ARG A 222 3.59 22.32 21.16
CA ARG A 222 4.47 23.23 20.45
C ARG A 222 4.53 22.87 18.97
N LEU A 223 4.34 23.87 18.11
CA LEU A 223 4.34 23.62 16.68
C LEU A 223 5.55 24.33 16.07
N PHE A 224 6.27 23.64 15.21
CA PHE A 224 7.43 24.24 14.54
C PHE A 224 7.33 24.06 13.02
N PRO A 225 6.85 25.08 12.32
CA PRO A 225 6.63 24.99 10.88
C PRO A 225 7.90 24.96 10.05
N TYR A 226 7.83 24.44 8.85
CA TYR A 226 8.93 24.55 7.92
C TYR A 226 8.51 24.13 6.53
N ARG A 227 9.15 24.72 5.53
CA ARG A 227 8.87 24.46 4.13
C ARG A 227 10.14 24.05 3.39
N LEU A 228 10.00 23.21 2.37
CA LEU A 228 11.11 22.87 1.52
C LEU A 228 10.64 22.83 0.08
N ARG A 229 11.52 23.16 -0.85
CA ARG A 229 11.31 22.78 -2.24
C ARG A 229 12.44 21.90 -2.63
N TYR A 230 12.16 20.66 -3.02
CA TYR A 230 13.26 19.76 -3.34
C TYR A 230 13.50 19.68 -4.82
N ALA A 231 14.63 19.13 -5.20
CA ALA A 231 14.91 18.86 -6.60
C ALA A 231 15.36 17.43 -6.71
N TYR A 232 14.96 16.76 -7.78
CA TYR A 232 15.52 15.46 -8.09
C TYR A 232 16.97 15.64 -8.53
N PRO A 233 17.78 14.60 -8.35
CA PRO A 233 19.18 14.63 -8.76
C PRO A 233 19.41 15.10 -10.21
N ALA A 234 18.70 14.54 -11.17
CA ALA A 234 18.93 14.95 -12.56
C ALA A 234 18.60 16.43 -12.78
N GLU A 235 17.59 16.93 -12.07
CA GLU A 235 17.22 18.33 -12.17
C GLU A 235 18.31 19.17 -11.52
N LEU A 236 18.72 18.73 -10.33
CA LEU A 236 19.77 19.40 -9.57
C LEU A 236 21.05 19.57 -10.39
N ASP A 237 21.48 18.52 -11.08
CA ASP A 237 22.74 18.59 -11.82
C ASP A 237 22.61 19.57 -12.99
N LEU A 238 21.39 19.67 -13.52
CA LEU A 238 21.16 20.57 -14.64
C LEU A 238 21.16 21.99 -14.12
N MET A 239 20.55 22.20 -12.96
CA MET A 239 20.59 23.48 -12.28
C MET A 239 22.02 23.93 -12.06
N ALA A 240 22.83 23.04 -11.49
CA ALA A 240 24.25 23.30 -11.30
C ALA A 240 24.92 23.71 -12.60
N ASN A 241 24.63 22.98 -13.68
CA ASN A 241 25.19 23.32 -14.97
C ASN A 241 24.83 24.75 -15.38
N VAL A 242 23.57 25.11 -15.17
CA VAL A 242 23.09 26.42 -15.55
C VAL A 242 23.79 27.47 -14.71
N ALA A 243 24.27 27.06 -13.55
CA ALA A 243 24.94 27.96 -12.61
C ALA A 243 26.47 27.94 -12.76
N GLY A 244 26.97 27.17 -13.72
CA GLY A 244 28.41 27.08 -13.96
C GLY A 244 29.14 25.99 -13.17
N LEU A 245 28.40 25.05 -12.59
CA LEU A 245 29.05 23.97 -11.84
C LEU A 245 28.92 22.63 -12.57
N GLU A 246 29.85 21.72 -12.30
CA GLU A 246 29.70 20.35 -12.77
C GLU A 246 29.89 19.39 -11.62
N LEU A 247 29.10 18.31 -11.62
CA LEU A 247 29.18 17.32 -10.57
C LEU A 247 30.49 16.56 -10.65
N VAL A 248 31.18 16.42 -9.52
CA VAL A 248 32.40 15.62 -9.51
C VAL A 248 32.27 14.36 -8.65
N GLU A 249 31.46 14.42 -7.60
CA GLU A 249 31.18 13.20 -6.84
C GLU A 249 29.83 13.27 -6.13
N ARG A 250 29.23 12.09 -5.90
CA ARG A 250 27.97 11.99 -5.17
C ARG A 250 27.97 10.80 -4.22
N HIS A 251 27.60 11.03 -2.96
CA HIS A 251 27.56 9.96 -1.98
C HIS A 251 26.21 9.92 -1.29
N ALA A 252 26.01 8.91 -0.46
CA ALA A 252 24.79 8.82 0.32
C ALA A 252 24.91 9.72 1.54
N ASP A 253 26.10 9.78 2.12
CA ASP A 253 26.31 10.52 3.33
C ASP A 253 27.74 11.05 3.36
N PHE A 254 28.12 11.73 4.45
CA PHE A 254 29.47 12.30 4.56
C PHE A 254 30.54 11.28 4.88
N GLU A 255 30.14 10.02 4.96
CA GLU A 255 31.13 8.96 5.15
C GLU A 255 31.42 8.26 3.83
N ARG A 256 30.86 8.81 2.75
CA ARG A 256 31.13 8.33 1.40
C ARG A 256 30.54 6.96 1.08
N ARG A 257 29.43 6.60 1.70
CA ARG A 257 28.74 5.36 1.35
C ARG A 257 28.12 5.48 -0.03
N ARG A 258 27.97 4.36 -0.71
CA ARG A 258 27.47 4.35 -2.08
C ARG A 258 26.11 5.01 -2.16
N PHE A 259 25.93 5.86 -3.17
CA PHE A 259 24.64 6.45 -3.44
C PHE A 259 23.83 5.59 -4.40
N ASP A 260 22.57 5.32 -4.07
CA ASP A 260 21.66 4.69 -5.01
C ASP A 260 20.20 5.08 -4.76
N ALA A 261 19.31 4.46 -5.53
CA ALA A 261 17.92 4.86 -5.55
C ALA A 261 17.28 4.81 -4.18
N SER A 262 17.84 4.02 -3.27
CA SER A 262 17.21 3.84 -1.97
C SER A 262 17.84 4.70 -0.87
N SER A 263 18.83 5.50 -1.22
CA SER A 263 19.42 6.43 -0.26
C SER A 263 18.43 7.55 0.07
N ARG A 264 18.18 7.77 1.36
CA ARG A 264 17.28 8.85 1.76
C ARG A 264 17.89 10.22 1.47
N TYR A 265 19.22 10.30 1.40
CA TYR A 265 19.92 11.57 1.12
C TYR A 265 21.08 11.40 0.15
N HIS A 266 21.53 12.50 -0.46
CA HIS A 266 22.82 12.51 -1.13
C HIS A 266 23.69 13.67 -0.65
N VAL A 267 25.00 13.44 -0.69
CA VAL A 267 25.99 14.48 -0.52
C VAL A 267 26.66 14.66 -1.87
N SER A 268 26.45 15.82 -2.48
CA SER A 268 26.98 16.05 -3.83
C SER A 268 28.09 17.07 -3.78
N VAL A 269 29.11 16.85 -4.60
CA VAL A 269 30.25 17.76 -4.68
C VAL A 269 30.39 18.34 -6.09
N TYR A 270 30.29 19.66 -6.19
CA TYR A 270 30.41 20.35 -7.47
C TYR A 270 31.69 21.18 -7.53
N ARG A 271 32.20 21.39 -8.74
CA ARG A 271 33.27 22.34 -8.95
C ARG A 271 32.92 23.17 -10.18
N ALA A 272 33.50 24.36 -10.30
CA ALA A 272 33.28 25.24 -11.45
C ALA A 272 33.64 24.56 -12.78
N ALA A 273 32.76 24.73 -13.76
CA ALA A 273 32.86 24.03 -15.05
C ALA A 273 34.00 24.54 -15.94
N ALA A 274 34.40 23.68 -16.89
CA ALA A 274 35.41 24.04 -17.89
C ALA A 274 35.30 25.50 -18.29
N PRO B 48 -11.47 -6.07 26.38
CA PRO B 48 -12.81 -6.22 27.00
C PRO B 48 -13.25 -7.71 27.08
N ASP B 49 -12.29 -8.62 27.14
CA ASP B 49 -12.62 -10.03 27.22
C ASP B 49 -12.39 -10.60 28.62
N GLY B 50 -12.28 -9.71 29.60
CA GLY B 50 -12.04 -10.12 30.98
C GLY B 50 -12.81 -11.37 31.35
N ARG B 51 -14.13 -11.26 31.36
CA ARG B 51 -15.02 -12.41 31.55
C ARG B 51 -14.55 -13.61 30.73
N GLU B 52 -14.41 -13.42 29.41
CA GLU B 52 -14.13 -14.54 28.52
C GLU B 52 -12.81 -15.23 28.81
N ALA B 53 -11.80 -14.44 29.15
CA ALA B 53 -10.51 -15.01 29.56
C ALA B 53 -10.70 -15.85 30.82
N ALA B 54 -11.54 -15.35 31.72
CA ALA B 54 -11.84 -16.05 32.95
C ALA B 54 -12.54 -17.37 32.66
N LEU B 55 -13.56 -17.33 31.81
CA LEU B 55 -14.24 -18.55 31.42
C LEU B 55 -13.26 -19.55 30.82
N PHE B 56 -12.35 -19.04 29.99
CA PHE B 56 -11.38 -19.88 29.32
C PHE B 56 -10.50 -20.55 30.36
N VAL B 57 -9.89 -19.75 31.21
CA VAL B 57 -9.03 -20.28 32.25
C VAL B 57 -9.77 -21.18 33.24
N ALA B 58 -10.96 -20.76 33.64
CA ALA B 58 -11.77 -21.53 34.56
C ALA B 58 -12.07 -22.93 34.00
N ALA B 59 -12.28 -23.02 32.69
CA ALA B 59 -12.64 -24.30 32.10
C ALA B 59 -11.45 -25.24 32.18
N LEU B 60 -10.25 -24.67 32.21
CA LEU B 60 -9.05 -25.48 32.29
C LEU B 60 -8.64 -25.76 33.73
N ALA B 61 -9.15 -24.97 34.68
CA ALA B 61 -8.64 -25.00 36.07
C ALA B 61 -9.27 -26.04 36.99
N ALA B 62 -10.40 -26.63 36.58
CA ALA B 62 -11.12 -27.52 37.45
C ALA B 62 -11.35 -26.84 38.80
N ALA B 63 -10.94 -27.48 39.89
CA ALA B 63 -11.15 -26.91 41.21
C ALA B 63 -9.83 -26.65 41.91
N ARG B 64 -8.76 -26.58 41.14
CA ARG B 64 -7.48 -26.23 41.70
C ARG B 64 -7.07 -24.79 41.35
N PRO B 65 -6.04 -24.28 42.04
CA PRO B 65 -5.65 -22.88 41.94
C PRO B 65 -4.87 -22.58 40.67
N VAL B 66 -4.98 -21.34 40.21
CA VAL B 66 -4.27 -20.88 39.03
C VAL B 66 -3.34 -19.72 39.37
N LEU B 67 -2.36 -19.47 38.52
CA LEU B 67 -1.39 -18.41 38.75
C LEU B 67 -1.37 -17.41 37.61
N GLU B 68 -1.84 -16.18 37.84
CA GLU B 68 -1.80 -15.17 36.78
C GLU B 68 -0.55 -14.32 36.84
N LEU B 69 0.26 -14.39 35.79
CA LEU B 69 1.38 -13.47 35.64
C LEU B 69 0.84 -12.13 35.20
N GLY B 70 1.27 -11.07 35.88
CA GLY B 70 0.82 -9.73 35.54
C GLY B 70 -0.63 -9.54 35.88
N VAL B 71 -1.00 -9.89 37.10
CA VAL B 71 -2.32 -9.60 37.60
C VAL B 71 -2.32 -8.10 37.61
N GLY B 72 -3.41 -7.47 37.23
CA GLY B 72 -3.38 -6.01 37.14
C GLY B 72 -4.09 -5.41 38.33
N THR B 73 -5.13 -4.64 38.03
CA THR B 73 -6.12 -4.29 39.02
C THR B 73 -7.08 -5.48 39.07
N GLY B 74 -6.63 -6.59 38.48
CA GLY B 74 -7.37 -7.83 38.49
C GLY B 74 -8.51 -7.92 37.50
N ARG B 75 -8.30 -7.48 36.27
CA ARG B 75 -9.39 -7.51 35.32
C ARG B 75 -9.72 -8.93 34.86
N VAL B 76 -8.78 -9.86 35.06
CA VAL B 76 -9.05 -11.27 34.82
C VAL B 76 -9.31 -11.97 36.14
N ALA B 77 -8.50 -11.66 37.14
CA ALA B 77 -8.59 -12.32 38.45
C ALA B 77 -9.99 -12.30 39.07
N PHE B 78 -10.64 -11.14 39.10
CA PHE B 78 -11.94 -11.03 39.75
C PHE B 78 -13.05 -11.83 39.09
N PRO B 79 -13.18 -11.69 37.75
CA PRO B 79 -14.14 -12.53 37.06
C PRO B 79 -13.86 -14.02 37.34
N LEU B 80 -12.59 -14.35 37.57
CA LEU B 80 -12.20 -15.71 37.94
C LEU B 80 -12.78 -16.09 39.30
N ALA B 81 -12.58 -15.22 40.28
CA ALA B 81 -13.15 -15.43 41.61
C ALA B 81 -14.67 -15.61 41.53
N ASP B 82 -15.34 -14.70 40.85
CA ASP B 82 -16.79 -14.82 40.66
C ASP B 82 -17.15 -16.19 40.09
N LEU B 83 -16.18 -16.86 39.49
CA LEU B 83 -16.42 -18.20 38.96
C LEU B 83 -16.00 -19.27 39.97
N GLY B 84 -15.51 -18.82 41.12
CA GLY B 84 -15.10 -19.73 42.19
C GLY B 84 -13.68 -20.22 42.08
N VAL B 85 -12.90 -19.62 41.17
CA VAL B 85 -11.52 -20.02 40.97
C VAL B 85 -10.57 -19.22 41.87
N GLU B 86 -9.62 -19.91 42.48
CA GLU B 86 -8.66 -19.26 43.35
C GLU B 86 -7.50 -18.79 42.49
N VAL B 87 -7.24 -17.49 42.52
CA VAL B 87 -6.21 -16.90 41.68
C VAL B 87 -5.07 -16.37 42.52
N HIS B 88 -3.87 -16.86 42.26
CA HIS B 88 -2.65 -16.27 42.81
C HIS B 88 -2.10 -15.35 41.74
N GLY B 89 -2.01 -14.05 42.04
CA GLY B 89 -1.61 -13.07 41.05
C GLY B 89 -0.26 -12.44 41.33
N VAL B 90 0.65 -12.53 40.37
CA VAL B 90 2.00 -11.99 40.52
C VAL B 90 2.15 -10.59 39.91
N GLU B 91 3.02 -9.79 40.53
CA GLU B 91 3.34 -8.46 40.05
C GLU B 91 4.64 -7.98 40.70
N SER B 92 5.29 -7.01 40.06
CA SER B 92 6.57 -6.51 40.55
C SER B 92 6.44 -5.14 41.19
N SER B 93 5.36 -4.44 40.85
CA SER B 93 5.09 -3.12 41.39
C SER B 93 4.24 -3.20 42.66
N GLU B 94 4.86 -2.91 43.80
CA GLU B 94 4.16 -2.91 45.08
C GLU B 94 2.94 -2.00 45.08
N PRO B 95 2.98 -0.93 44.26
CA PRO B 95 1.87 -0.01 44.11
C PRO B 95 0.64 -0.65 43.46
N MET B 96 0.82 -1.29 42.31
CA MET B 96 -0.30 -1.87 41.59
C MET B 96 -0.93 -3.03 42.36
N LEU B 97 -0.15 -3.69 43.20
CA LEU B 97 -0.67 -4.72 44.09
C LEU B 97 -1.67 -4.14 45.08
N ASP B 98 -1.36 -2.95 45.60
CA ASP B 98 -2.22 -2.27 46.55
C ASP B 98 -3.62 -2.06 45.99
N LYS B 99 -3.69 -1.42 44.83
CA LYS B 99 -4.98 -1.19 44.18
C LYS B 99 -5.76 -2.49 44.10
N LEU B 100 -5.05 -3.59 43.91
CA LEU B 100 -5.68 -4.90 43.90
C LEU B 100 -6.24 -5.24 45.29
N ARG B 101 -5.38 -5.19 46.30
CA ARG B 101 -5.82 -5.50 47.67
C ARG B 101 -7.04 -4.71 48.10
N GLU B 102 -7.11 -3.45 47.67
CA GLU B 102 -8.24 -2.60 48.01
C GLU B 102 -9.53 -3.09 47.36
N LYS B 103 -9.46 -3.49 46.10
CA LYS B 103 -10.63 -3.98 45.40
C LYS B 103 -11.05 -5.34 45.94
N ALA B 104 -10.05 -6.16 46.29
CA ALA B 104 -10.32 -7.48 46.83
C ALA B 104 -11.12 -7.42 48.14
N ALA B 105 -10.80 -6.45 48.97
CA ALA B 105 -11.48 -6.29 50.25
C ALA B 105 -12.95 -5.93 50.05
N ALA B 106 -13.25 -5.25 48.94
CA ALA B 106 -14.61 -4.79 48.66
C ALA B 106 -15.36 -5.75 47.74
N HIS B 107 -14.68 -6.81 47.29
CA HIS B 107 -15.31 -7.78 46.41
C HIS B 107 -15.89 -8.96 47.18
N PRO B 108 -17.13 -9.35 46.85
CA PRO B 108 -17.81 -10.44 47.54
C PRO B 108 -17.06 -11.77 47.39
N ASN B 109 -15.96 -11.77 46.65
CA ASN B 109 -15.16 -12.98 46.49
C ASN B 109 -13.67 -12.67 46.46
N GLY B 110 -13.29 -11.52 47.00
CA GLY B 110 -11.90 -11.12 47.05
C GLY B 110 -10.99 -12.04 47.84
N ASN B 111 -11.59 -12.91 48.66
CA ASN B 111 -10.80 -13.86 49.42
C ASN B 111 -10.18 -14.91 48.50
N LEU B 112 -10.70 -15.01 47.28
CA LEU B 112 -10.19 -15.99 46.33
C LEU B 112 -8.97 -15.46 45.58
N VAL B 113 -8.74 -14.15 45.67
CA VAL B 113 -7.63 -13.52 44.97
C VAL B 113 -6.43 -13.34 45.90
N VAL B 114 -5.34 -14.03 45.59
CA VAL B 114 -4.14 -13.99 46.43
C VAL B 114 -2.97 -13.29 45.72
N PRO B 115 -2.71 -12.04 46.13
CA PRO B 115 -1.64 -11.20 45.58
C PRO B 115 -0.24 -11.71 45.95
N VAL B 116 0.61 -11.86 44.94
CA VAL B 116 2.00 -12.26 45.17
C VAL B 116 2.96 -11.25 44.55
N LEU B 117 4.02 -10.93 45.28
CA LEU B 117 5.05 -10.02 44.78
C LEU B 117 6.34 -10.78 44.38
N GLY B 118 6.75 -10.65 43.13
CA GLY B 118 7.93 -11.35 42.64
C GLY B 118 8.26 -11.09 41.18
N ASN B 119 9.20 -11.86 40.65
CA ASN B 119 9.57 -11.73 39.23
C ASN B 119 9.24 -12.94 38.37
N PHE B 120 8.44 -12.69 37.32
CA PHE B 120 8.03 -13.67 36.31
C PHE B 120 9.09 -14.76 36.07
N ALA B 121 10.25 -14.35 35.58
CA ALA B 121 11.34 -15.27 35.28
C ALA B 121 11.91 -15.96 36.52
N LYS B 122 12.01 -15.23 37.63
CA LYS B 122 12.66 -15.76 38.83
C LYS B 122 11.83 -15.63 40.11
N LEU B 123 11.16 -16.72 40.46
CA LEU B 123 10.19 -16.72 41.57
C LEU B 123 10.40 -17.87 42.55
N ASP B 124 10.11 -17.62 43.83
CA ASP B 124 10.15 -18.69 44.81
C ASP B 124 8.81 -18.90 45.50
N LEU B 125 7.94 -19.69 44.87
CA LEU B 125 6.65 -20.01 45.45
C LEU B 125 6.69 -21.32 46.21
N GLY B 126 7.88 -21.93 46.26
CA GLY B 126 8.10 -23.12 47.05
C GLY B 126 7.48 -24.38 46.49
N GLU B 127 6.60 -25.00 47.28
CA GLU B 127 6.01 -26.28 46.95
C GLU B 127 4.72 -26.14 46.14
N GLN B 128 4.20 -24.92 46.09
CA GLN B 128 2.91 -24.68 45.45
C GLN B 128 2.93 -25.00 43.95
N ARG B 129 1.90 -25.73 43.50
CA ARG B 129 1.73 -26.02 42.08
C ARG B 129 0.35 -25.55 41.65
N TYR B 130 0.16 -25.44 40.34
CA TYR B 130 -1.10 -24.90 39.80
C TYR B 130 -1.62 -25.75 38.64
N SER B 131 -2.92 -25.68 38.39
CA SER B 131 -3.51 -26.36 37.25
C SER B 131 -3.33 -25.52 36.01
N VAL B 132 -3.26 -24.20 36.22
CA VAL B 132 -3.07 -23.26 35.13
C VAL B 132 -2.15 -22.09 35.50
N VAL B 133 -1.15 -21.85 34.68
CA VAL B 133 -0.38 -20.63 34.78
C VAL B 133 -0.67 -19.86 33.50
N PHE B 134 -1.12 -18.62 33.62
CA PHE B 134 -1.42 -17.86 32.42
C PHE B 134 -0.89 -16.43 32.40
N ALA B 135 -0.80 -15.91 31.19
CA ALA B 135 -0.30 -14.57 30.97
C ALA B 135 -1.11 -13.94 29.83
N ALA B 136 -2.05 -13.08 30.21
CA ALA B 136 -2.95 -12.46 29.27
C ALA B 136 -2.47 -11.12 28.71
N PHE B 137 -3.23 -10.60 27.75
CA PHE B 137 -2.88 -9.40 27.02
C PHE B 137 -1.39 -9.03 27.06
N ASN B 138 -0.58 -9.84 26.42
CA ASN B 138 0.80 -9.46 26.09
C ASN B 138 1.79 -9.45 27.24
N THR B 139 1.34 -9.89 28.40
CA THR B 139 2.18 -9.90 29.57
C THR B 139 3.55 -10.51 29.31
N LEU B 140 3.56 -11.69 28.69
CA LEU B 140 4.83 -12.34 28.38
C LEU B 140 5.75 -11.46 27.54
N PHE B 141 5.20 -10.63 26.66
CA PHE B 141 6.04 -9.78 25.82
C PHE B 141 6.50 -8.52 26.53
N CYS B 142 6.21 -8.44 27.83
CA CYS B 142 6.70 -7.33 28.63
C CYS B 142 8.16 -7.58 29.03
N LEU B 143 8.53 -8.85 29.02
CA LEU B 143 9.93 -9.25 29.20
C LEU B 143 10.69 -8.96 27.91
N LEU B 144 11.68 -8.07 27.98
CA LEU B 144 12.27 -7.51 26.77
C LEU B 144 13.41 -8.32 26.17
N GLY B 145 13.22 -9.63 26.07
CA GLY B 145 14.23 -10.50 25.47
C GLY B 145 13.76 -11.94 25.35
N GLN B 146 14.26 -12.63 24.34
CA GLN B 146 13.91 -14.02 24.12
C GLN B 146 14.28 -14.87 25.34
N ASP B 147 15.49 -14.65 25.87
CA ASP B 147 15.98 -15.41 27.00
C ASP B 147 15.09 -15.25 28.24
N GLU B 148 14.73 -14.01 28.58
CA GLU B 148 13.89 -13.80 29.74
C GLU B 148 12.60 -14.55 29.49
N GLN B 149 12.08 -14.45 28.27
CA GLN B 149 10.81 -15.05 27.98
C GLN B 149 10.88 -16.57 28.13
N ILE B 150 11.94 -17.18 27.61
CA ILE B 150 12.13 -18.61 27.77
C ILE B 150 12.20 -18.95 29.26
N ASP B 151 12.97 -18.16 30.00
CA ASP B 151 13.11 -18.42 31.44
C ASP B 151 11.75 -18.37 32.12
N CYS B 152 10.96 -17.38 31.77
CA CYS B 152 9.61 -17.26 32.29
C CYS B 152 8.78 -18.50 31.98
N MET B 153 8.84 -18.97 30.74
CA MET B 153 8.06 -20.13 30.35
C MET B 153 8.51 -21.36 31.11
N ARG B 154 9.81 -21.47 31.37
CA ARG B 154 10.31 -22.61 32.14
C ARG B 154 9.81 -22.58 33.58
N GLN B 155 9.81 -21.41 34.21
CA GLN B 155 9.28 -21.33 35.58
C GLN B 155 7.85 -21.80 35.58
N ALA B 156 7.06 -21.28 34.64
CA ALA B 156 5.66 -21.63 34.56
C ALA B 156 5.52 -23.15 34.45
N ARG B 157 6.28 -23.76 33.54
CA ARG B 157 6.27 -25.21 33.41
C ARG B 157 6.57 -25.92 34.74
N GLU B 158 7.60 -25.48 35.44
CA GLU B 158 8.01 -26.08 36.70
C GLU B 158 7.00 -25.88 37.81
N LEU B 159 6.05 -24.97 37.62
CA LEU B 159 5.01 -24.74 38.63
C LEU B 159 3.69 -25.46 38.35
N LEU B 160 3.60 -26.11 37.19
CA LEU B 160 2.40 -26.85 36.83
C LEU B 160 2.39 -28.23 37.48
N GLU B 161 1.24 -28.64 38.00
CA GLU B 161 1.06 -30.01 38.41
C GLU B 161 0.85 -30.86 37.18
N PRO B 162 0.71 -32.18 37.37
CA PRO B 162 0.43 -33.04 36.23
C PRO B 162 -0.82 -32.61 35.47
N GLY B 163 -0.75 -32.63 34.14
CA GLY B 163 -1.87 -32.20 33.31
C GLY B 163 -2.04 -30.69 33.24
N GLY B 164 -1.31 -29.95 34.07
CA GLY B 164 -1.45 -28.50 34.09
C GLY B 164 -1.11 -27.86 32.75
N THR B 165 -1.70 -26.69 32.50
CA THR B 165 -1.46 -25.98 31.25
C THR B 165 -0.94 -24.55 31.44
N PHE B 166 -0.05 -24.14 30.54
CA PHE B 166 0.44 -22.76 30.48
C PHE B 166 -0.26 -22.05 29.31
N VAL B 167 -0.93 -20.95 29.60
CA VAL B 167 -1.70 -20.21 28.61
C VAL B 167 -1.17 -18.80 28.42
N VAL B 168 -1.01 -18.36 27.17
CA VAL B 168 -0.58 -17.00 26.89
C VAL B 168 -1.45 -16.36 25.83
N GLN B 169 -1.72 -15.07 25.99
CA GLN B 169 -2.35 -14.27 24.95
C GLN B 169 -1.36 -13.20 24.46
N CYS B 170 -1.09 -13.23 23.16
CA CYS B 170 0.01 -12.48 22.55
C CYS B 170 -0.41 -11.90 21.20
N LEU B 171 0.07 -10.71 20.89
CA LEU B 171 -0.20 -10.13 19.58
C LEU B 171 0.47 -11.02 18.56
N ASN B 172 -0.17 -11.16 17.41
CA ASN B 172 0.30 -12.00 16.31
C ASN B 172 0.89 -11.11 15.23
N PRO B 173 2.21 -11.14 15.06
CA PRO B 173 2.89 -10.21 14.12
C PRO B 173 2.36 -10.23 12.68
N ALA B 174 2.15 -11.41 12.09
CA ALA B 174 1.60 -11.46 10.73
C ALA B 174 0.32 -10.66 10.59
N GLY B 175 -0.60 -10.86 11.54
CA GLY B 175 -1.92 -10.27 11.47
C GLY B 175 -1.96 -8.86 11.99
N GLN B 176 -0.89 -8.45 12.67
CA GLN B 176 -0.85 -7.10 13.18
C GLN B 176 -0.40 -6.19 12.06
N ARG B 177 0.25 -6.80 11.06
CA ARG B 177 0.66 -6.10 9.84
C ARG B 177 1.41 -4.83 10.22
N LEU B 178 2.51 -5.03 10.95
CA LEU B 178 3.27 -3.94 11.54
C LEU B 178 4.27 -3.34 10.57
N ALA B 179 4.12 -2.07 10.25
CA ALA B 179 5.10 -1.42 9.36
C ALA B 179 6.46 -1.31 10.04
N THR B 180 7.52 -1.34 9.24
CA THR B 180 8.83 -1.07 9.82
C THR B 180 8.94 0.41 10.20
N GLY B 181 9.67 0.67 11.28
CA GLY B 181 9.89 2.04 11.68
C GLY B 181 8.75 2.59 12.49
N ASN B 182 8.50 3.89 12.33
CA ASN B 182 7.54 4.56 13.19
C ASN B 182 6.15 4.55 12.55
N THR B 183 5.11 4.53 13.39
CA THR B 183 3.73 4.70 12.93
C THR B 183 2.93 5.53 13.92
N PHE B 184 1.84 6.11 13.45
CA PHE B 184 0.90 6.81 14.28
C PHE B 184 -0.48 6.35 13.86
N GLY B 185 -1.35 6.08 14.83
CA GLY B 185 -2.69 5.59 14.51
C GLY B 185 -3.74 5.99 15.52
N THR B 186 -5.01 5.77 15.13
CA THR B 186 -6.14 6.04 15.98
C THR B 186 -6.55 4.76 16.69
N VAL B 187 -6.66 4.81 18.01
CA VAL B 187 -7.07 3.66 18.76
C VAL B 187 -8.57 3.67 19.08
N GLU B 188 -9.09 4.81 19.50
CA GLU B 188 -10.50 4.89 19.85
C GLU B 188 -11.03 6.33 19.95
N LEU B 189 -12.35 6.50 19.80
CA LEU B 189 -12.97 7.82 19.88
C LEU B 189 -13.98 7.91 21.02
N GLU B 190 -13.97 9.04 21.73
CA GLU B 190 -15.03 9.36 22.70
C GLU B 190 -15.56 10.73 22.32
N ASP B 191 -16.60 11.18 23.01
CA ASP B 191 -17.20 12.48 22.74
C ASP B 191 -16.23 13.63 23.00
N THR B 192 -15.48 13.55 24.10
CA THR B 192 -14.63 14.67 24.51
C THR B 192 -13.16 14.29 24.64
N ALA B 193 -12.78 13.21 23.96
CA ALA B 193 -11.38 12.79 23.90
C ALA B 193 -11.11 11.78 22.79
N VAL B 194 -9.88 11.79 22.27
CA VAL B 194 -9.44 10.73 21.37
C VAL B 194 -8.25 9.96 21.94
N HIS B 195 -8.23 8.66 21.65
CA HIS B 195 -7.11 7.81 22.03
C HIS B 195 -6.29 7.44 20.81
N LEU B 196 -5.04 7.89 20.79
CA LEU B 196 -4.16 7.66 19.67
C LEU B 196 -2.96 6.83 20.14
N GLU B 197 -2.16 6.40 19.19
CA GLU B 197 -0.94 5.68 19.53
C GLU B 197 0.20 6.06 18.60
N ALA B 198 1.34 6.38 19.19
CA ALA B 198 2.56 6.64 18.44
C ALA B 198 3.51 5.53 18.79
N SER B 199 4.13 4.90 17.79
CA SER B 199 5.04 3.79 18.09
C SER B 199 6.25 3.66 17.18
N LYS B 200 7.29 3.05 17.72
CA LYS B 200 8.50 2.72 16.97
C LYS B 200 8.64 1.21 16.93
N HIS B 201 8.88 0.67 15.76
CA HIS B 201 8.97 -0.77 15.63
C HIS B 201 10.31 -1.16 15.05
N ASP B 202 11.03 -1.99 15.76
CA ASP B 202 12.28 -2.53 15.25
C ASP B 202 12.09 -4.01 14.93
N PRO B 203 11.95 -4.32 13.64
CA PRO B 203 11.61 -5.68 13.19
C PRO B 203 12.74 -6.69 13.37
N LEU B 204 13.93 -6.21 13.72
CA LEU B 204 15.05 -7.12 13.95
C LEU B 204 15.05 -7.60 15.38
N ALA B 205 15.17 -6.64 16.30
CA ALA B 205 15.06 -6.89 17.73
C ALA B 205 13.65 -7.35 18.09
N GLN B 206 12.72 -7.26 17.14
CA GLN B 206 11.31 -7.54 17.41
C GLN B 206 10.77 -6.79 18.62
N THR B 207 11.04 -5.48 18.66
CA THR B 207 10.58 -4.65 19.78
C THR B 207 9.58 -3.62 19.30
N LEU B 208 8.64 -3.27 20.18
CA LEU B 208 7.72 -2.17 19.94
C LEU B 208 7.84 -1.22 21.11
N SER B 209 8.12 0.03 20.84
CA SER B 209 8.10 1.04 21.88
C SER B 209 7.00 2.04 21.52
N ALA B 210 6.08 2.27 22.44
CA ALA B 210 4.96 3.14 22.10
C ALA B 210 4.47 4.06 23.21
N HIS B 211 3.71 5.05 22.82
CA HIS B 211 2.91 5.83 23.74
C HIS B 211 1.45 5.64 23.38
N HIS B 212 0.63 5.31 24.37
CA HIS B 212 -0.79 5.49 24.21
C HIS B 212 -1.06 6.95 24.54
N ILE B 213 -1.72 7.65 23.63
CA ILE B 213 -1.97 9.07 23.80
C ILE B 213 -3.47 9.35 23.95
N VAL B 214 -3.83 10.13 24.97
CA VAL B 214 -5.19 10.60 25.16
C VAL B 214 -5.24 12.12 25.02
N LEU B 215 -5.96 12.62 24.02
CA LEU B 215 -6.16 14.06 23.88
C LEU B 215 -7.59 14.45 24.27
N SER B 216 -7.74 15.51 25.07
CA SER B 216 -9.05 15.90 25.57
C SER B 216 -9.41 17.35 25.20
N GLU B 217 -10.70 17.61 24.97
CA GLU B 217 -11.22 18.97 24.77
C GLU B 217 -10.55 20.07 25.60
N GLY B 218 -10.23 19.77 26.86
CA GLY B 218 -9.50 20.77 27.65
C GLY B 218 -8.27 21.32 26.94
N GLY B 219 -7.50 20.43 26.32
CA GLY B 219 -6.17 20.74 25.85
C GLY B 219 -5.23 19.87 26.66
N GLY B 220 -5.82 19.00 27.49
CA GLY B 220 -5.07 18.06 28.28
C GLY B 220 -4.52 16.93 27.43
N ILE B 221 -3.34 16.45 27.81
CA ILE B 221 -2.70 15.34 27.12
C ILE B 221 -2.14 14.39 28.16
N ARG B 222 -2.49 13.11 28.05
CA ARG B 222 -1.84 12.10 28.88
C ARG B 222 -1.08 11.14 27.98
N LEU B 223 0.14 10.78 28.39
CA LEU B 223 0.96 9.84 27.63
C LEU B 223 1.24 8.60 28.46
N PHE B 224 0.97 7.42 27.91
CA PHE B 224 1.24 6.16 28.62
C PHE B 224 2.20 5.29 27.82
N PRO B 225 3.49 5.38 28.13
CA PRO B 225 4.50 4.62 27.39
C PRO B 225 4.49 3.15 27.73
N TYR B 226 4.88 2.32 26.79
CA TYR B 226 5.06 0.91 27.06
C TYR B 226 6.04 0.31 26.07
N ARG B 227 6.66 -0.80 26.44
CA ARG B 227 7.57 -1.49 25.54
C ARG B 227 7.23 -2.98 25.42
N LEU B 228 7.53 -3.61 24.29
CA LEU B 228 7.34 -5.05 24.14
C LEU B 228 8.45 -5.69 23.33
N ARG B 229 8.80 -6.94 23.65
CA ARG B 229 9.46 -7.80 22.67
C ARG B 229 8.52 -8.95 22.32
N TYR B 230 8.13 -9.04 21.05
CA TYR B 230 7.21 -10.08 20.63
C TYR B 230 7.95 -11.23 19.96
N ALA B 231 7.29 -12.38 19.88
CA ALA B 231 7.82 -13.50 19.15
C ALA B 231 6.80 -13.93 18.13
N TYR B 232 7.28 -14.47 17.03
CA TYR B 232 6.41 -15.13 16.07
C TYR B 232 5.97 -16.50 16.61
N PRO B 233 4.80 -16.97 16.19
CA PRO B 233 4.30 -18.30 16.57
C PRO B 233 5.38 -19.40 16.52
N ALA B 234 6.04 -19.57 15.39
CA ALA B 234 7.02 -20.66 15.33
C ALA B 234 8.17 -20.45 16.30
N GLU B 235 8.57 -19.20 16.50
CA GLU B 235 9.60 -18.91 17.48
C GLU B 235 9.08 -19.27 18.86
N LEU B 236 7.86 -18.82 19.16
CA LEU B 236 7.27 -19.02 20.46
C LEU B 236 7.16 -20.51 20.79
N ASP B 237 6.78 -21.30 19.81
CA ASP B 237 6.63 -22.73 20.01
C ASP B 237 7.98 -23.36 20.31
N LEU B 238 9.02 -22.89 19.64
CA LEU B 238 10.35 -23.44 19.85
C LEU B 238 10.89 -23.03 21.23
N MET B 239 10.66 -21.77 21.59
CA MET B 239 10.91 -21.31 22.96
C MET B 239 10.19 -22.22 23.97
N ALA B 240 8.93 -22.52 23.70
CA ALA B 240 8.19 -23.42 24.58
C ALA B 240 8.89 -24.77 24.69
N ASN B 241 9.25 -25.35 23.54
CA ASN B 241 10.00 -26.59 23.57
C ASN B 241 11.26 -26.47 24.44
N VAL B 242 12.05 -25.43 24.21
CA VAL B 242 13.26 -25.25 25.01
C VAL B 242 12.91 -25.24 26.51
N ALA B 243 11.74 -24.72 26.86
CA ALA B 243 11.29 -24.66 28.26
C ALA B 243 10.60 -25.94 28.78
N GLY B 244 10.56 -26.98 27.96
CA GLY B 244 9.93 -28.24 28.37
C GLY B 244 8.44 -28.29 28.09
N LEU B 245 7.94 -27.35 27.28
CA LEU B 245 6.51 -27.27 26.97
C LEU B 245 6.24 -27.63 25.52
N GLU B 246 5.01 -28.03 25.23
CA GLU B 246 4.58 -28.21 23.85
C GLU B 246 3.16 -27.68 23.64
N LEU B 247 2.91 -27.22 22.43
CA LEU B 247 1.67 -26.55 22.08
C LEU B 247 0.60 -27.58 21.89
N VAL B 248 -0.55 -27.40 22.56
CA VAL B 248 -1.65 -28.34 22.37
C VAL B 248 -2.84 -27.70 21.68
N GLU B 249 -2.92 -26.37 21.74
CA GLU B 249 -3.95 -25.68 20.96
C GLU B 249 -3.69 -24.19 20.78
N ARG B 250 -4.19 -23.63 19.68
CA ARG B 250 -4.04 -22.21 19.40
C ARG B 250 -5.32 -21.60 18.84
N HIS B 251 -5.80 -20.54 19.46
CA HIS B 251 -7.01 -19.88 18.97
C HIS B 251 -6.74 -18.42 18.69
N ALA B 252 -7.66 -17.77 18.02
CA ALA B 252 -7.55 -16.34 17.80
C ALA B 252 -7.86 -15.57 19.07
N ASP B 253 -8.72 -16.14 19.91
CA ASP B 253 -9.24 -15.43 21.06
C ASP B 253 -9.75 -16.41 22.11
N PHE B 254 -10.19 -15.89 23.24
CA PHE B 254 -10.62 -16.74 24.35
C PHE B 254 -11.96 -17.39 24.09
N GLU B 255 -12.55 -17.08 22.94
CA GLU B 255 -13.79 -17.73 22.56
C GLU B 255 -13.52 -18.89 21.60
N ARG B 256 -12.24 -19.21 21.39
CA ARG B 256 -11.88 -20.39 20.61
C ARG B 256 -12.14 -20.20 19.11
N ARG B 257 -12.23 -18.96 18.66
CA ARG B 257 -12.35 -18.68 17.24
C ARG B 257 -11.09 -19.10 16.50
N ARG B 258 -11.26 -19.50 15.23
CA ARG B 258 -10.14 -20.01 14.44
C ARG B 258 -9.03 -19.00 14.28
N PHE B 259 -7.80 -19.46 14.49
CA PHE B 259 -6.61 -18.63 14.32
C PHE B 259 -6.07 -18.78 12.92
N ASP B 260 -5.82 -17.65 12.26
CA ASP B 260 -5.12 -17.68 11.00
C ASP B 260 -4.22 -16.45 10.84
N ALA B 261 -3.56 -16.36 9.70
CA ALA B 261 -2.60 -15.29 9.45
C ALA B 261 -3.14 -13.89 9.74
N SER B 262 -4.43 -13.68 9.53
CA SER B 262 -5.00 -12.35 9.72
C SER B 262 -5.43 -12.09 11.17
N SER B 263 -5.23 -13.06 12.06
CA SER B 263 -5.63 -12.88 13.46
C SER B 263 -4.70 -11.88 14.12
N ARG B 264 -5.25 -10.86 14.74
CA ARG B 264 -4.42 -9.87 15.41
C ARG B 264 -3.73 -10.47 16.65
N TYR B 265 -4.41 -11.35 17.36
CA TYR B 265 -3.83 -12.03 18.53
C TYR B 265 -3.89 -13.55 18.40
N HIS B 266 -3.21 -14.25 19.30
CA HIS B 266 -3.55 -15.64 19.51
C HIS B 266 -3.59 -15.95 20.97
N VAL B 267 -4.42 -16.92 21.33
CA VAL B 267 -4.39 -17.56 22.64
C VAL B 267 -3.80 -18.97 22.43
N SER B 268 -2.70 -19.24 23.11
CA SER B 268 -1.99 -20.51 22.94
C SER B 268 -1.98 -21.29 24.25
N VAL B 269 -2.18 -22.59 24.16
CA VAL B 269 -2.23 -23.45 25.34
C VAL B 269 -1.11 -24.47 25.27
N TYR B 270 -0.27 -24.50 26.29
CA TYR B 270 0.88 -25.40 26.29
C TYR B 270 0.79 -26.31 27.49
N ARG B 271 1.33 -27.52 27.33
CA ARG B 271 1.39 -28.46 28.45
C ARG B 271 2.78 -29.05 28.48
N ALA B 272 3.08 -29.77 29.56
CA ALA B 272 4.36 -30.43 29.69
C ALA B 272 4.64 -31.21 28.42
N ALA B 273 5.90 -31.25 28.01
CA ALA B 273 6.29 -31.96 26.80
C ALA B 273 6.26 -33.45 27.02
N ALA B 274 5.86 -34.17 25.97
CA ALA B 274 5.66 -35.60 25.97
C ALA B 274 6.94 -36.42 26.14
N SER B 275 6.76 -37.74 26.09
CA SER B 275 7.85 -38.72 26.12
C SER B 275 8.43 -38.87 27.52
N ASP C 38 -16.87 28.44 7.00
CA ASP C 38 -17.01 29.51 8.00
C ASP C 38 -15.64 30.09 8.40
N GLU C 39 -15.06 29.54 9.45
CA GLU C 39 -13.82 30.05 10.03
C GLU C 39 -12.57 29.29 9.57
N TRP C 40 -12.59 27.96 9.74
CA TRP C 40 -11.44 27.11 9.40
C TRP C 40 -10.88 27.40 8.01
N PRO C 41 -9.56 27.41 7.87
CA PRO C 41 -8.88 27.65 6.59
C PRO C 41 -8.68 26.39 5.75
N GLY C 42 -8.15 26.58 4.54
CA GLY C 42 -7.74 25.48 3.66
C GLY C 42 -8.73 24.36 3.48
N ASP C 43 -8.23 23.12 3.48
CA ASP C 43 -9.07 21.94 3.32
C ASP C 43 -9.89 21.66 4.57
N ALA C 44 -9.58 22.38 5.65
CA ALA C 44 -10.28 22.20 6.92
C ALA C 44 -11.67 22.80 6.87
N GLY C 45 -11.81 23.89 6.12
CA GLY C 45 -13.10 24.58 5.99
C GLY C 45 -14.11 23.76 5.22
N PRO C 46 -15.29 24.35 4.94
CA PRO C 46 -16.27 23.65 4.11
C PRO C 46 -15.89 23.79 2.64
N PRO C 47 -16.39 22.89 1.78
CA PRO C 47 -15.93 22.91 0.38
C PRO C 47 -16.14 24.28 -0.25
N PRO C 48 -15.10 24.80 -0.93
CA PRO C 48 -15.08 26.17 -1.42
C PRO C 48 -16.00 26.38 -2.63
N ASP C 49 -17.06 25.59 -2.72
CA ASP C 49 -17.91 25.66 -3.89
C ASP C 49 -19.32 26.21 -3.63
N GLY C 50 -19.46 27.00 -2.57
CA GLY C 50 -20.73 27.63 -2.28
C GLY C 50 -21.28 28.25 -3.56
N ARG C 51 -20.49 29.13 -4.16
CA ARG C 51 -20.88 29.79 -5.40
C ARG C 51 -21.37 28.81 -6.46
N GLU C 52 -20.61 27.74 -6.70
CA GLU C 52 -20.95 26.83 -7.79
C GLU C 52 -22.22 26.06 -7.50
N ALA C 53 -22.38 25.63 -6.25
CA ALA C 53 -23.61 24.97 -5.84
C ALA C 53 -24.78 25.89 -6.13
N ALA C 54 -24.63 27.16 -5.78
CA ALA C 54 -25.72 28.11 -5.95
C ALA C 54 -26.13 28.18 -7.42
N LEU C 55 -25.15 28.45 -8.28
CA LEU C 55 -25.43 28.55 -9.70
C LEU C 55 -26.13 27.27 -10.14
N PHE C 56 -25.57 26.13 -9.76
CA PHE C 56 -26.14 24.84 -10.12
C PHE C 56 -27.61 24.76 -9.74
N VAL C 57 -27.92 24.98 -8.46
CA VAL C 57 -29.31 24.93 -8.00
C VAL C 57 -30.18 25.98 -8.70
N ALA C 58 -29.72 27.22 -8.73
CA ALA C 58 -30.42 28.30 -9.46
C ALA C 58 -30.86 27.88 -10.86
N ALA C 59 -29.94 27.30 -11.63
CA ALA C 59 -30.26 26.87 -12.99
C ALA C 59 -31.44 25.90 -13.02
N LEU C 60 -31.65 25.19 -11.93
CA LEU C 60 -32.76 24.26 -11.81
C LEU C 60 -33.97 24.88 -11.11
N ALA C 61 -33.82 26.09 -10.59
CA ALA C 61 -34.80 26.66 -9.67
C ALA C 61 -36.16 27.04 -10.25
N ALA C 62 -36.19 27.58 -11.46
CA ALA C 62 -37.47 28.01 -11.98
C ALA C 62 -38.01 29.19 -11.17
N ALA C 63 -37.21 30.25 -11.09
CA ALA C 63 -37.57 31.48 -10.39
C ALA C 63 -38.49 31.27 -9.17
N ARG C 64 -38.71 30.02 -8.78
CA ARG C 64 -39.52 29.69 -7.62
C ARG C 64 -38.59 29.25 -6.48
N PRO C 65 -39.16 28.95 -5.30
CA PRO C 65 -38.37 28.76 -4.05
C PRO C 65 -37.75 27.37 -3.88
N VAL C 66 -36.58 27.33 -3.28
CA VAL C 66 -35.89 26.07 -3.07
C VAL C 66 -35.69 25.80 -1.58
N LEU C 67 -35.53 24.53 -1.24
CA LEU C 67 -35.35 24.13 0.14
C LEU C 67 -33.98 23.49 0.30
N GLU C 68 -33.14 24.04 1.18
CA GLU C 68 -31.87 23.42 1.49
C GLU C 68 -31.97 22.63 2.80
N LEU C 69 -31.76 21.32 2.71
CA LEU C 69 -31.63 20.49 3.89
C LEU C 69 -30.22 20.65 4.43
N GLY C 70 -30.08 21.03 5.69
CA GLY C 70 -28.76 21.18 6.31
C GLY C 70 -28.08 22.45 5.87
N VAL C 71 -28.75 23.57 6.08
CA VAL C 71 -28.32 24.85 5.54
C VAL C 71 -27.20 25.50 6.34
N GLY C 72 -26.85 24.91 7.49
CA GLY C 72 -25.74 25.42 8.30
C GLY C 72 -25.79 26.94 8.52
N THR C 73 -24.70 27.63 8.19
CA THR C 73 -24.66 29.08 8.35
C THR C 73 -24.89 29.81 7.03
N GLY C 74 -25.36 29.09 6.02
CA GLY C 74 -25.76 29.72 4.76
C GLY C 74 -24.71 29.70 3.67
N ARG C 75 -23.79 28.75 3.75
CA ARG C 75 -22.70 28.65 2.79
C ARG C 75 -23.20 28.66 1.35
N VAL C 76 -24.29 27.93 1.11
CA VAL C 76 -24.90 27.90 -0.21
C VAL C 76 -26.09 28.85 -0.31
N ALA C 77 -26.78 29.08 0.81
CA ALA C 77 -28.00 29.88 0.82
C ALA C 77 -27.78 31.35 0.44
N PHE C 78 -26.73 31.94 0.96
CA PHE C 78 -26.48 33.35 0.64
C PHE C 78 -26.05 33.59 -0.81
N PRO C 79 -25.11 32.77 -1.31
CA PRO C 79 -24.88 32.84 -2.75
C PRO C 79 -26.16 32.62 -3.53
N LEU C 80 -27.04 31.75 -3.04
CA LEU C 80 -28.33 31.60 -3.71
C LEU C 80 -29.08 32.91 -3.69
N ALA C 81 -29.05 33.60 -2.56
CA ALA C 81 -29.82 34.80 -2.38
C ALA C 81 -29.29 35.89 -3.31
N ASP C 82 -28.01 35.82 -3.65
CA ASP C 82 -27.40 36.77 -4.59
C ASP C 82 -27.86 36.58 -6.04
N LEU C 83 -28.40 35.40 -6.35
CA LEU C 83 -28.87 35.12 -7.70
C LEU C 83 -30.38 35.33 -7.82
N GLY C 84 -30.97 35.90 -6.78
CA GLY C 84 -32.40 36.20 -6.74
C GLY C 84 -33.30 35.02 -6.45
N VAL C 85 -32.73 33.97 -5.86
CA VAL C 85 -33.46 32.76 -5.52
C VAL C 85 -33.93 32.75 -4.06
N GLU C 86 -35.22 32.49 -3.85
CA GLU C 86 -35.76 32.38 -2.49
C GLU C 86 -35.40 31.03 -1.86
N VAL C 87 -34.65 31.07 -0.75
CA VAL C 87 -34.18 29.86 -0.10
C VAL C 87 -34.75 29.64 1.31
N HIS C 88 -35.56 28.62 1.47
CA HIS C 88 -35.93 28.14 2.80
C HIS C 88 -34.88 27.13 3.24
N GLY C 89 -34.26 27.37 4.39
CA GLY C 89 -33.21 26.47 4.86
C GLY C 89 -33.52 25.79 6.19
N VAL C 90 -33.50 24.47 6.18
CA VAL C 90 -33.69 23.68 7.39
C VAL C 90 -32.37 23.34 8.07
N GLU C 91 -32.32 23.49 9.38
CA GLU C 91 -31.12 23.19 10.16
C GLU C 91 -31.49 22.81 11.60
N SER C 92 -30.94 21.70 12.09
CA SER C 92 -31.24 21.19 13.43
C SER C 92 -30.40 21.83 14.52
N SER C 93 -29.22 22.33 14.16
CA SER C 93 -28.34 22.97 15.13
C SER C 93 -28.78 24.40 15.42
N GLU C 94 -29.20 24.64 16.65
CA GLU C 94 -29.69 25.95 17.03
C GLU C 94 -28.61 27.04 16.92
N PRO C 95 -27.43 26.78 17.49
CA PRO C 95 -26.32 27.74 17.39
C PRO C 95 -26.01 28.12 15.94
N MET C 96 -26.01 27.14 15.04
CA MET C 96 -25.82 27.42 13.63
C MET C 96 -26.97 28.22 13.01
N LEU C 97 -28.21 27.82 13.29
CA LEU C 97 -29.34 28.55 12.74
C LEU C 97 -29.37 29.99 13.26
N ASP C 98 -29.05 30.15 14.54
CA ASP C 98 -28.99 31.48 15.11
C ASP C 98 -28.06 32.36 14.27
N LYS C 99 -26.90 31.81 13.91
CA LYS C 99 -25.93 32.55 13.13
C LYS C 99 -26.44 32.89 11.73
N LEU C 100 -27.04 31.91 11.07
CA LEU C 100 -27.64 32.18 9.79
C LEU C 100 -28.60 33.36 9.89
N ARG C 101 -29.37 33.43 10.97
CA ARG C 101 -30.34 34.51 11.16
C ARG C 101 -29.64 35.85 11.32
N GLU C 102 -28.55 35.84 12.06
CA GLU C 102 -27.78 37.05 12.30
C GLU C 102 -27.21 37.58 10.99
N LYS C 103 -26.50 36.71 10.27
CA LYS C 103 -25.93 37.07 8.97
C LYS C 103 -27.00 37.52 7.99
N ALA C 104 -28.15 36.86 8.01
CA ALA C 104 -29.27 37.22 7.14
C ALA C 104 -29.70 38.66 7.38
N ALA C 105 -29.74 39.07 8.65
CA ALA C 105 -30.16 40.42 8.99
C ALA C 105 -29.24 41.43 8.34
N ALA C 106 -27.96 41.09 8.26
CA ALA C 106 -26.95 42.01 7.77
C ALA C 106 -26.69 41.86 6.28
N HIS C 107 -27.32 40.88 5.63
CA HIS C 107 -27.04 40.60 4.23
C HIS C 107 -27.94 41.39 3.29
N PRO C 108 -27.34 41.95 2.23
CA PRO C 108 -28.07 42.74 1.26
C PRO C 108 -29.28 41.99 0.70
N ASN C 109 -29.17 40.67 0.64
CA ASN C 109 -30.25 39.86 0.12
C ASN C 109 -30.78 38.84 1.14
N GLY C 110 -30.51 39.09 2.41
CA GLY C 110 -30.99 38.23 3.47
C GLY C 110 -32.47 37.92 3.31
N ASN C 111 -33.25 38.91 2.90
CA ASN C 111 -34.70 38.72 2.81
C ASN C 111 -35.10 37.55 1.91
N LEU C 112 -34.18 37.09 1.06
CA LEU C 112 -34.47 35.91 0.24
C LEU C 112 -34.21 34.58 0.96
N VAL C 113 -33.70 34.67 2.19
CA VAL C 113 -33.39 33.48 3.00
C VAL C 113 -34.37 33.26 4.16
N VAL C 114 -34.99 32.08 4.20
CA VAL C 114 -35.98 31.78 5.22
C VAL C 114 -35.48 30.68 6.12
N PRO C 115 -34.96 31.04 7.30
CA PRO C 115 -34.36 30.08 8.22
C PRO C 115 -35.40 29.22 8.91
N VAL C 116 -35.28 27.90 8.81
CA VAL C 116 -36.21 27.00 9.47
C VAL C 116 -35.51 26.06 10.44
N LEU C 117 -35.71 26.28 11.73
CA LEU C 117 -35.10 25.47 12.76
C LEU C 117 -35.87 24.18 12.99
N GLY C 118 -35.19 23.04 12.89
CA GLY C 118 -35.81 21.77 13.18
C GLY C 118 -35.21 20.57 12.50
N ASN C 119 -35.74 19.41 12.87
CA ASN C 119 -35.37 18.14 12.27
C ASN C 119 -36.31 17.94 11.10
N PHE C 120 -35.73 17.77 9.91
CA PHE C 120 -36.53 17.73 8.69
C PHE C 120 -37.65 16.70 8.74
N ALA C 121 -37.35 15.56 9.36
CA ALA C 121 -38.28 14.45 9.35
C ALA C 121 -39.57 14.78 10.08
N LYS C 122 -39.51 15.80 10.95
CA LYS C 122 -40.62 16.13 11.84
C LYS C 122 -41.28 17.46 11.51
N LEU C 123 -40.58 18.31 10.77
CA LEU C 123 -41.13 19.62 10.40
C LEU C 123 -42.30 19.52 9.45
N ASP C 124 -43.35 20.27 9.75
CA ASP C 124 -44.49 20.36 8.87
C ASP C 124 -44.33 21.63 8.04
N LEU C 125 -43.96 21.46 6.77
CA LEU C 125 -43.73 22.61 5.90
C LEU C 125 -44.98 23.10 5.19
N GLY C 126 -46.11 22.45 5.47
CA GLY C 126 -47.40 22.87 4.94
C GLY C 126 -47.63 22.58 3.46
N GLU C 127 -48.46 23.41 2.85
CA GLU C 127 -48.85 23.27 1.44
C GLU C 127 -47.75 23.74 0.51
N GLN C 128 -46.66 24.23 1.10
CA GLN C 128 -45.55 24.74 0.32
C GLN C 128 -44.92 23.64 -0.52
N ARG C 129 -44.71 23.94 -1.79
CA ARG C 129 -43.94 23.05 -2.66
C ARG C 129 -42.73 23.81 -3.16
N TYR C 130 -41.71 23.06 -3.59
CA TYR C 130 -40.46 23.67 -3.99
C TYR C 130 -40.05 23.21 -5.37
N SER C 131 -39.16 23.97 -6.00
CA SER C 131 -38.71 23.70 -7.36
C SER C 131 -37.49 22.81 -7.27
N VAL C 132 -36.77 22.93 -6.17
CA VAL C 132 -35.57 22.14 -5.94
C VAL C 132 -35.41 21.89 -4.45
N VAL C 133 -35.17 20.64 -4.09
CA VAL C 133 -34.79 20.33 -2.70
C VAL C 133 -33.38 19.81 -2.79
N PHE C 134 -32.48 20.34 -1.98
CA PHE C 134 -31.10 19.86 -2.07
C PHE C 134 -30.41 19.68 -0.75
N ALA C 135 -29.36 18.87 -0.81
CA ALA C 135 -28.59 18.51 0.35
C ALA C 135 -27.12 18.43 -0.04
N ALA C 136 -26.37 19.46 0.33
CA ALA C 136 -24.97 19.57 -0.04
C ALA C 136 -24.03 18.87 0.94
N PHE C 137 -22.77 18.76 0.54
CA PHE C 137 -21.72 18.16 1.37
C PHE C 137 -22.20 17.14 2.41
N ASN C 138 -22.58 15.96 1.92
CA ASN C 138 -22.87 14.81 2.77
C ASN C 138 -24.02 14.95 3.75
N THR C 139 -24.89 15.94 3.55
CA THR C 139 -25.99 16.11 4.49
C THR C 139 -26.86 14.86 4.53
N LEU C 140 -27.20 14.32 3.37
CA LEU C 140 -28.02 13.13 3.34
C LEU C 140 -27.39 12.02 4.15
N PHE C 141 -26.06 11.94 4.13
CA PHE C 141 -25.36 10.82 4.79
C PHE C 141 -25.22 11.06 6.30
N CYS C 142 -25.82 12.12 6.79
CA CYS C 142 -25.84 12.41 8.23
C CYS C 142 -26.90 11.57 8.93
N LEU C 143 -27.88 11.12 8.15
CA LEU C 143 -28.88 10.20 8.64
C LEU C 143 -28.24 8.81 8.74
N LEU C 144 -28.22 8.24 9.93
CA LEU C 144 -27.38 7.08 10.18
C LEU C 144 -27.98 5.73 9.80
N GLY C 145 -28.70 5.68 8.70
CA GLY C 145 -29.14 4.40 8.18
C GLY C 145 -29.84 4.50 6.83
N GLN C 146 -29.84 3.40 6.10
CA GLN C 146 -30.47 3.37 4.79
C GLN C 146 -31.96 3.72 4.83
N ASP C 147 -32.69 3.22 5.83
CA ASP C 147 -34.13 3.48 5.89
C ASP C 147 -34.42 4.96 6.12
N GLU C 148 -33.68 5.57 7.05
CA GLU C 148 -33.84 6.99 7.31
C GLU C 148 -33.57 7.79 6.05
N GLN C 149 -32.58 7.35 5.27
CA GLN C 149 -32.20 8.08 4.05
C GLN C 149 -33.28 7.96 2.98
N ILE C 150 -33.75 6.75 2.76
CA ILE C 150 -34.92 6.56 1.91
C ILE C 150 -36.08 7.48 2.35
N ASP C 151 -36.46 7.41 3.62
CA ASP C 151 -37.54 8.26 4.12
C ASP C 151 -37.28 9.72 3.76
N CYS C 152 -36.05 10.17 3.98
CA CYS C 152 -35.72 11.55 3.69
C CYS C 152 -35.94 11.85 2.21
N MET C 153 -35.41 11.00 1.35
CA MET C 153 -35.58 11.21 -0.09
C MET C 153 -37.07 11.32 -0.40
N ARG C 154 -37.87 10.49 0.27
CA ARG C 154 -39.31 10.48 0.04
C ARG C 154 -40.01 11.77 0.47
N GLN C 155 -39.68 12.29 1.66
CA GLN C 155 -40.26 13.57 2.07
C GLN C 155 -39.91 14.65 1.08
N ALA C 156 -38.69 14.58 0.54
CA ALA C 156 -38.24 15.57 -0.41
C ALA C 156 -39.02 15.44 -1.70
N ARG C 157 -39.28 14.21 -2.11
CA ARG C 157 -40.06 13.99 -3.33
C ARG C 157 -41.43 14.65 -3.22
N GLU C 158 -42.08 14.44 -2.08
CA GLU C 158 -43.45 14.90 -1.88
C GLU C 158 -43.57 16.42 -1.76
N LEU C 159 -42.44 17.08 -1.55
CA LEU C 159 -42.41 18.55 -1.46
C LEU C 159 -42.17 19.25 -2.80
N LEU C 160 -41.75 18.47 -3.81
CA LEU C 160 -41.48 19.02 -5.14
C LEU C 160 -42.76 19.38 -5.90
N GLU C 161 -42.71 20.48 -6.64
CA GLU C 161 -43.76 20.76 -7.60
C GLU C 161 -43.52 19.84 -8.78
N PRO C 162 -44.56 19.63 -9.60
CA PRO C 162 -44.41 18.84 -10.82
C PRO C 162 -43.20 19.31 -11.61
N GLY C 163 -42.28 18.40 -11.94
CA GLY C 163 -41.05 18.79 -12.61
C GLY C 163 -39.88 19.17 -11.71
N GLY C 164 -40.15 19.36 -10.42
CA GLY C 164 -39.10 19.73 -9.48
C GLY C 164 -38.04 18.65 -9.42
N THR C 165 -36.86 19.01 -8.90
CA THR C 165 -35.77 18.05 -8.76
C THR C 165 -35.20 18.00 -7.34
N PHE C 166 -34.62 16.85 -7.01
CA PHE C 166 -33.93 16.63 -5.75
C PHE C 166 -32.45 16.43 -6.03
N VAL C 167 -31.61 17.23 -5.38
CA VAL C 167 -30.19 17.26 -5.68
C VAL C 167 -29.40 16.97 -4.42
N VAL C 168 -28.51 15.99 -4.49
CA VAL C 168 -27.63 15.65 -3.37
C VAL C 168 -26.19 15.66 -3.83
N GLN C 169 -25.28 15.95 -2.91
CA GLN C 169 -23.88 15.86 -3.16
C GLN C 169 -23.32 14.99 -2.06
N CYS C 170 -22.73 13.87 -2.44
CA CYS C 170 -22.28 12.86 -1.48
C CYS C 170 -20.90 12.34 -1.83
N LEU C 171 -20.14 11.94 -0.80
CA LEU C 171 -18.87 11.27 -1.04
C LEU C 171 -19.10 10.01 -1.86
N ASN C 172 -18.16 9.73 -2.75
CA ASN C 172 -18.23 8.59 -3.66
C ASN C 172 -17.20 7.57 -3.21
N PRO C 173 -17.66 6.50 -2.54
CA PRO C 173 -16.78 5.56 -1.86
C PRO C 173 -15.64 5.01 -2.74
N ALA C 174 -15.94 4.58 -3.96
CA ALA C 174 -14.89 4.11 -4.87
C ALA C 174 -13.74 5.10 -4.95
N GLY C 175 -14.06 6.34 -5.33
CA GLY C 175 -13.04 7.36 -5.57
C GLY C 175 -12.39 7.88 -4.32
N GLN C 176 -13.03 7.64 -3.17
CA GLN C 176 -12.51 8.14 -1.91
C GLN C 176 -11.54 7.14 -1.25
N ARG C 177 -11.43 5.94 -1.80
CA ARG C 177 -10.50 4.90 -1.30
C ARG C 177 -10.35 4.89 0.22
N LEU C 178 -11.45 4.59 0.91
CA LEU C 178 -11.46 4.59 2.36
C LEU C 178 -10.84 3.31 2.89
N ALA C 179 -9.81 3.43 3.72
CA ALA C 179 -9.23 2.26 4.35
C ALA C 179 -10.17 1.65 5.38
N THR C 180 -10.09 0.34 5.55
CA THR C 180 -10.87 -0.37 6.54
C THR C 180 -10.31 -0.08 7.92
N GLY C 181 -11.19 0.19 8.88
CA GLY C 181 -10.78 0.34 10.25
C GLY C 181 -10.42 1.76 10.58
N ASN C 182 -9.44 1.91 11.48
CA ASN C 182 -9.04 3.20 11.98
C ASN C 182 -7.99 3.90 11.11
N THR C 183 -8.13 5.21 10.91
CA THR C 183 -7.07 5.98 10.27
C THR C 183 -6.80 7.27 11.04
N PHE C 184 -5.64 7.86 10.80
CA PHE C 184 -5.31 9.19 11.32
C PHE C 184 -4.56 9.96 10.26
N GLY C 185 -4.96 11.19 10.01
CA GLY C 185 -4.38 11.93 8.89
C GLY C 185 -4.30 13.42 9.16
N THR C 186 -3.49 14.10 8.35
CA THR C 186 -3.37 15.54 8.40
C THR C 186 -4.40 16.16 7.46
N VAL C 187 -5.23 17.05 7.97
CA VAL C 187 -6.19 17.75 7.14
C VAL C 187 -5.65 19.08 6.60
N GLU C 188 -5.17 19.95 7.48
CA GLU C 188 -4.61 21.23 7.04
C GLU C 188 -3.62 21.84 8.03
N LEU C 189 -2.71 22.68 7.54
CA LEU C 189 -1.77 23.38 8.42
C LEU C 189 -1.99 24.89 8.44
N GLU C 190 -1.75 25.51 9.58
CA GLU C 190 -1.73 26.97 9.70
C GLU C 190 -0.47 27.33 10.46
N ASP C 191 -0.17 28.61 10.55
CA ASP C 191 1.04 29.07 11.23
C ASP C 191 1.05 28.62 12.70
N THR C 192 -0.11 28.64 13.34
CA THR C 192 -0.20 28.41 14.78
C THR C 192 -1.12 27.26 15.18
N ALA C 193 -1.55 26.46 14.21
CA ALA C 193 -2.39 25.32 14.52
C ALA C 193 -2.35 24.29 13.41
N VAL C 194 -2.62 23.03 13.76
CA VAL C 194 -2.77 21.99 12.76
C VAL C 194 -4.15 21.37 12.90
N HIS C 195 -4.75 21.06 11.76
CA HIS C 195 -6.02 20.38 11.70
C HIS C 195 -5.80 18.94 11.26
N LEU C 196 -6.22 18.00 12.11
CA LEU C 196 -6.03 16.58 11.86
C LEU C 196 -7.38 15.87 11.92
N GLU C 197 -7.39 14.60 11.53
CA GLU C 197 -8.62 13.80 11.58
C GLU C 197 -8.32 12.40 12.07
N ALA C 198 -9.07 11.97 13.07
CA ALA C 198 -9.04 10.59 13.52
C ALA C 198 -10.37 9.97 13.12
N SER C 199 -10.31 8.77 12.56
CA SER C 199 -11.48 8.21 11.89
C SER C 199 -11.64 6.70 12.10
N LYS C 200 -12.89 6.25 12.13
CA LYS C 200 -13.19 4.82 12.20
C LYS C 200 -14.14 4.47 11.06
N HIS C 201 -13.75 3.51 10.24
CA HIS C 201 -14.53 3.16 9.07
C HIS C 201 -14.95 1.71 9.18
N ASP C 202 -16.24 1.46 9.01
CA ASP C 202 -16.75 0.11 8.95
C ASP C 202 -17.39 -0.09 7.59
N PRO C 203 -16.68 -0.78 6.69
CA PRO C 203 -17.09 -0.93 5.30
C PRO C 203 -18.30 -1.84 5.17
N LEU C 204 -18.61 -2.60 6.21
CA LEU C 204 -19.81 -3.45 6.19
C LEU C 204 -21.07 -2.63 6.50
N ALA C 205 -21.07 -1.92 7.62
CA ALA C 205 -22.19 -1.02 7.94
C ALA C 205 -22.18 0.23 7.09
N GLN C 206 -21.06 0.47 6.39
CA GLN C 206 -20.86 1.67 5.59
C GLN C 206 -20.95 2.95 6.42
N THR C 207 -20.31 2.93 7.57
CA THR C 207 -20.29 4.11 8.43
C THR C 207 -18.91 4.71 8.52
N LEU C 208 -18.88 6.01 8.78
CA LEU C 208 -17.68 6.70 9.21
C LEU C 208 -17.99 7.44 10.50
N SER C 209 -17.10 7.31 11.47
CA SER C 209 -17.18 8.04 12.70
C SER C 209 -15.81 8.70 12.92
N ALA C 210 -15.80 10.02 13.02
CA ALA C 210 -14.55 10.75 13.03
C ALA C 210 -14.57 11.93 13.99
N HIS C 211 -13.39 12.35 14.40
CA HIS C 211 -13.18 13.63 15.04
C HIS C 211 -12.32 14.50 14.15
N HIS C 212 -12.77 15.73 13.91
CA HIS C 212 -11.88 16.72 13.37
C HIS C 212 -11.16 17.29 14.59
N ILE C 213 -9.83 17.25 14.56
CA ILE C 213 -8.99 17.72 15.68
C ILE C 213 -8.22 18.98 15.34
N VAL C 214 -8.22 19.94 16.26
CA VAL C 214 -7.42 21.16 16.11
C VAL C 214 -6.46 21.27 17.30
N LEU C 215 -5.16 21.27 17.02
CA LEU C 215 -4.15 21.45 18.06
C LEU C 215 -3.52 22.81 17.86
N SER C 216 -3.37 23.57 18.94
CA SER C 216 -2.90 24.95 18.81
C SER C 216 -1.63 25.19 19.60
N GLU C 217 -0.78 26.09 19.10
CA GLU C 217 0.48 26.45 19.74
C GLU C 217 0.37 26.59 21.26
N GLY C 218 -0.74 27.13 21.73
CA GLY C 218 -0.90 27.26 23.18
C GLY C 218 -0.86 25.93 23.92
N GLY C 219 -1.43 24.91 23.31
CA GLY C 219 -1.69 23.66 24.01
C GLY C 219 -3.19 23.38 24.02
N GLY C 220 -3.97 24.27 23.40
CA GLY C 220 -5.39 24.04 23.22
C GLY C 220 -5.68 22.83 22.33
N ILE C 221 -6.80 22.16 22.59
CA ILE C 221 -7.25 21.07 21.75
C ILE C 221 -8.77 21.15 21.53
N ARG C 222 -9.19 21.10 20.28
CA ARG C 222 -10.61 21.10 19.98
C ARG C 222 -10.99 19.88 19.15
N LEU C 223 -11.97 19.14 19.64
CA LEU C 223 -12.47 17.97 18.94
C LEU C 223 -13.85 18.25 18.34
N PHE C 224 -14.03 17.89 17.07
CA PHE C 224 -15.33 18.08 16.43
C PHE C 224 -15.79 16.75 15.83
N PRO C 225 -16.62 16.02 16.58
CA PRO C 225 -17.08 14.69 16.20
C PRO C 225 -18.09 14.73 15.07
N TYR C 226 -18.08 13.70 14.23
CA TYR C 226 -19.14 13.54 13.26
C TYR C 226 -19.31 12.06 12.84
N ARG C 227 -20.43 11.77 12.17
CA ARG C 227 -20.74 10.40 11.79
C ARG C 227 -21.48 10.45 10.47
N LEU C 228 -21.12 9.57 9.55
CA LEU C 228 -21.83 9.44 8.29
C LEU C 228 -22.24 7.98 8.08
N ARG C 229 -23.33 7.77 7.38
CA ARG C 229 -23.54 6.48 6.74
C ARG C 229 -23.61 6.77 5.26
N TYR C 230 -22.66 6.24 4.49
CA TYR C 230 -22.64 6.54 3.07
C TYR C 230 -23.36 5.47 2.27
N ALA C 231 -23.69 5.80 1.03
CA ALA C 231 -24.25 4.82 0.12
C ALA C 231 -23.42 4.76 -1.14
N TYR C 232 -23.38 3.60 -1.77
CA TYR C 232 -22.77 3.53 -3.07
C TYR C 232 -23.78 4.03 -4.10
N PRO C 233 -23.28 4.64 -5.18
CA PRO C 233 -24.14 5.18 -6.24
C PRO C 233 -25.29 4.24 -6.64
N ALA C 234 -24.99 2.96 -6.89
CA ALA C 234 -26.04 2.05 -7.35
C ALA C 234 -27.06 1.75 -6.24
N GLU C 235 -26.57 1.66 -5.00
CA GLU C 235 -27.45 1.50 -3.85
C GLU C 235 -28.31 2.76 -3.74
N LEU C 236 -27.65 3.91 -3.82
CA LEU C 236 -28.33 5.20 -3.70
C LEU C 236 -29.46 5.33 -4.73
N ASP C 237 -29.15 5.00 -5.97
CA ASP C 237 -30.13 5.07 -7.06
C ASP C 237 -31.33 4.15 -6.80
N LEU C 238 -31.09 3.02 -6.15
CA LEU C 238 -32.17 2.09 -5.87
C LEU C 238 -33.02 2.66 -4.72
N MET C 239 -32.35 3.26 -3.74
CA MET C 239 -33.04 3.95 -2.68
C MET C 239 -33.96 5.00 -3.27
N ALA C 240 -33.42 5.81 -4.17
CA ALA C 240 -34.21 6.83 -4.84
C ALA C 240 -35.45 6.22 -5.51
N ASN C 241 -35.27 5.11 -6.22
CA ASN C 241 -36.43 4.46 -6.83
C ASN C 241 -37.47 4.12 -5.77
N VAL C 242 -37.05 3.42 -4.73
CA VAL C 242 -37.97 3.08 -3.65
C VAL C 242 -38.69 4.33 -3.16
N ALA C 243 -37.96 5.43 -2.99
CA ALA C 243 -38.54 6.72 -2.59
C ALA C 243 -39.40 7.40 -3.66
N GLY C 244 -39.60 6.74 -4.79
CA GLY C 244 -40.35 7.32 -5.91
C GLY C 244 -39.59 8.33 -6.78
N LEU C 245 -38.26 8.26 -6.77
CA LEU C 245 -37.43 9.17 -7.53
C LEU C 245 -36.65 8.43 -8.60
N GLU C 246 -36.29 9.12 -9.68
CA GLU C 246 -35.43 8.53 -10.74
C GLU C 246 -34.29 9.46 -11.12
N LEU C 247 -33.10 8.89 -11.30
CA LEU C 247 -31.90 9.66 -11.60
C LEU C 247 -31.99 10.29 -12.98
N VAL C 248 -31.70 11.59 -13.07
CA VAL C 248 -31.65 12.24 -14.37
C VAL C 248 -30.24 12.66 -14.78
N GLU C 249 -29.36 12.89 -13.81
CA GLU C 249 -27.97 13.17 -14.15
C GLU C 249 -27.04 13.07 -12.96
N ARG C 250 -25.78 12.73 -13.25
CA ARG C 250 -24.77 12.65 -12.22
C ARG C 250 -23.48 13.29 -12.70
N HIS C 251 -22.91 14.16 -11.87
CA HIS C 251 -21.62 14.77 -12.17
C HIS C 251 -20.66 14.52 -11.01
N ALA C 252 -19.42 14.95 -11.17
CA ALA C 252 -18.42 14.81 -10.14
C ALA C 252 -18.52 15.97 -9.17
N ASP C 253 -19.16 17.04 -9.59
CA ASP C 253 -19.11 18.27 -8.83
C ASP C 253 -20.07 19.28 -9.42
N PHE C 254 -20.21 20.45 -8.79
CA PHE C 254 -21.25 21.36 -9.24
C PHE C 254 -20.99 22.08 -10.55
N GLU C 255 -19.81 21.88 -11.12
CA GLU C 255 -19.52 22.50 -12.42
C GLU C 255 -19.71 21.48 -13.54
N ARG C 256 -20.28 20.33 -13.20
CA ARG C 256 -20.72 19.40 -14.23
C ARG C 256 -19.59 18.62 -14.89
N ARG C 257 -18.46 18.50 -14.19
CA ARG C 257 -17.36 17.69 -14.70
C ARG C 257 -17.81 16.25 -14.75
N ARG C 258 -17.23 15.49 -15.68
CA ARG C 258 -17.55 14.08 -15.84
C ARG C 258 -17.33 13.29 -14.54
N PHE C 259 -18.32 12.50 -14.16
CA PHE C 259 -18.21 11.65 -12.98
C PHE C 259 -17.61 10.32 -13.37
N ASP C 260 -16.57 9.90 -12.67
CA ASP C 260 -15.98 8.60 -12.92
C ASP C 260 -15.44 7.97 -11.65
N ALA C 261 -14.95 6.74 -11.78
CA ALA C 261 -14.53 5.94 -10.64
C ALA C 261 -13.63 6.69 -9.68
N SER C 262 -12.84 7.63 -10.20
CA SER C 262 -11.89 8.33 -9.33
C SER C 262 -12.45 9.61 -8.70
N SER C 263 -13.72 9.92 -8.98
CA SER C 263 -14.31 11.13 -8.45
C SER C 263 -14.51 10.98 -6.96
N ARG C 264 -14.01 11.95 -6.19
CA ARG C 264 -14.15 11.89 -4.74
C ARG C 264 -15.61 12.09 -4.32
N TYR C 265 -16.35 12.88 -5.10
CA TYR C 265 -17.76 13.12 -4.80
C TYR C 265 -18.62 12.91 -6.02
N HIS C 266 -19.93 12.91 -5.82
CA HIS C 266 -20.82 13.10 -6.93
C HIS C 266 -21.93 14.06 -6.58
N VAL C 267 -22.52 14.66 -7.61
CA VAL C 267 -23.69 15.47 -7.49
C VAL C 267 -24.74 14.76 -8.33
N SER C 268 -25.85 14.43 -7.70
CA SER C 268 -26.88 13.67 -8.38
C SER C 268 -28.17 14.45 -8.40
N VAL C 269 -28.87 14.37 -9.53
CA VAL C 269 -30.13 15.07 -9.71
C VAL C 269 -31.24 14.07 -10.01
N TYR C 270 -32.30 14.11 -9.20
CA TYR C 270 -33.42 13.17 -9.31
C TYR C 270 -34.72 13.89 -9.61
N ARG C 271 -35.62 13.20 -10.30
CA ARG C 271 -36.97 13.68 -10.57
C ARG C 271 -37.96 12.72 -9.94
N ALA C 272 -39.21 13.16 -9.84
CA ALA C 272 -40.30 12.29 -9.43
C ALA C 272 -40.51 11.29 -10.56
N ALA C 273 -40.85 10.05 -10.22
CA ALA C 273 -40.99 9.02 -11.23
C ALA C 273 -42.34 9.09 -11.94
N ALA C 274 -42.30 9.15 -13.27
CA ALA C 274 -43.52 9.19 -14.09
C ALA C 274 -44.75 8.66 -13.35
N GLU D 39 -11.97 -30.17 -11.60
CA GLU D 39 -10.69 -30.85 -11.95
C GLU D 39 -9.47 -29.97 -11.67
N TRP D 40 -9.69 -28.67 -11.49
CA TRP D 40 -8.60 -27.75 -11.18
C TRP D 40 -8.27 -27.78 -9.69
N PRO D 41 -6.97 -27.76 -9.36
CA PRO D 41 -6.49 -27.96 -8.00
C PRO D 41 -6.67 -26.74 -7.11
N GLY D 42 -6.73 -27.00 -5.80
CA GLY D 42 -6.80 -25.95 -4.81
C GLY D 42 -7.71 -24.83 -5.23
N ASP D 43 -7.18 -23.61 -5.21
CA ASP D 43 -7.98 -22.41 -5.41
C ASP D 43 -8.42 -22.18 -6.85
N ALA D 44 -7.79 -22.90 -7.78
CA ALA D 44 -8.20 -22.86 -9.18
C ALA D 44 -9.61 -23.46 -9.34
N GLY D 45 -9.82 -24.63 -8.76
CA GLY D 45 -11.12 -25.30 -8.82
C GLY D 45 -12.18 -24.59 -8.02
N PRO D 46 -13.40 -25.16 -7.98
CA PRO D 46 -14.51 -24.58 -7.23
C PRO D 46 -14.32 -24.81 -5.73
N PRO D 47 -15.06 -24.06 -4.90
CA PRO D 47 -14.88 -24.19 -3.46
C PRO D 47 -15.29 -25.58 -3.00
N PRO D 48 -14.59 -26.13 -2.01
CA PRO D 48 -14.82 -27.50 -1.54
C PRO D 48 -15.91 -27.59 -0.47
N ASP D 49 -16.99 -26.84 -0.63
CA ASP D 49 -18.04 -26.81 0.38
C ASP D 49 -19.36 -27.45 -0.10
N GLY D 50 -19.26 -28.25 -1.15
CA GLY D 50 -20.42 -28.92 -1.75
C GLY D 50 -21.27 -29.71 -0.77
N ARG D 51 -20.63 -30.58 -0.02
CA ARG D 51 -21.30 -31.31 1.05
C ARG D 51 -21.96 -30.33 2.02
N GLU D 52 -21.19 -29.35 2.48
CA GLU D 52 -21.64 -28.42 3.50
C GLU D 52 -22.79 -27.55 2.99
N ALA D 53 -22.74 -27.22 1.71
CA ALA D 53 -23.86 -26.52 1.09
C ALA D 53 -25.10 -27.39 1.21
N ALA D 54 -24.97 -28.64 0.76
CA ALA D 54 -26.05 -29.61 0.81
C ALA D 54 -26.70 -29.68 2.21
N LEU D 55 -25.88 -29.88 3.24
CA LEU D 55 -26.40 -29.98 4.60
C LEU D 55 -27.17 -28.73 4.98
N PHE D 56 -26.70 -27.59 4.50
CA PHE D 56 -27.32 -26.31 4.84
C PHE D 56 -28.66 -26.15 4.14
N VAL D 57 -28.68 -26.50 2.85
CA VAL D 57 -29.92 -26.45 2.08
C VAL D 57 -30.92 -27.51 2.57
N ALA D 58 -30.42 -28.71 2.81
CA ALA D 58 -31.25 -29.82 3.24
C ALA D 58 -32.02 -29.46 4.51
N ALA D 59 -31.29 -28.92 5.49
CA ALA D 59 -31.89 -28.58 6.78
C ALA D 59 -33.05 -27.62 6.59
N LEU D 60 -33.07 -26.94 5.45
CA LEU D 60 -34.07 -25.92 5.18
C LEU D 60 -35.24 -26.41 4.33
N ALA D 61 -35.21 -27.67 3.92
CA ALA D 61 -36.26 -28.20 3.06
C ALA D 61 -37.14 -29.20 3.79
N ALA D 62 -38.45 -29.09 3.59
CA ALA D 62 -39.39 -29.99 4.25
C ALA D 62 -39.84 -31.12 3.33
N ALA D 63 -38.99 -32.12 3.14
CA ALA D 63 -39.30 -33.23 2.25
C ALA D 63 -40.00 -32.70 1.01
N ARG D 64 -39.65 -31.47 0.64
CA ARG D 64 -40.21 -30.82 -0.53
C ARG D 64 -39.04 -30.46 -1.46
N PRO D 65 -39.33 -30.33 -2.77
CA PRO D 65 -38.30 -30.10 -3.78
C PRO D 65 -37.62 -28.73 -3.65
N VAL D 66 -36.32 -28.69 -3.94
CA VAL D 66 -35.56 -27.47 -3.89
C VAL D 66 -35.00 -27.16 -5.26
N LEU D 67 -34.88 -25.87 -5.57
CA LEU D 67 -34.44 -25.42 -6.87
C LEU D 67 -33.07 -24.76 -6.80
N GLU D 68 -32.08 -25.37 -7.45
CA GLU D 68 -30.77 -24.75 -7.57
C GLU D 68 -30.68 -23.98 -8.88
N LEU D 69 -30.31 -22.71 -8.79
CA LEU D 69 -30.04 -21.92 -9.98
C LEU D 69 -28.57 -22.08 -10.34
N GLY D 70 -28.31 -22.35 -11.62
CA GLY D 70 -26.97 -22.66 -12.05
C GLY D 70 -26.49 -23.98 -11.47
N VAL D 71 -27.30 -25.02 -11.62
CA VAL D 71 -26.82 -26.37 -11.36
C VAL D 71 -25.52 -26.44 -12.14
N GLY D 72 -24.58 -27.24 -11.67
CA GLY D 72 -23.34 -27.34 -12.41
C GLY D 72 -23.23 -28.72 -13.00
N THR D 73 -22.12 -29.37 -12.70
CA THR D 73 -21.99 -30.79 -12.93
C THR D 73 -22.60 -31.47 -11.71
N GLY D 74 -23.36 -30.70 -10.95
CA GLY D 74 -24.04 -31.20 -9.75
C GLY D 74 -23.16 -31.14 -8.53
N ARG D 75 -22.28 -30.15 -8.49
CA ARG D 75 -21.37 -30.00 -7.36
C ARG D 75 -22.11 -30.03 -6.03
N VAL D 76 -23.25 -29.33 -5.97
CA VAL D 76 -24.05 -29.32 -4.75
C VAL D 76 -25.18 -30.34 -4.86
N ALA D 77 -25.80 -30.39 -6.03
CA ALA D 77 -26.98 -31.20 -6.25
C ALA D 77 -26.79 -32.65 -5.84
N PHE D 78 -25.70 -33.27 -6.26
CA PHE D 78 -25.53 -34.70 -6.01
C PHE D 78 -25.41 -35.01 -4.52
N PRO D 79 -24.61 -34.21 -3.79
CA PRO D 79 -24.53 -34.39 -2.35
C PRO D 79 -25.90 -34.21 -1.68
N LEU D 80 -26.75 -33.38 -2.26
CA LEU D 80 -28.11 -33.20 -1.76
C LEU D 80 -28.91 -34.50 -1.86
N ALA D 81 -28.82 -35.16 -3.02
CA ALA D 81 -29.53 -36.42 -3.23
C ALA D 81 -29.08 -37.47 -2.21
N ASP D 82 -27.77 -37.56 -1.99
CA ASP D 82 -27.21 -38.42 -0.96
C ASP D 82 -27.90 -38.15 0.38
N LEU D 83 -28.60 -37.03 0.46
CA LEU D 83 -29.29 -36.65 1.70
C LEU D 83 -30.79 -36.85 1.56
N GLY D 84 -31.20 -37.53 0.48
CA GLY D 84 -32.61 -37.82 0.25
C GLY D 84 -33.44 -36.59 -0.08
N VAL D 85 -32.84 -35.62 -0.76
CA VAL D 85 -33.53 -34.40 -1.15
C VAL D 85 -33.66 -34.25 -2.66
N GLU D 86 -34.87 -33.98 -3.13
CA GLU D 86 -35.12 -33.79 -4.56
C GLU D 86 -34.64 -32.41 -5.02
N VAL D 87 -33.78 -32.39 -6.03
CA VAL D 87 -33.23 -31.14 -6.55
C VAL D 87 -33.63 -30.91 -8.00
N HIS D 88 -34.30 -29.79 -8.25
CA HIS D 88 -34.54 -29.32 -9.61
C HIS D 88 -33.46 -28.31 -9.98
N GLY D 89 -32.59 -28.67 -10.93
CA GLY D 89 -31.47 -27.80 -11.30
C GLY D 89 -31.67 -27.07 -12.61
N VAL D 90 -31.49 -25.75 -12.59
CA VAL D 90 -31.64 -24.96 -13.79
C VAL D 90 -30.29 -24.62 -14.40
N GLU D 91 -30.25 -24.61 -15.73
CA GLU D 91 -29.05 -24.26 -16.47
C GLU D 91 -29.49 -23.82 -17.86
N SER D 92 -28.63 -23.07 -18.54
CA SER D 92 -28.94 -22.62 -19.90
C SER D 92 -27.94 -23.19 -20.92
N SER D 93 -27.21 -24.22 -20.50
CA SER D 93 -26.14 -24.80 -21.30
C SER D 93 -26.44 -26.24 -21.71
N GLU D 94 -27.26 -26.40 -22.75
CA GLU D 94 -27.66 -27.73 -23.21
C GLU D 94 -26.53 -28.75 -23.06
N PRO D 95 -25.29 -28.33 -23.33
CA PRO D 95 -24.10 -29.16 -23.15
C PRO D 95 -23.88 -29.56 -21.70
N MET D 96 -23.53 -28.60 -20.84
CA MET D 96 -23.34 -28.88 -19.41
C MET D 96 -24.49 -29.68 -18.84
N LEU D 97 -25.71 -29.22 -19.11
CA LEU D 97 -26.92 -29.92 -18.71
C LEU D 97 -26.86 -31.39 -19.15
N ASP D 98 -26.20 -31.64 -20.29
CA ASP D 98 -26.05 -32.99 -20.82
C ASP D 98 -25.04 -33.82 -20.03
N LYS D 99 -23.96 -33.19 -19.57
CA LYS D 99 -22.98 -33.89 -18.75
C LYS D 99 -23.60 -34.20 -17.38
N LEU D 100 -24.55 -33.37 -16.97
CA LEU D 100 -25.31 -33.63 -15.76
C LEU D 100 -26.20 -34.86 -15.92
N ARG D 101 -26.99 -34.89 -16.99
CA ARG D 101 -27.82 -36.06 -17.30
C ARG D 101 -27.00 -37.34 -17.24
N GLU D 102 -25.77 -37.29 -17.76
CA GLU D 102 -24.89 -38.45 -17.78
C GLU D 102 -24.46 -38.84 -16.36
N LYS D 103 -24.04 -37.87 -15.56
CA LYS D 103 -23.63 -38.16 -14.20
C LYS D 103 -24.83 -38.59 -13.36
N ALA D 104 -26.03 -38.24 -13.82
CA ALA D 104 -27.26 -38.63 -13.15
C ALA D 104 -27.58 -40.09 -13.43
N ALA D 105 -27.16 -40.56 -14.60
CA ALA D 105 -27.38 -41.94 -15.00
C ALA D 105 -26.45 -42.89 -14.26
N ALA D 106 -25.26 -42.40 -13.93
CA ALA D 106 -24.24 -43.21 -13.28
C ALA D 106 -24.32 -43.12 -11.76
N HIS D 107 -25.05 -42.13 -11.26
CA HIS D 107 -25.13 -41.90 -9.83
C HIS D 107 -26.22 -42.74 -9.16
N PRO D 108 -25.89 -43.32 -8.00
CA PRO D 108 -26.79 -44.16 -7.21
C PRO D 108 -28.03 -43.41 -6.72
N ASN D 109 -28.13 -42.12 -7.02
CA ASN D 109 -29.29 -41.34 -6.59
C ASN D 109 -29.72 -40.29 -7.61
N GLY D 110 -29.29 -40.48 -8.86
CA GLY D 110 -29.55 -39.53 -9.93
C GLY D 110 -31.01 -39.25 -10.23
N ASN D 111 -31.90 -40.14 -9.79
CA ASN D 111 -33.32 -39.96 -10.01
C ASN D 111 -33.87 -38.71 -9.32
N LEU D 112 -33.18 -38.28 -8.27
CA LEU D 112 -33.58 -37.09 -7.52
C LEU D 112 -33.10 -35.79 -8.19
N VAL D 113 -32.15 -35.92 -9.11
CA VAL D 113 -31.65 -34.76 -9.82
C VAL D 113 -32.41 -34.53 -11.12
N VAL D 114 -33.18 -33.44 -11.17
CA VAL D 114 -33.96 -33.12 -12.34
C VAL D 114 -33.39 -31.89 -13.05
N PRO D 115 -32.91 -32.07 -14.29
CA PRO D 115 -32.30 -31.01 -15.08
C PRO D 115 -33.35 -30.17 -15.82
N VAL D 116 -33.31 -28.86 -15.62
CA VAL D 116 -34.20 -27.94 -16.32
C VAL D 116 -33.41 -27.01 -17.24
N LEU D 117 -33.52 -27.23 -18.54
CA LEU D 117 -32.76 -26.46 -19.52
C LEU D 117 -33.46 -25.15 -19.88
N GLY D 118 -32.71 -24.06 -19.83
CA GLY D 118 -33.23 -22.76 -20.21
C GLY D 118 -32.83 -21.61 -19.30
N ASN D 119 -32.57 -20.46 -19.91
CA ASN D 119 -32.32 -19.22 -19.19
C ASN D 119 -33.43 -18.97 -18.18
N PHE D 120 -33.07 -18.80 -16.91
CA PHE D 120 -34.06 -18.61 -15.87
C PHE D 120 -35.06 -17.49 -16.17
N ALA D 121 -34.54 -16.36 -16.63
CA ALA D 121 -35.37 -15.19 -16.93
C ALA D 121 -36.63 -15.54 -17.75
N LYS D 122 -36.47 -16.30 -18.81
CA LYS D 122 -37.57 -16.60 -19.75
C LYS D 122 -38.30 -17.91 -19.44
N LEU D 123 -37.79 -18.67 -18.47
CA LEU D 123 -38.32 -20.01 -18.20
C LEU D 123 -39.53 -20.02 -17.26
N ASP D 124 -40.58 -20.72 -17.69
CA ASP D 124 -41.81 -20.88 -16.91
C ASP D 124 -41.87 -22.23 -16.21
N LEU D 125 -42.02 -22.21 -14.89
CA LEU D 125 -42.13 -23.46 -14.13
C LEU D 125 -43.56 -23.69 -13.61
N GLY D 126 -44.50 -22.95 -14.17
CA GLY D 126 -45.91 -23.14 -13.87
C GLY D 126 -46.26 -23.35 -12.41
N GLU D 127 -47.03 -24.39 -12.14
CA GLU D 127 -47.61 -24.65 -10.82
C GLU D 127 -46.59 -25.09 -9.76
N GLN D 128 -45.44 -25.59 -10.22
CA GLN D 128 -44.47 -26.19 -9.32
C GLN D 128 -43.84 -25.20 -8.35
N ARG D 129 -43.92 -25.52 -7.05
CA ARG D 129 -43.36 -24.67 -6.00
C ARG D 129 -42.24 -25.38 -5.24
N TYR D 130 -41.46 -24.61 -4.49
CA TYR D 130 -40.26 -25.12 -3.83
C TYR D 130 -40.15 -24.69 -2.38
N SER D 131 -39.60 -25.57 -1.54
CA SER D 131 -39.29 -25.23 -0.16
C SER D 131 -38.07 -24.30 -0.11
N VAL D 132 -37.12 -24.52 -1.02
CA VAL D 132 -35.92 -23.69 -1.08
C VAL D 132 -35.48 -23.40 -2.50
N VAL D 133 -35.03 -22.17 -2.74
CA VAL D 133 -34.38 -21.83 -3.99
C VAL D 133 -33.04 -21.23 -3.63
N PHE D 134 -31.98 -21.75 -4.24
CA PHE D 134 -30.65 -21.28 -3.90
C PHE D 134 -29.74 -21.11 -5.11
N ALA D 135 -28.84 -20.13 -4.98
CA ALA D 135 -27.81 -19.88 -5.95
C ALA D 135 -26.48 -19.86 -5.19
N ALA D 136 -25.58 -20.76 -5.59
CA ALA D 136 -24.33 -20.91 -4.89
C ALA D 136 -23.21 -20.22 -5.65
N PHE D 137 -22.03 -20.18 -5.04
CA PHE D 137 -20.83 -19.57 -5.61
C PHE D 137 -21.09 -18.52 -6.71
N ASN D 138 -21.63 -17.37 -6.31
CA ASN D 138 -21.69 -16.18 -7.17
C ASN D 138 -22.61 -16.29 -8.36
N THR D 139 -23.46 -17.29 -8.34
CA THR D 139 -24.38 -17.51 -9.44
C THR D 139 -25.25 -16.28 -9.66
N LEU D 140 -25.83 -15.74 -8.59
CA LEU D 140 -26.63 -14.52 -8.71
C LEU D 140 -25.85 -13.41 -9.41
N PHE D 141 -24.56 -13.29 -9.10
CA PHE D 141 -23.75 -12.22 -9.68
C PHE D 141 -23.34 -12.49 -11.14
N CYS D 142 -23.89 -13.55 -11.73
CA CYS D 142 -23.63 -13.84 -13.14
C CYS D 142 -24.53 -12.98 -14.02
N LEU D 143 -25.64 -12.57 -13.42
CA LEU D 143 -26.54 -11.59 -14.01
C LEU D 143 -25.89 -10.21 -13.98
N LEU D 144 -25.67 -9.62 -15.15
CA LEU D 144 -24.84 -8.43 -15.22
C LEU D 144 -25.54 -7.10 -14.98
N GLY D 145 -26.35 -7.04 -13.93
CA GLY D 145 -27.04 -5.80 -13.59
C GLY D 145 -27.91 -5.88 -12.36
N GLN D 146 -28.03 -4.77 -11.65
CA GLN D 146 -28.92 -4.70 -10.51
C GLN D 146 -30.35 -5.09 -10.92
N ASP D 147 -30.83 -4.52 -12.02
CA ASP D 147 -32.19 -4.79 -12.47
C ASP D 147 -32.44 -6.28 -12.66
N GLU D 148 -31.55 -6.95 -13.40
CA GLU D 148 -31.76 -8.37 -13.70
C GLU D 148 -31.65 -9.19 -12.43
N GLN D 149 -30.85 -8.71 -11.48
CA GLN D 149 -30.68 -9.44 -10.25
C GLN D 149 -31.92 -9.36 -9.40
N ILE D 150 -32.59 -8.21 -9.44
CA ILE D 150 -33.82 -8.04 -8.69
C ILE D 150 -34.91 -8.90 -9.33
N ASP D 151 -34.93 -8.96 -10.65
CA ASP D 151 -35.89 -9.80 -11.36
C ASP D 151 -35.71 -11.26 -10.97
N CYS D 152 -34.47 -11.69 -10.87
CA CYS D 152 -34.20 -13.06 -10.47
C CYS D 152 -34.70 -13.32 -9.04
N MET D 153 -34.36 -12.43 -8.12
CA MET D 153 -34.83 -12.58 -6.74
C MET D 153 -36.37 -12.60 -6.67
N ARG D 154 -37.02 -11.78 -7.48
CA ARG D 154 -38.48 -11.77 -7.49
C ARG D 154 -39.00 -13.13 -7.94
N GLN D 155 -38.65 -13.53 -9.15
CA GLN D 155 -39.09 -14.82 -9.68
C GLN D 155 -38.84 -15.91 -8.65
N ALA D 156 -37.69 -15.87 -7.99
CA ALA D 156 -37.35 -16.86 -6.98
C ALA D 156 -38.38 -16.86 -5.85
N ARG D 157 -38.77 -15.66 -5.41
CA ARG D 157 -39.80 -15.51 -4.39
C ARG D 157 -41.14 -16.11 -4.83
N GLU D 158 -41.45 -15.97 -6.11
CA GLU D 158 -42.75 -16.44 -6.62
C GLU D 158 -42.75 -17.94 -6.88
N LEU D 159 -41.65 -18.61 -6.57
CA LEU D 159 -41.59 -20.06 -6.70
C LEU D 159 -41.46 -20.69 -5.31
N LEU D 160 -41.43 -19.85 -4.28
CA LEU D 160 -41.39 -20.34 -2.91
C LEU D 160 -42.79 -20.61 -2.39
N GLU D 161 -42.99 -21.80 -1.80
CA GLU D 161 -44.19 -22.10 -1.05
C GLU D 161 -44.24 -21.20 0.18
N PRO D 162 -45.37 -21.23 0.91
CA PRO D 162 -45.41 -20.45 2.14
C PRO D 162 -44.33 -20.92 3.11
N GLY D 163 -43.45 -20.02 3.51
CA GLY D 163 -42.37 -20.37 4.44
C GLY D 163 -41.06 -20.73 3.77
N GLY D 164 -41.09 -20.92 2.45
CA GLY D 164 -39.89 -21.27 1.69
C GLY D 164 -38.82 -20.21 1.81
N THR D 165 -37.57 -20.59 1.54
CA THR D 165 -36.45 -19.66 1.67
C THR D 165 -35.58 -19.56 0.42
N PHE D 166 -35.03 -18.38 0.20
CA PHE D 166 -34.14 -18.10 -0.92
C PHE D 166 -32.73 -17.91 -0.38
N VAL D 167 -31.81 -18.72 -0.89
CA VAL D 167 -30.44 -18.77 -0.37
C VAL D 167 -29.43 -18.37 -1.44
N VAL D 168 -28.56 -17.42 -1.13
CA VAL D 168 -27.50 -17.04 -2.05
C VAL D 168 -26.14 -17.06 -1.36
N GLN D 169 -25.11 -17.42 -2.12
CA GLN D 169 -23.73 -17.33 -1.66
C GLN D 169 -23.00 -16.41 -2.62
N CYS D 170 -22.52 -15.29 -2.10
CA CYS D 170 -21.92 -14.22 -2.91
C CYS D 170 -20.57 -13.78 -2.34
N LEU D 171 -19.72 -13.26 -3.21
CA LEU D 171 -18.46 -12.67 -2.75
C LEU D 171 -18.82 -11.40 -2.00
N ASN D 172 -18.08 -11.09 -0.95
CA ASN D 172 -18.32 -9.92 -0.11
C ASN D 172 -17.28 -8.83 -0.39
N PRO D 173 -17.65 -7.81 -1.18
CA PRO D 173 -16.69 -6.78 -1.60
C PRO D 173 -15.84 -6.23 -0.45
N ALA D 174 -16.46 -5.81 0.66
CA ALA D 174 -15.65 -5.26 1.75
C ALA D 174 -14.50 -6.19 2.12
N GLY D 175 -14.77 -7.49 2.19
CA GLY D 175 -13.78 -8.44 2.67
C GLY D 175 -12.85 -8.96 1.60
N GLN D 176 -13.15 -8.61 0.35
CA GLN D 176 -12.44 -9.18 -0.77
C GLN D 176 -11.37 -8.20 -1.26
N ARG D 177 -11.34 -7.01 -0.67
CA ARG D 177 -10.34 -5.98 -1.01
C ARG D 177 -9.94 -5.97 -2.49
N LEU D 178 -10.82 -5.40 -3.31
CA LEU D 178 -10.68 -5.37 -4.76
C LEU D 178 -10.12 -4.04 -5.21
N ALA D 179 -8.92 -4.02 -5.75
CA ALA D 179 -8.36 -2.79 -6.27
C ALA D 179 -9.22 -2.19 -7.39
N THR D 180 -9.17 -0.88 -7.55
CA THR D 180 -9.78 -0.26 -8.72
C THR D 180 -8.95 -0.54 -9.96
N GLY D 181 -9.64 -0.67 -11.09
CA GLY D 181 -8.97 -0.82 -12.37
C GLY D 181 -8.41 -2.22 -12.60
N ASN D 182 -7.30 -2.27 -13.32
CA ASN D 182 -6.73 -3.54 -13.73
C ASN D 182 -5.87 -4.18 -12.66
N THR D 183 -5.93 -5.50 -12.54
CA THR D 183 -4.97 -6.23 -11.72
C THR D 183 -4.53 -7.54 -12.37
N PHE D 184 -3.46 -8.12 -11.84
CA PHE D 184 -2.98 -9.42 -12.30
C PHE D 184 -2.47 -10.14 -11.08
N GLY D 185 -2.91 -11.38 -10.87
CA GLY D 185 -2.49 -12.12 -9.69
C GLY D 185 -2.35 -13.60 -9.92
N THR D 186 -1.73 -14.26 -8.94
CA THR D 186 -1.56 -15.70 -8.94
C THR D 186 -2.75 -16.37 -8.27
N VAL D 187 -3.38 -17.30 -8.98
CA VAL D 187 -4.53 -18.01 -8.41
C VAL D 187 -4.12 -19.32 -7.74
N GLU D 188 -3.22 -20.06 -8.37
CA GLU D 188 -2.75 -21.32 -7.81
C GLU D 188 -1.56 -21.86 -8.58
N LEU D 189 -0.80 -22.75 -7.96
CA LEU D 189 0.34 -23.41 -8.61
C LEU D 189 0.14 -24.91 -8.65
N GLU D 190 0.63 -25.53 -9.72
CA GLU D 190 0.77 -26.98 -9.82
C GLU D 190 2.20 -27.24 -10.24
N ASP D 191 2.59 -28.50 -10.23
CA ASP D 191 3.93 -28.90 -10.61
C ASP D 191 4.26 -28.46 -12.03
N THR D 192 3.27 -28.55 -12.93
CA THR D 192 3.53 -28.35 -14.35
C THR D 192 2.63 -27.28 -14.97
N ALA D 193 2.00 -26.45 -14.15
CA ALA D 193 1.24 -25.33 -14.67
C ALA D 193 0.96 -24.31 -13.58
N VAL D 194 0.75 -23.07 -13.98
CA VAL D 194 0.35 -22.05 -13.02
C VAL D 194 -0.99 -21.49 -13.46
N HIS D 195 -1.81 -21.12 -12.49
CA HIS D 195 -3.10 -20.50 -12.76
C HIS D 195 -3.06 -19.05 -12.33
N LEU D 196 -3.31 -18.17 -13.28
CA LEU D 196 -3.18 -16.74 -13.05
C LEU D 196 -4.49 -16.08 -13.43
N GLU D 197 -4.62 -14.80 -13.12
CA GLU D 197 -5.86 -14.09 -13.43
C GLU D 197 -5.60 -12.65 -13.81
N ALA D 198 -6.09 -12.26 -14.98
CA ALA D 198 -6.05 -10.88 -15.41
C ALA D 198 -7.48 -10.35 -15.33
N SER D 199 -7.70 -9.30 -14.55
CA SER D 199 -9.05 -8.75 -14.46
C SER D 199 -9.14 -7.23 -14.52
N LYS D 200 -10.32 -6.76 -14.87
CA LYS D 200 -10.64 -5.34 -14.85
C LYS D 200 -11.80 -5.14 -13.88
N HIS D 201 -11.60 -4.24 -12.94
CA HIS D 201 -12.64 -3.95 -11.98
C HIS D 201 -13.15 -2.52 -12.17
N ASP D 202 -14.45 -2.40 -12.33
CA ASP D 202 -15.12 -1.12 -12.47
C ASP D 202 -16.01 -0.92 -11.24
N PRO D 203 -15.54 -0.10 -10.30
CA PRO D 203 -16.17 0.04 -8.99
C PRO D 203 -17.53 0.73 -9.01
N LEU D 204 -17.86 1.40 -10.12
CA LEU D 204 -19.12 2.12 -10.23
C LEU D 204 -20.22 1.20 -10.72
N ALA D 205 -19.99 0.59 -11.87
CA ALA D 205 -20.85 -0.47 -12.37
C ALA D 205 -20.82 -1.73 -11.48
N GLN D 206 -19.81 -1.82 -10.61
CA GLN D 206 -19.56 -2.99 -9.78
C GLN D 206 -19.44 -4.30 -10.57
N THR D 207 -18.65 -4.25 -11.64
CA THR D 207 -18.39 -5.43 -12.46
C THR D 207 -16.95 -5.91 -12.32
N LEU D 208 -16.77 -7.22 -12.40
CA LEU D 208 -15.44 -7.79 -12.60
C LEU D 208 -15.47 -8.53 -13.91
N SER D 209 -14.52 -8.22 -14.76
CA SER D 209 -14.40 -8.89 -16.04
C SER D 209 -12.97 -9.42 -16.03
N ALA D 210 -12.82 -10.73 -16.17
CA ALA D 210 -11.50 -11.33 -16.03
C ALA D 210 -11.26 -12.47 -17.00
N HIS D 211 -10.00 -12.89 -17.07
CA HIS D 211 -9.59 -14.15 -17.70
C HIS D 211 -8.86 -14.98 -16.69
N HIS D 212 -9.31 -16.20 -16.48
CA HIS D 212 -8.51 -17.16 -15.77
C HIS D 212 -7.53 -17.74 -16.79
N ILE D 213 -6.24 -17.65 -16.48
CA ILE D 213 -5.17 -18.07 -17.39
C ILE D 213 -4.43 -19.30 -16.88
N VAL D 214 -4.27 -20.31 -17.73
CA VAL D 214 -3.44 -21.47 -17.36
C VAL D 214 -2.27 -21.52 -18.31
N LEU D 215 -1.07 -21.42 -17.75
CA LEU D 215 0.17 -21.59 -18.51
C LEU D 215 0.79 -22.93 -18.13
N SER D 216 1.15 -23.75 -19.10
CA SER D 216 1.64 -25.08 -18.79
C SER D 216 3.06 -25.25 -19.28
N GLU D 217 3.81 -26.17 -18.66
CA GLU D 217 5.23 -26.38 -18.95
C GLU D 217 5.54 -26.58 -20.44
N GLY D 218 4.74 -27.34 -21.16
CA GLY D 218 5.02 -27.45 -22.58
C GLY D 218 4.97 -26.13 -23.36
N GLY D 219 4.31 -25.12 -22.82
CA GLY D 219 4.11 -23.86 -23.55
C GLY D 219 2.68 -23.61 -23.98
N GLY D 220 1.75 -24.43 -23.50
CA GLY D 220 0.36 -24.25 -23.83
C GLY D 220 -0.28 -23.13 -23.01
N ILE D 221 -1.27 -22.48 -23.59
CA ILE D 221 -1.98 -21.40 -22.94
C ILE D 221 -3.49 -21.55 -23.11
N ARG D 222 -4.22 -21.57 -22.01
CA ARG D 222 -5.67 -21.59 -22.07
C ARG D 222 -6.18 -20.35 -21.37
N LEU D 223 -7.18 -19.71 -21.95
CA LEU D 223 -7.80 -18.54 -21.32
C LEU D 223 -9.26 -18.85 -21.04
N PHE D 224 -9.73 -18.49 -19.85
CA PHE D 224 -11.11 -18.75 -19.49
C PHE D 224 -11.78 -17.48 -18.97
N PRO D 225 -12.39 -16.69 -19.86
CA PRO D 225 -12.98 -15.42 -19.47
C PRO D 225 -14.26 -15.60 -18.67
N TYR D 226 -14.61 -14.58 -17.88
CA TYR D 226 -15.83 -14.58 -17.11
C TYR D 226 -16.14 -13.17 -16.59
N ARG D 227 -17.40 -12.93 -16.25
CA ARG D 227 -17.85 -11.60 -15.84
C ARG D 227 -18.80 -11.70 -14.66
N LEU D 228 -18.71 -10.75 -13.74
CA LEU D 228 -19.65 -10.70 -12.64
C LEU D 228 -20.09 -9.25 -12.40
N ARG D 229 -21.31 -9.08 -11.89
CA ARG D 229 -21.68 -7.84 -11.25
C ARG D 229 -22.04 -8.17 -9.83
N TYR D 230 -21.37 -7.53 -8.88
CA TYR D 230 -21.57 -7.85 -7.48
C TYR D 230 -22.39 -6.78 -6.80
N ALA D 231 -22.93 -7.10 -5.63
CA ALA D 231 -23.59 -6.06 -4.86
C ALA D 231 -23.08 -6.10 -3.44
N TYR D 232 -23.12 -4.96 -2.78
CA TYR D 232 -22.79 -4.89 -1.36
C TYR D 232 -23.96 -5.44 -0.57
N PRO D 233 -23.68 -6.02 0.60
CA PRO D 233 -24.75 -6.52 1.46
C PRO D 233 -25.96 -5.58 1.57
N ALA D 234 -25.73 -4.31 1.92
CA ALA D 234 -26.86 -3.38 2.14
C ALA D 234 -27.64 -3.11 0.86
N GLU D 235 -26.96 -3.17 -0.28
CA GLU D 235 -27.65 -3.02 -1.55
C GLU D 235 -28.43 -4.30 -1.84
N LEU D 236 -27.79 -5.44 -1.61
CA LEU D 236 -28.44 -6.73 -1.78
C LEU D 236 -29.72 -6.84 -0.95
N ASP D 237 -29.68 -6.41 0.30
CA ASP D 237 -30.87 -6.48 1.16
C ASP D 237 -31.99 -5.56 0.68
N LEU D 238 -31.64 -4.44 0.07
CA LEU D 238 -32.65 -3.53 -0.45
C LEU D 238 -33.20 -4.10 -1.76
N MET D 239 -32.36 -4.77 -2.53
CA MET D 239 -32.84 -5.51 -3.69
C MET D 239 -33.81 -6.62 -3.25
N ALA D 240 -33.40 -7.39 -2.25
CA ALA D 240 -34.27 -8.42 -1.72
C ALA D 240 -35.65 -7.85 -1.32
N ASN D 241 -35.67 -6.71 -0.63
CA ASN D 241 -36.93 -6.06 -0.22
C ASN D 241 -37.75 -5.63 -1.42
N VAL D 242 -37.12 -4.97 -2.37
CA VAL D 242 -37.85 -4.51 -3.53
C VAL D 242 -38.47 -5.72 -4.21
N ALA D 243 -37.82 -6.87 -4.06
CA ALA D 243 -38.25 -8.08 -4.74
C ALA D 243 -39.29 -8.85 -3.93
N GLY D 244 -39.62 -8.35 -2.75
CA GLY D 244 -40.59 -9.01 -1.87
C GLY D 244 -40.00 -9.95 -0.83
N LEU D 245 -38.68 -9.89 -0.64
CA LEU D 245 -38.00 -10.75 0.33
C LEU D 245 -37.41 -9.96 1.49
N GLU D 246 -37.11 -10.65 2.57
CA GLU D 246 -36.46 -10.04 3.75
C GLU D 246 -35.42 -11.00 4.35
N LEU D 247 -34.27 -10.45 4.69
CA LEU D 247 -33.18 -11.21 5.26
C LEU D 247 -33.55 -11.81 6.62
N VAL D 248 -33.22 -13.08 6.82
CA VAL D 248 -33.51 -13.76 8.07
C VAL D 248 -32.27 -14.34 8.74
N GLU D 249 -31.17 -14.46 7.98
CA GLU D 249 -29.87 -14.82 8.57
C GLU D 249 -28.71 -14.65 7.58
N ARG D 250 -27.52 -14.35 8.11
CA ARG D 250 -26.32 -14.21 7.29
C ARG D 250 -25.07 -14.84 7.94
N HIS D 251 -24.34 -15.64 7.17
CA HIS D 251 -23.10 -16.25 7.65
C HIS D 251 -21.97 -16.07 6.65
N ALA D 252 -20.75 -16.35 7.08
CA ALA D 252 -19.60 -16.30 6.20
C ALA D 252 -19.56 -17.51 5.26
N ASP D 253 -20.21 -18.59 5.64
CA ASP D 253 -20.15 -19.83 4.86
C ASP D 253 -21.29 -20.78 5.24
N PHE D 254 -21.28 -21.98 4.65
CA PHE D 254 -22.40 -22.92 4.86
C PHE D 254 -22.31 -23.67 6.17
N GLU D 255 -21.19 -23.53 6.86
CA GLU D 255 -21.05 -24.12 8.19
C GLU D 255 -21.51 -23.12 9.25
N ARG D 256 -21.99 -21.97 8.79
CA ARG D 256 -22.61 -20.97 9.66
C ARG D 256 -21.63 -20.17 10.53
N ARG D 257 -20.39 -20.05 10.09
CA ARG D 257 -19.41 -19.20 10.76
C ARG D 257 -19.88 -17.76 10.76
N ARG D 258 -19.35 -16.97 11.71
CA ARG D 258 -19.76 -15.58 11.84
C ARG D 258 -19.38 -14.80 10.59
N PHE D 259 -20.34 -14.04 10.06
CA PHE D 259 -20.07 -13.15 8.96
C PHE D 259 -19.61 -11.81 9.48
N ASP D 260 -18.49 -11.32 8.96
CA ASP D 260 -18.07 -9.96 9.31
C ASP D 260 -17.36 -9.27 8.15
N ALA D 261 -16.89 -8.05 8.40
CA ALA D 261 -16.31 -7.23 7.35
C ALA D 261 -15.21 -7.95 6.55
N SER D 262 -14.44 -8.81 7.22
CA SER D 262 -13.29 -9.44 6.59
C SER D 262 -13.63 -10.79 5.96
N SER D 263 -14.90 -11.18 6.01
CA SER D 263 -15.34 -12.40 5.35
C SER D 263 -15.28 -12.22 3.84
N ARG D 264 -14.71 -13.20 3.14
CA ARG D 264 -14.61 -13.13 1.69
C ARG D 264 -15.96 -13.39 1.00
N TYR D 265 -16.79 -14.20 1.64
CA TYR D 265 -18.12 -14.47 1.08
C TYR D 265 -19.18 -14.30 2.15
N HIS D 266 -20.44 -14.26 1.73
CA HIS D 266 -21.52 -14.43 2.67
C HIS D 266 -22.53 -15.42 2.12
N VAL D 267 -23.20 -16.10 3.05
CA VAL D 267 -24.32 -16.93 2.70
C VAL D 267 -25.53 -16.24 3.32
N SER D 268 -26.46 -15.82 2.47
CA SER D 268 -27.64 -15.08 2.95
C SER D 268 -28.93 -15.85 2.71
N VAL D 269 -29.79 -15.84 3.72
CA VAL D 269 -31.06 -16.54 3.66
C VAL D 269 -32.23 -15.57 3.72
N TYR D 270 -33.14 -15.65 2.76
CA TYR D 270 -34.27 -14.73 2.69
C TYR D 270 -35.62 -15.45 2.73
N ARG D 271 -36.62 -14.80 3.32
CA ARG D 271 -38.01 -15.26 3.31
C ARG D 271 -38.87 -14.28 2.53
N ALA D 272 -40.06 -14.74 2.14
CA ALA D 272 -41.08 -13.85 1.60
C ALA D 272 -41.48 -12.84 2.67
N ALA D 273 -42.01 -11.70 2.24
CA ALA D 273 -42.55 -10.71 3.17
C ALA D 273 -44.06 -10.62 3.01
N GLU E 39 23.86 -18.55 -15.07
CA GLU E 39 23.87 -18.33 -16.55
C GLU E 39 22.69 -17.48 -17.04
N TRP E 40 21.72 -17.25 -16.16
CA TRP E 40 20.60 -16.36 -16.46
C TRP E 40 20.94 -14.90 -16.22
N PRO E 41 20.31 -13.99 -16.98
CA PRO E 41 20.65 -12.57 -16.93
C PRO E 41 20.25 -11.90 -15.62
N GLY E 42 20.88 -10.76 -15.36
CA GLY E 42 20.57 -9.93 -14.20
C GLY E 42 20.04 -10.65 -12.97
N ASP E 43 18.83 -10.28 -12.57
CA ASP E 43 18.25 -10.78 -11.32
C ASP E 43 17.68 -12.20 -11.41
N ALA E 44 17.54 -12.72 -12.64
CA ALA E 44 17.04 -14.07 -12.85
C ALA E 44 18.13 -15.06 -12.47
N GLY E 45 19.36 -14.74 -12.85
CA GLY E 45 20.52 -15.56 -12.56
C GLY E 45 20.78 -15.65 -11.08
N PRO E 46 21.90 -16.28 -10.70
CA PRO E 46 22.22 -16.46 -9.29
C PRO E 46 22.97 -15.22 -8.79
N PRO E 47 23.10 -15.09 -7.47
CA PRO E 47 23.78 -13.89 -6.97
C PRO E 47 25.23 -13.88 -7.42
N PRO E 48 25.76 -12.69 -7.74
CA PRO E 48 27.08 -12.59 -8.33
C PRO E 48 28.19 -12.49 -7.28
N ASP E 49 27.96 -13.08 -6.11
CA ASP E 49 28.85 -12.91 -4.99
C ASP E 49 29.64 -14.17 -4.68
N GLY E 50 29.72 -15.08 -5.64
CA GLY E 50 30.48 -16.32 -5.48
C GLY E 50 31.90 -16.11 -4.96
N ARG E 51 32.66 -15.26 -5.66
CA ARG E 51 34.03 -14.95 -5.23
C ARG E 51 34.09 -14.38 -3.82
N GLU E 52 33.21 -13.43 -3.52
CA GLU E 52 33.16 -12.85 -2.19
C GLU E 52 32.85 -13.91 -1.15
N ALA E 53 32.00 -14.87 -1.50
CA ALA E 53 31.63 -15.91 -0.57
C ALA E 53 32.83 -16.80 -0.29
N ALA E 54 33.63 -17.02 -1.33
CA ALA E 54 34.80 -17.87 -1.18
C ALA E 54 35.84 -17.21 -0.28
N LEU E 55 36.11 -15.93 -0.50
CA LEU E 55 37.08 -15.22 0.34
C LEU E 55 36.67 -15.26 1.80
N PHE E 56 35.38 -15.05 2.04
CA PHE E 56 34.85 -15.03 3.39
C PHE E 56 34.98 -16.41 4.04
N VAL E 57 34.61 -17.46 3.32
CA VAL E 57 34.75 -18.80 3.85
C VAL E 57 36.22 -19.19 4.06
N ALA E 58 37.09 -18.81 3.14
CA ALA E 58 38.52 -19.16 3.25
C ALA E 58 39.19 -18.54 4.47
N ALA E 59 38.77 -17.34 4.84
CA ALA E 59 39.33 -16.66 5.99
C ALA E 59 38.98 -17.39 7.29
N LEU E 60 37.89 -18.15 7.24
CA LEU E 60 37.43 -18.93 8.38
C LEU E 60 37.97 -20.36 8.33
N ALA E 61 38.35 -20.81 7.14
CA ALA E 61 38.89 -22.15 6.96
C ALA E 61 40.24 -22.22 7.66
N ALA E 62 40.93 -23.34 7.50
CA ALA E 62 42.17 -23.55 8.21
C ALA E 62 42.81 -24.89 7.84
N ALA E 63 43.41 -24.95 6.65
CA ALA E 63 44.18 -26.14 6.26
C ALA E 63 43.54 -27.42 6.82
N ARG E 64 42.33 -27.69 6.34
CA ARG E 64 41.48 -28.81 6.74
C ARG E 64 40.11 -28.48 6.12
N PRO E 65 39.51 -29.45 5.42
CA PRO E 65 38.52 -29.13 4.39
C PRO E 65 37.25 -28.41 4.85
N VAL E 66 36.60 -27.76 3.90
CA VAL E 66 35.31 -27.13 4.15
C VAL E 66 34.26 -27.99 3.48
N LEU E 67 33.04 -27.96 4.01
CA LEU E 67 31.92 -28.71 3.46
C LEU E 67 30.86 -27.74 3.01
N GLU E 68 30.61 -27.69 1.72
CA GLU E 68 29.51 -26.88 1.21
C GLU E 68 28.26 -27.75 1.05
N LEU E 69 27.17 -27.34 1.67
CA LEU E 69 25.88 -28.00 1.46
C LEU E 69 25.18 -27.30 0.29
N GLY E 70 24.71 -28.08 -0.68
CA GLY E 70 24.12 -27.50 -1.88
C GLY E 70 25.17 -26.80 -2.73
N VAL E 71 26.17 -27.55 -3.16
CA VAL E 71 27.28 -26.96 -3.92
C VAL E 71 26.92 -26.59 -5.36
N GLY E 72 25.80 -27.11 -5.87
CA GLY E 72 25.37 -26.81 -7.23
C GLY E 72 26.43 -27.09 -8.28
N THR E 73 26.68 -26.12 -9.16
CA THR E 73 27.74 -26.25 -10.17
C THR E 73 29.05 -25.58 -9.79
N GLY E 74 29.29 -25.38 -8.51
CA GLY E 74 30.58 -24.86 -8.05
C GLY E 74 30.73 -23.35 -7.98
N ARG E 75 29.61 -22.64 -7.99
CA ARG E 75 29.65 -21.18 -7.93
C ARG E 75 30.58 -20.67 -6.80
N VAL E 76 30.72 -21.45 -5.74
CA VAL E 76 31.61 -21.07 -4.65
C VAL E 76 32.79 -22.03 -4.50
N ALA E 77 32.57 -23.31 -4.80
CA ALA E 77 33.60 -24.32 -4.61
C ALA E 77 34.85 -24.05 -5.45
N PHE E 78 34.67 -23.53 -6.66
CA PHE E 78 35.80 -23.31 -7.54
C PHE E 78 36.63 -22.08 -7.14
N PRO E 79 35.99 -20.92 -6.98
CA PRO E 79 36.72 -19.81 -6.39
C PRO E 79 37.47 -20.25 -5.12
N LEU E 80 36.86 -21.11 -4.32
CA LEU E 80 37.54 -21.64 -3.14
C LEU E 80 38.76 -22.48 -3.48
N ALA E 81 38.68 -23.25 -4.56
CA ALA E 81 39.80 -24.09 -4.95
C ALA E 81 40.97 -23.25 -5.47
N ASP E 82 40.66 -22.05 -5.95
CA ASP E 82 41.69 -21.14 -6.43
C ASP E 82 42.54 -20.60 -5.29
N LEU E 83 41.99 -20.60 -4.08
CA LEU E 83 42.72 -20.21 -2.89
C LEU E 83 43.30 -21.44 -2.20
N GLY E 84 43.34 -22.56 -2.93
CA GLY E 84 43.94 -23.78 -2.41
C GLY E 84 43.14 -24.44 -1.29
N VAL E 85 41.88 -24.04 -1.11
CA VAL E 85 41.03 -24.65 -0.08
C VAL E 85 40.30 -25.88 -0.61
N GLU E 86 40.41 -27.00 0.09
CA GLU E 86 39.72 -28.23 -0.32
C GLU E 86 38.24 -28.19 0.05
N VAL E 87 37.38 -28.44 -0.93
CA VAL E 87 35.94 -28.41 -0.71
C VAL E 87 35.26 -29.75 -0.98
N HIS E 88 34.55 -30.26 0.01
CA HIS E 88 33.66 -31.39 -0.15
C HIS E 88 32.25 -30.84 -0.36
N GLY E 89 31.67 -31.08 -1.54
CA GLY E 89 30.41 -30.46 -1.91
C GLY E 89 29.24 -31.44 -1.98
N VAL E 90 28.19 -31.15 -1.22
CA VAL E 90 27.06 -32.06 -1.13
C VAL E 90 25.90 -31.64 -2.01
N GLU E 91 25.38 -32.58 -2.79
CA GLU E 91 24.17 -32.40 -3.57
C GLU E 91 23.34 -33.67 -3.51
N SER E 92 22.06 -33.55 -3.84
CA SER E 92 21.20 -34.72 -3.99
C SER E 92 20.89 -34.89 -5.46
N SER E 93 20.80 -33.77 -6.17
CA SER E 93 20.54 -33.73 -7.60
C SER E 93 21.73 -34.26 -8.40
N GLU E 94 21.69 -35.55 -8.72
CA GLU E 94 22.78 -36.18 -9.47
C GLU E 94 23.14 -35.42 -10.74
N PRO E 95 22.14 -34.82 -11.41
CA PRO E 95 22.36 -34.02 -12.62
C PRO E 95 23.46 -32.96 -12.44
N MET E 96 23.33 -32.13 -11.40
CA MET E 96 24.33 -31.09 -11.15
C MET E 96 25.65 -31.67 -10.63
N LEU E 97 25.57 -32.80 -9.93
CA LEU E 97 26.77 -33.46 -9.43
C LEU E 97 27.57 -34.06 -10.59
N ASP E 98 26.86 -34.57 -11.59
CA ASP E 98 27.51 -35.04 -12.82
C ASP E 98 28.11 -33.85 -13.56
N LYS E 99 27.43 -32.71 -13.48
CA LYS E 99 27.91 -31.50 -14.14
C LYS E 99 29.05 -30.85 -13.37
N LEU E 100 29.02 -30.99 -12.04
CA LEU E 100 30.13 -30.51 -11.22
C LEU E 100 31.39 -31.30 -11.56
N ARG E 101 31.26 -32.63 -11.59
CA ARG E 101 32.39 -33.51 -11.92
C ARG E 101 33.02 -33.13 -13.25
N GLU E 102 32.19 -32.64 -14.18
CA GLU E 102 32.64 -32.34 -15.54
C GLU E 102 33.40 -31.01 -15.57
N LYS E 103 32.93 -30.03 -14.82
CA LYS E 103 33.66 -28.77 -14.72
C LYS E 103 34.95 -28.94 -13.91
N ALA E 104 34.96 -29.91 -13.01
CA ALA E 104 36.11 -30.17 -12.13
C ALA E 104 37.24 -30.92 -12.83
N ALA E 105 36.90 -31.65 -13.88
CA ALA E 105 37.91 -32.37 -14.66
C ALA E 105 38.59 -31.41 -15.62
N ALA E 106 37.89 -30.33 -15.98
CA ALA E 106 38.42 -29.33 -16.90
C ALA E 106 38.88 -28.08 -16.17
N HIS E 107 38.88 -28.13 -14.83
CA HIS E 107 39.35 -27.01 -14.03
C HIS E 107 40.74 -27.29 -13.48
N PRO E 108 41.61 -26.25 -13.51
CA PRO E 108 43.01 -26.37 -13.10
C PRO E 108 43.13 -26.82 -11.64
N ASN E 109 42.08 -26.63 -10.86
CA ASN E 109 42.14 -26.97 -9.45
C ASN E 109 40.98 -27.85 -9.00
N GLY E 110 40.41 -28.56 -9.95
CA GLY E 110 39.33 -29.50 -9.69
C GLY E 110 39.64 -30.57 -8.66
N ASN E 111 40.91 -30.98 -8.57
CA ASN E 111 41.28 -31.99 -7.58
C ASN E 111 40.97 -31.55 -6.14
N LEU E 112 40.63 -30.27 -5.98
CA LEU E 112 40.33 -29.73 -4.66
C LEU E 112 38.83 -29.76 -4.38
N VAL E 113 38.04 -30.07 -5.40
CA VAL E 113 36.59 -30.08 -5.26
C VAL E 113 36.07 -31.51 -5.22
N VAL E 114 35.75 -31.98 -4.02
CA VAL E 114 35.29 -33.34 -3.84
C VAL E 114 33.77 -33.41 -3.79
N PRO E 115 33.15 -33.98 -4.83
CA PRO E 115 31.71 -34.07 -4.93
C PRO E 115 31.17 -35.24 -4.13
N VAL E 116 30.14 -34.99 -3.34
CA VAL E 116 29.49 -36.01 -2.55
C VAL E 116 28.00 -36.10 -2.92
N LEU E 117 27.58 -37.27 -3.41
CA LEU E 117 26.21 -37.45 -3.88
C LEU E 117 25.23 -37.87 -2.77
N GLY E 118 24.08 -37.22 -2.73
CA GLY E 118 23.01 -37.63 -1.83
C GLY E 118 22.45 -36.56 -0.90
N ASN E 119 21.34 -36.91 -0.26
CA ASN E 119 20.69 -36.07 0.75
C ASN E 119 21.62 -35.87 1.94
N PHE E 120 21.55 -34.70 2.57
CA PHE E 120 22.35 -34.49 3.77
C PHE E 120 21.84 -35.25 4.98
N ALA E 121 20.52 -35.29 5.12
CA ALA E 121 19.91 -35.93 6.28
C ALA E 121 20.36 -37.39 6.41
N LYS E 122 20.64 -38.03 5.28
CA LYS E 122 20.97 -39.45 5.24
C LYS E 122 22.46 -39.74 5.10
N LEU E 123 23.23 -38.79 4.60
CA LEU E 123 24.65 -39.01 4.37
C LEU E 123 25.52 -39.06 5.64
N ASP E 124 26.07 -40.24 5.89
CA ASP E 124 26.98 -40.45 7.00
C ASP E 124 28.42 -40.20 6.52
N LEU E 125 29.00 -39.09 6.96
CA LEU E 125 30.33 -38.69 6.47
C LEU E 125 31.50 -39.25 7.30
N GLY E 126 31.20 -40.05 8.31
CA GLY E 126 32.22 -40.76 9.08
C GLY E 126 33.12 -39.92 9.97
N GLU E 127 34.40 -40.28 10.00
CA GLU E 127 35.39 -39.65 10.87
C GLU E 127 35.81 -38.25 10.42
N GLN E 128 35.62 -37.94 9.15
CA GLN E 128 36.07 -36.66 8.59
C GLN E 128 35.46 -35.46 9.30
N ARG E 129 36.29 -34.45 9.57
CA ARG E 129 35.84 -33.22 10.22
C ARG E 129 36.25 -32.01 9.40
N TYR E 130 35.53 -30.91 9.60
CA TYR E 130 35.70 -29.75 8.76
C TYR E 130 35.95 -28.48 9.55
N SER E 131 36.76 -27.59 9.00
CA SER E 131 36.96 -26.29 9.62
C SER E 131 35.75 -25.39 9.38
N VAL E 132 35.09 -25.57 8.25
CA VAL E 132 33.91 -24.80 7.94
C VAL E 132 32.84 -25.65 7.25
N VAL E 133 31.60 -25.54 7.69
CA VAL E 133 30.48 -26.08 6.94
C VAL E 133 29.59 -24.91 6.58
N PHE E 134 29.25 -24.77 5.31
CA PHE E 134 28.43 -23.62 4.95
C PHE E 134 27.36 -23.91 3.94
N ALA E 135 26.33 -23.09 3.99
CA ALA E 135 25.20 -23.21 3.13
C ALA E 135 24.88 -21.82 2.62
N ALA E 136 25.17 -21.59 1.35
CA ALA E 136 24.94 -20.30 0.70
C ALA E 136 23.53 -20.13 0.15
N PHE E 137 23.22 -18.90 -0.24
CA PHE E 137 21.96 -18.53 -0.86
C PHE E 137 20.79 -19.44 -0.53
N ASN E 138 20.35 -19.42 0.72
CA ASN E 138 19.10 -20.04 1.12
C ASN E 138 19.07 -21.55 1.20
N THR E 139 20.21 -22.19 1.02
CA THR E 139 20.23 -23.64 1.03
C THR E 139 19.57 -24.23 2.28
N LEU E 140 19.87 -23.66 3.44
CA LEU E 140 19.28 -24.10 4.68
C LEU E 140 17.76 -24.02 4.66
N PHE E 141 17.22 -23.07 3.91
CA PHE E 141 15.78 -22.88 3.83
C PHE E 141 15.11 -23.79 2.81
N CYS E 142 15.91 -24.62 2.15
CA CYS E 142 15.35 -25.63 1.26
C CYS E 142 14.75 -26.79 2.04
N LEU E 143 15.21 -26.96 3.28
CA LEU E 143 14.60 -27.93 4.20
C LEU E 143 13.27 -27.36 4.73
N LEU E 144 12.17 -28.06 4.49
CA LEU E 144 10.87 -27.43 4.67
C LEU E 144 10.27 -27.53 6.05
N GLY E 145 11.06 -27.30 7.08
CA GLY E 145 10.52 -27.28 8.43
C GLY E 145 11.54 -26.85 9.46
N GLN E 146 11.08 -26.19 10.51
CA GLN E 146 11.96 -25.81 11.61
C GLN E 146 12.76 -27.03 12.11
N ASP E 147 12.08 -28.16 12.28
CA ASP E 147 12.73 -29.37 12.81
C ASP E 147 13.85 -29.89 11.93
N GLU E 148 13.62 -29.99 10.62
CA GLU E 148 14.65 -30.48 9.71
C GLU E 148 15.82 -29.52 9.75
N GLN E 149 15.53 -28.23 9.95
CA GLN E 149 16.59 -27.24 9.88
C GLN E 149 17.49 -27.35 11.11
N ILE E 150 16.88 -27.47 12.28
CA ILE E 150 17.61 -27.78 13.48
C ILE E 150 18.46 -29.04 13.30
N ASP E 151 17.86 -30.11 12.79
CA ASP E 151 18.60 -31.36 12.54
C ASP E 151 19.82 -31.16 11.65
N CYS E 152 19.66 -30.36 10.59
CA CYS E 152 20.76 -30.06 9.70
C CYS E 152 21.87 -29.30 10.44
N MET E 153 21.50 -28.23 11.14
CA MET E 153 22.45 -27.48 11.93
C MET E 153 23.20 -28.38 12.89
N ARG E 154 22.47 -29.25 13.57
CA ARG E 154 23.11 -30.19 14.50
C ARG E 154 24.09 -31.12 13.76
N GLN E 155 23.67 -31.69 12.64
CA GLN E 155 24.56 -32.54 11.88
C GLN E 155 25.82 -31.75 11.55
N ALA E 156 25.64 -30.46 11.24
CA ALA E 156 26.80 -29.61 10.92
C ALA E 156 27.74 -29.46 12.12
N ARG E 157 27.15 -29.10 13.27
CA ARG E 157 27.93 -28.94 14.48
C ARG E 157 28.80 -30.16 14.77
N GLU E 158 28.27 -31.34 14.48
CA GLU E 158 28.97 -32.56 14.85
C GLU E 158 30.13 -32.86 13.89
N LEU E 159 30.10 -32.20 12.73
CA LEU E 159 31.14 -32.37 11.72
C LEU E 159 32.28 -31.34 11.84
N LEU E 160 32.05 -30.30 12.63
CA LEU E 160 33.05 -29.26 12.84
C LEU E 160 34.19 -29.76 13.71
N GLU E 161 35.41 -29.40 13.33
CA GLU E 161 36.54 -29.56 14.22
C GLU E 161 36.37 -28.52 15.31
N PRO E 162 37.13 -28.66 16.41
CA PRO E 162 37.22 -27.65 17.47
C PRO E 162 37.56 -26.27 16.90
N GLY E 163 36.76 -25.26 17.26
CA GLY E 163 36.93 -23.92 16.71
C GLY E 163 36.37 -23.78 15.30
N GLY E 164 35.90 -24.86 14.71
CA GLY E 164 35.26 -24.83 13.40
C GLY E 164 33.98 -24.00 13.39
N THR E 165 33.51 -23.59 12.22
CA THR E 165 32.33 -22.73 12.11
C THR E 165 31.34 -23.20 11.08
N PHE E 166 30.10 -22.76 11.27
CA PHE E 166 29.01 -23.05 10.38
C PHE E 166 28.47 -21.72 9.88
N VAL E 167 28.46 -21.56 8.57
CA VAL E 167 28.10 -20.30 7.96
C VAL E 167 26.87 -20.47 7.09
N VAL E 168 25.89 -19.59 7.23
CA VAL E 168 24.72 -19.65 6.36
C VAL E 168 24.38 -18.29 5.79
N GLN E 169 23.88 -18.29 4.56
CA GLN E 169 23.38 -17.09 3.94
C GLN E 169 21.90 -17.27 3.63
N CYS E 170 21.04 -16.49 4.28
CA CYS E 170 19.59 -16.67 4.21
C CYS E 170 18.87 -15.35 3.99
N LEU E 171 17.74 -15.41 3.28
CA LEU E 171 16.89 -14.23 3.12
C LEU E 171 16.53 -13.69 4.50
N ASN E 172 16.42 -12.37 4.59
CA ASN E 172 16.03 -11.73 5.83
C ASN E 172 14.62 -11.17 5.70
N PRO E 173 13.66 -11.82 6.34
CA PRO E 173 12.24 -11.52 6.18
C PRO E 173 11.90 -10.04 6.42
N ALA E 174 12.41 -9.45 7.49
CA ALA E 174 12.13 -8.03 7.74
C ALA E 174 12.45 -7.18 6.55
N GLY E 175 13.59 -7.43 5.93
CA GLY E 175 14.05 -6.59 4.81
C GLY E 175 13.43 -6.96 3.47
N GLN E 176 12.90 -8.17 3.37
CA GLN E 176 12.29 -8.62 2.13
C GLN E 176 10.84 -8.13 2.00
N ARG E 177 10.24 -7.68 3.09
CA ARG E 177 8.86 -7.18 3.04
C ARG E 177 7.95 -8.03 2.14
N LEU E 178 7.71 -9.28 2.53
CA LEU E 178 6.94 -10.25 1.75
C LEU E 178 5.46 -10.15 2.01
N ALA E 179 4.69 -9.82 0.97
CA ALA E 179 3.24 -9.78 1.10
C ALA E 179 2.66 -11.13 1.51
N THR E 180 1.54 -11.08 2.21
CA THR E 180 0.84 -12.26 2.61
C THR E 180 0.06 -12.78 1.42
N GLY E 181 -0.08 -14.09 1.34
CA GLY E 181 -0.88 -14.68 0.29
C GLY E 181 -0.15 -14.70 -1.02
N ASN E 182 -0.91 -14.68 -2.10
CA ASN E 182 -0.36 -14.83 -3.44
C ASN E 182 0.15 -13.50 -4.02
N THR E 183 1.20 -13.57 -4.83
CA THR E 183 1.69 -12.40 -5.54
C THR E 183 2.18 -12.81 -6.93
N PHE E 184 2.33 -11.83 -7.83
CA PHE E 184 2.92 -12.08 -9.15
C PHE E 184 3.74 -10.88 -9.51
N GLY E 185 4.94 -11.11 -10.01
CA GLY E 185 5.86 -10.00 -10.25
C GLY E 185 6.85 -10.25 -11.37
N THR E 186 7.50 -9.17 -11.78
CA THR E 186 8.55 -9.25 -12.78
C THR E 186 9.88 -9.45 -12.07
N VAL E 187 10.60 -10.49 -12.45
CA VAL E 187 11.92 -10.72 -11.91
C VAL E 187 13.02 -10.01 -12.73
N GLU E 188 12.94 -10.11 -14.06
CA GLU E 188 13.96 -9.57 -14.96
C GLU E 188 13.45 -9.48 -16.40
N LEU E 189 14.09 -8.65 -17.22
CA LEU E 189 13.74 -8.55 -18.63
C LEU E 189 14.95 -8.80 -19.50
N GLU E 190 14.74 -9.43 -20.65
CA GLU E 190 15.75 -9.56 -21.69
C GLU E 190 15.08 -9.15 -22.99
N ASP E 191 15.88 -8.98 -24.04
CA ASP E 191 15.36 -8.59 -25.34
C ASP E 191 14.25 -9.54 -25.82
N THR E 192 14.46 -10.85 -25.67
CA THR E 192 13.55 -11.82 -26.26
C THR E 192 12.81 -12.64 -25.21
N ALA E 193 12.93 -12.27 -23.95
CA ALA E 193 12.27 -13.04 -22.91
C ALA E 193 12.05 -12.23 -21.63
N VAL E 194 11.01 -12.58 -20.89
CA VAL E 194 10.79 -11.97 -19.59
C VAL E 194 10.85 -13.06 -18.56
N HIS E 195 11.41 -12.73 -17.40
CA HIS E 195 11.40 -13.63 -16.25
C HIS E 195 10.38 -13.11 -15.24
N LEU E 196 9.43 -13.96 -14.90
CA LEU E 196 8.37 -13.59 -13.97
C LEU E 196 8.35 -14.55 -12.79
N GLU E 197 7.55 -14.22 -11.79
CA GLU E 197 7.44 -15.08 -10.62
C GLU E 197 6.03 -15.08 -10.07
N ALA E 198 5.48 -16.27 -9.88
CA ALA E 198 4.20 -16.43 -9.19
C ALA E 198 4.49 -17.15 -7.90
N SER E 199 4.05 -16.59 -6.77
CA SER E 199 4.35 -17.23 -5.51
C SER E 199 3.20 -17.21 -4.52
N LYS E 200 3.29 -18.13 -3.55
CA LYS E 200 2.33 -18.23 -2.48
C LYS E 200 3.06 -18.13 -1.16
N HIS E 201 2.73 -17.10 -0.40
CA HIS E 201 3.40 -16.89 0.87
C HIS E 201 2.48 -17.17 2.05
N ASP E 202 2.88 -18.12 2.88
CA ASP E 202 2.18 -18.38 4.12
C ASP E 202 3.02 -17.87 5.30
N PRO E 203 2.61 -16.73 5.89
CA PRO E 203 3.40 -16.10 6.94
C PRO E 203 3.38 -16.83 8.30
N LEU E 204 2.42 -17.72 8.55
CA LEU E 204 2.42 -18.49 9.80
C LEU E 204 3.38 -19.64 9.72
N ALA E 205 3.30 -20.37 8.62
CA ALA E 205 4.17 -21.51 8.38
C ALA E 205 5.53 -21.01 7.93
N GLN E 206 5.60 -19.74 7.55
CA GLN E 206 6.83 -19.17 7.03
C GLN E 206 7.36 -19.93 5.80
N THR E 207 6.45 -20.25 4.89
CA THR E 207 6.82 -20.94 3.64
C THR E 207 6.57 -20.06 2.45
N LEU E 208 7.42 -20.25 1.43
CA LEU E 208 7.23 -19.66 0.11
C LEU E 208 7.20 -20.79 -0.87
N SER E 209 6.16 -20.84 -1.69
CA SER E 209 6.11 -21.77 -2.79
C SER E 209 5.90 -20.96 -4.05
N ALA E 210 6.74 -21.19 -5.04
CA ALA E 210 6.74 -20.33 -6.21
C ALA E 210 7.14 -21.04 -7.50
N HIS E 211 6.95 -20.34 -8.62
CA HIS E 211 7.45 -20.75 -9.92
C HIS E 211 8.20 -19.56 -10.48
N HIS E 212 9.47 -19.75 -10.84
CA HIS E 212 10.13 -18.81 -11.73
C HIS E 212 9.61 -19.14 -13.12
N ILE E 213 9.11 -18.12 -13.83
CA ILE E 213 8.52 -18.31 -15.14
C ILE E 213 9.32 -17.55 -16.18
N VAL E 214 9.67 -18.23 -17.26
CA VAL E 214 10.35 -17.61 -18.39
C VAL E 214 9.42 -17.71 -19.59
N LEU E 215 9.01 -16.56 -20.13
CA LEU E 215 8.23 -16.48 -21.35
C LEU E 215 9.07 -15.93 -22.49
N SER E 216 9.06 -16.59 -23.65
CA SER E 216 9.98 -16.25 -24.73
C SER E 216 9.26 -15.86 -26.01
N GLU E 217 9.87 -14.98 -26.80
CA GLU E 217 9.21 -14.40 -27.95
C GLU E 217 8.50 -15.41 -28.86
N GLY E 218 9.07 -16.61 -29.03
CA GLY E 218 8.41 -17.60 -29.87
C GLY E 218 7.17 -18.31 -29.33
N GLY E 219 6.77 -18.01 -28.11
CA GLY E 219 5.64 -18.69 -27.46
C GLY E 219 6.07 -19.71 -26.41
N GLY E 220 7.36 -19.71 -26.06
CA GLY E 220 7.91 -20.70 -25.14
C GLY E 220 7.58 -20.38 -23.71
N ILE E 221 7.32 -21.41 -22.91
CA ILE E 221 7.02 -21.23 -21.49
C ILE E 221 7.85 -22.22 -20.68
N ARG E 222 8.70 -21.72 -19.78
CA ARG E 222 9.42 -22.63 -18.88
C ARG E 222 9.07 -22.30 -17.44
N LEU E 223 8.68 -23.32 -16.68
CA LEU E 223 8.33 -23.16 -15.27
C LEU E 223 9.40 -23.77 -14.38
N PHE E 224 9.83 -23.04 -13.37
CA PHE E 224 10.80 -23.61 -12.44
C PHE E 224 10.30 -23.44 -11.01
N PRO E 225 9.66 -24.49 -10.48
CA PRO E 225 9.07 -24.51 -9.15
C PRO E 225 10.11 -24.57 -8.05
N TYR E 226 9.84 -23.94 -6.93
CA TYR E 226 10.69 -24.11 -5.75
C TYR E 226 9.92 -23.77 -4.46
N ARG E 227 10.42 -24.26 -3.33
CA ARG E 227 9.80 -24.00 -2.04
C ARG E 227 10.87 -23.61 -1.02
N LEU E 228 10.52 -22.72 -0.10
CA LEU E 228 11.39 -22.42 1.03
C LEU E 228 10.59 -22.40 2.33
N ARG E 229 11.25 -22.70 3.44
CA ARG E 229 10.73 -22.31 4.73
C ARG E 229 11.78 -21.46 5.35
N TYR E 230 11.45 -20.21 5.67
CA TYR E 230 12.44 -19.31 6.22
C TYR E 230 12.30 -19.20 7.73
N ALA E 231 13.32 -18.64 8.37
CA ALA E 231 13.27 -18.32 9.79
C ALA E 231 13.74 -16.89 9.99
N TYR E 232 13.17 -16.21 10.97
CA TYR E 232 13.67 -14.91 11.37
C TYR E 232 14.99 -15.09 12.11
N PRO E 233 15.81 -14.06 12.13
CA PRO E 233 17.09 -14.14 12.83
C PRO E 233 16.96 -14.63 14.28
N ALA E 234 16.04 -14.07 15.06
CA ALA E 234 16.01 -14.49 16.45
C ALA E 234 15.67 -15.99 16.53
N GLU E 235 14.71 -16.42 15.72
CA GLU E 235 14.33 -17.83 15.67
C GLU E 235 15.53 -18.68 15.29
N LEU E 236 16.22 -18.24 14.25
CA LEU E 236 17.37 -18.95 13.73
C LEU E 236 18.44 -19.13 14.79
N ASP E 237 18.68 -18.09 15.57
CA ASP E 237 19.70 -18.16 16.62
C ASP E 237 19.27 -19.14 17.69
N LEU E 238 17.97 -19.19 17.97
CA LEU E 238 17.49 -20.10 19.00
C LEU E 238 17.58 -21.55 18.47
N MET E 239 17.32 -21.73 17.19
CA MET E 239 17.53 -23.02 16.55
C MET E 239 19.00 -23.42 16.70
N ALA E 240 19.89 -22.50 16.39
CA ALA E 240 21.31 -22.77 16.52
C ALA E 240 21.64 -23.25 17.93
N ASN E 241 21.11 -22.54 18.93
CA ASN E 241 21.35 -22.94 20.31
C ASN E 241 20.90 -24.37 20.52
N VAL E 242 19.69 -24.68 20.06
CA VAL E 242 19.16 -26.01 20.27
C VAL E 242 20.07 -27.07 19.66
N ALA E 243 20.73 -26.72 18.55
CA ALA E 243 21.67 -27.61 17.89
C ALA E 243 23.10 -27.54 18.44
N GLY E 244 23.28 -26.89 19.59
CA GLY E 244 24.62 -26.79 20.16
C GLY E 244 25.53 -25.75 19.53
N LEU E 245 24.95 -24.77 18.83
CA LEU E 245 25.75 -23.69 18.22
C LEU E 245 25.44 -22.32 18.84
N GLU E 246 26.40 -21.39 18.75
CA GLU E 246 26.16 -20.00 19.18
C GLU E 246 26.62 -19.00 18.11
N LEU E 247 25.81 -17.97 17.90
CA LEU E 247 26.11 -16.93 16.92
C LEU E 247 27.37 -16.16 17.31
N VAL E 248 28.34 -16.07 16.40
CA VAL E 248 29.52 -15.24 16.69
C VAL E 248 29.59 -13.97 15.83
N GLU E 249 28.96 -13.99 14.65
CA GLU E 249 28.85 -12.78 13.86
C GLU E 249 27.73 -12.82 12.82
N ARG E 250 27.18 -11.64 12.51
CA ARG E 250 26.18 -11.49 11.48
C ARG E 250 26.46 -10.30 10.58
N HIS E 251 26.43 -10.51 9.27
CA HIS E 251 26.61 -9.43 8.30
C HIS E 251 25.44 -9.38 7.31
N ALA E 252 25.40 -8.36 6.47
CA ALA E 252 24.38 -8.28 5.42
C ALA E 252 24.76 -9.14 4.22
N ASP E 253 26.06 -9.38 4.06
CA ASP E 253 26.59 -10.05 2.88
C ASP E 253 28.01 -10.52 3.13
N PHE E 254 28.60 -11.22 2.17
CA PHE E 254 29.96 -11.76 2.33
C PHE E 254 31.07 -10.70 2.31
N GLU E 255 30.73 -9.44 2.07
CA GLU E 255 31.72 -8.37 2.16
C GLU E 255 31.64 -7.67 3.51
N ARG E 256 30.82 -8.21 4.39
CA ARG E 256 30.77 -7.74 5.77
C ARG E 256 30.11 -6.36 5.94
N ARG E 257 29.22 -5.99 5.02
CA ARG E 257 28.40 -4.81 5.23
C ARG E 257 27.52 -4.99 6.46
N ARG E 258 27.20 -3.89 7.13
CA ARG E 258 26.39 -3.96 8.33
C ARG E 258 25.03 -4.56 8.01
N PHE E 259 24.57 -5.45 8.88
CA PHE E 259 23.25 -6.02 8.80
C PHE E 259 22.23 -5.13 9.53
N ASP E 260 21.10 -4.86 8.90
CA ASP E 260 20.03 -4.12 9.58
C ASP E 260 18.67 -4.46 9.02
N ALA E 261 17.64 -3.84 9.57
CA ALA E 261 16.27 -4.13 9.20
C ALA E 261 16.05 -4.16 7.70
N SER E 262 16.83 -3.38 6.95
CA SER E 262 16.57 -3.25 5.52
C SER E 262 17.45 -4.18 4.66
N SER E 263 18.29 -4.97 5.31
CA SER E 263 19.11 -5.90 4.54
C SER E 263 18.25 -7.01 3.98
N ARG E 264 18.38 -7.30 2.70
CA ARG E 264 17.59 -8.37 2.10
C ARG E 264 18.06 -9.77 2.56
N TYR E 265 19.34 -9.90 2.87
CA TYR E 265 19.89 -11.19 3.30
C TYR E 265 20.73 -11.03 4.56
N HIS E 266 21.20 -12.14 5.08
CA HIS E 266 22.24 -12.06 6.09
C HIS E 266 23.18 -13.24 5.95
N VAL E 267 24.39 -13.01 6.41
CA VAL E 267 25.39 -14.06 6.50
C VAL E 267 25.66 -14.23 7.98
N SER E 268 25.34 -15.41 8.50
CA SER E 268 25.53 -15.68 9.91
C SER E 268 26.62 -16.72 10.14
N VAL E 269 27.45 -16.48 11.15
CA VAL E 269 28.53 -17.38 11.50
C VAL E 269 28.30 -17.95 12.90
N TYR E 270 28.22 -19.27 12.98
CA TYR E 270 27.99 -19.96 14.26
C TYR E 270 29.20 -20.81 14.62
N ARG E 271 29.51 -20.90 15.91
CA ARG E 271 30.48 -21.88 16.40
C ARG E 271 29.85 -22.81 17.44
N ALA E 272 30.54 -23.88 17.82
CA ALA E 272 30.03 -24.84 18.82
C ALA E 272 29.98 -24.20 20.22
N ALA E 273 28.89 -24.43 20.94
CA ALA E 273 28.71 -23.81 22.26
C ALA E 273 29.56 -24.44 23.37
N ALA E 274 30.46 -23.65 23.95
CA ALA E 274 31.33 -24.14 25.02
C ALA E 274 30.55 -24.44 26.30
N TRP F 40 -5.33 -3.67 -32.00
CA TRP F 40 -5.02 -3.56 -30.53
C TRP F 40 -6.07 -2.74 -29.79
N PRO F 41 -6.96 -3.44 -29.05
CA PRO F 41 -8.15 -2.86 -28.46
C PRO F 41 -7.89 -1.98 -27.26
N GLY F 42 -8.82 -1.06 -27.01
CA GLY F 42 -8.82 -0.22 -25.82
C GLY F 42 -7.47 0.34 -25.43
N ASP F 43 -7.03 0.03 -24.22
CA ASP F 43 -5.85 0.65 -23.65
C ASP F 43 -4.55 0.00 -24.14
N ALA F 44 -4.68 -1.07 -24.93
CA ALA F 44 -3.52 -1.69 -25.56
C ALA F 44 -3.09 -0.81 -26.72
N GLY F 45 -4.06 -0.37 -27.51
CA GLY F 45 -3.81 0.51 -28.64
C GLY F 45 -3.32 1.88 -28.22
N PRO F 46 -3.14 2.78 -29.20
CA PRO F 46 -2.66 4.13 -28.95
C PRO F 46 -3.80 5.02 -28.48
N PRO F 47 -3.47 6.17 -27.86
CA PRO F 47 -4.47 7.09 -27.32
C PRO F 47 -5.42 7.63 -28.39
N PRO F 48 -6.71 7.71 -28.06
CA PRO F 48 -7.76 8.06 -28.99
C PRO F 48 -7.91 9.57 -29.19
N ASP F 49 -6.85 10.33 -28.95
CA ASP F 49 -6.92 11.78 -29.04
C ASP F 49 -6.34 12.35 -30.35
N GLY F 50 -6.16 11.49 -31.35
CA GLY F 50 -5.65 11.94 -32.63
C GLY F 50 -6.32 13.21 -33.15
N ARG F 51 -7.65 13.17 -33.24
CA ARG F 51 -8.41 14.32 -33.76
C ARG F 51 -8.10 15.54 -32.92
N GLU F 52 -8.18 15.39 -31.60
CA GLU F 52 -8.00 16.48 -30.66
C GLU F 52 -6.62 17.10 -30.78
N ALA F 53 -5.60 16.25 -30.85
CA ALA F 53 -4.24 16.71 -31.10
C ALA F 53 -4.23 17.63 -32.33
N ALA F 54 -4.71 17.11 -33.46
CA ALA F 54 -4.76 17.86 -34.71
C ALA F 54 -5.41 19.23 -34.53
N LEU F 55 -6.57 19.26 -33.88
CA LEU F 55 -7.29 20.51 -33.63
C LEU F 55 -6.44 21.48 -32.83
N PHE F 56 -5.81 20.94 -31.79
CA PHE F 56 -4.93 21.75 -30.94
C PHE F 56 -3.80 22.34 -31.79
N VAL F 57 -3.13 21.48 -32.54
CA VAL F 57 -2.01 21.88 -33.37
C VAL F 57 -2.47 22.83 -34.48
N ALA F 58 -3.61 22.53 -35.08
CA ALA F 58 -4.18 23.37 -36.13
C ALA F 58 -4.40 24.79 -35.63
N ALA F 59 -4.90 24.90 -34.41
CA ALA F 59 -5.21 26.22 -33.86
C ALA F 59 -3.96 27.08 -33.79
N LEU F 60 -2.82 26.44 -33.55
CA LEU F 60 -1.55 27.15 -33.41
C LEU F 60 -0.82 27.30 -34.75
N ALA F 61 -1.28 26.60 -35.78
CA ALA F 61 -0.51 26.45 -37.02
C ALA F 61 -0.56 27.66 -37.96
N ALA F 62 -1.69 28.34 -37.99
CA ALA F 62 -1.80 29.53 -38.79
C ALA F 62 -1.27 29.34 -40.21
N ALA F 63 -1.89 28.44 -40.96
CA ALA F 63 -1.63 28.33 -42.41
C ALA F 63 -0.15 28.27 -42.80
N ARG F 64 0.69 27.71 -41.93
CA ARG F 64 2.06 27.41 -42.25
C ARG F 64 2.33 25.96 -41.86
N PRO F 65 3.41 25.37 -42.40
CA PRO F 65 3.65 23.95 -42.20
C PRO F 65 4.03 23.62 -40.76
N VAL F 66 3.64 22.44 -40.30
CA VAL F 66 4.05 21.96 -39.00
C VAL F 66 4.86 20.67 -39.14
N LEU F 67 5.74 20.45 -38.19
CA LEU F 67 6.62 19.29 -38.20
C LEU F 67 6.24 18.38 -37.06
N GLU F 68 5.84 17.15 -37.36
CA GLU F 68 5.59 16.18 -36.30
C GLU F 68 6.79 15.28 -36.11
N LEU F 69 7.36 15.30 -34.91
CA LEU F 69 8.41 14.36 -34.58
C LEU F 69 7.75 13.02 -34.24
N GLY F 70 8.28 11.93 -34.79
CA GLY F 70 7.69 10.60 -34.60
C GLY F 70 6.30 10.49 -35.20
N VAL F 71 6.20 10.78 -36.49
CA VAL F 71 4.92 10.87 -37.20
C VAL F 71 4.15 9.56 -37.22
N GLY F 72 4.84 8.45 -37.01
CA GLY F 72 4.18 7.14 -36.91
C GLY F 72 3.49 6.69 -38.18
N THR F 73 2.21 6.37 -38.07
CA THR F 73 1.43 5.96 -39.24
C THR F 73 0.40 7.03 -39.59
N GLY F 74 0.60 8.23 -39.03
CA GLY F 74 -0.25 9.36 -39.36
C GLY F 74 -1.42 9.54 -38.41
N ARG F 75 -1.35 8.87 -37.27
CA ARG F 75 -2.41 8.98 -36.27
C ARG F 75 -2.82 10.43 -36.00
N VAL F 76 -1.88 11.36 -36.10
CA VAL F 76 -2.21 12.76 -35.96
C VAL F 76 -2.07 13.49 -37.30
N ALA F 77 -1.03 13.14 -38.04
CA ALA F 77 -0.77 13.79 -39.32
C ALA F 77 -2.00 13.81 -40.23
N PHE F 78 -2.62 12.65 -40.44
CA PHE F 78 -3.76 12.60 -41.34
C PHE F 78 -4.91 13.48 -40.86
N PRO F 79 -5.38 13.28 -39.61
CA PRO F 79 -6.42 14.13 -39.06
C PRO F 79 -6.14 15.62 -39.25
N LEU F 80 -4.85 15.97 -39.22
CA LEU F 80 -4.41 17.34 -39.51
C LEU F 80 -4.58 17.70 -40.98
N ALA F 81 -4.29 16.74 -41.84
CA ALA F 81 -4.47 16.94 -43.27
C ALA F 81 -5.94 17.20 -43.59
N ASP F 82 -6.83 16.54 -42.86
CA ASP F 82 -8.27 16.78 -43.00
C ASP F 82 -8.64 18.21 -42.64
N LEU F 83 -7.78 18.87 -41.88
CA LEU F 83 -8.02 20.26 -41.50
C LEU F 83 -7.29 21.24 -42.43
N GLY F 84 -6.68 20.69 -43.47
CA GLY F 84 -5.96 21.50 -44.47
C GLY F 84 -4.58 21.98 -44.03
N VAL F 85 -4.03 21.37 -42.98
CA VAL F 85 -2.70 21.76 -42.49
C VAL F 85 -1.61 20.89 -43.11
N GLU F 86 -0.57 21.51 -43.63
CA GLU F 86 0.55 20.75 -44.19
C GLU F 86 1.41 20.16 -43.08
N VAL F 87 1.63 18.85 -43.13
CA VAL F 87 2.39 18.15 -42.10
C VAL F 87 3.68 17.53 -42.64
N HIS F 88 4.79 17.87 -42.01
CA HIS F 88 6.06 17.21 -42.29
C HIS F 88 6.38 16.24 -41.16
N GLY F 89 6.29 14.94 -41.47
CA GLY F 89 6.42 13.91 -40.45
C GLY F 89 7.78 13.25 -40.47
N VAL F 90 8.44 13.24 -39.32
CA VAL F 90 9.78 12.68 -39.23
C VAL F 90 9.74 11.30 -38.59
N GLU F 91 10.63 10.43 -39.05
CA GLU F 91 10.73 9.07 -38.53
C GLU F 91 12.10 8.52 -38.87
N SER F 92 12.61 7.61 -38.05
CA SER F 92 13.93 7.04 -38.29
C SER F 92 13.80 5.64 -38.89
N SER F 93 12.63 5.04 -38.68
CA SER F 93 12.34 3.68 -39.14
C SER F 93 11.75 3.67 -40.55
N GLU F 94 12.60 3.45 -41.55
CA GLU F 94 12.15 3.41 -42.94
C GLU F 94 10.85 2.62 -43.10
N PRO F 95 10.81 1.38 -42.57
CA PRO F 95 9.61 0.56 -42.58
C PRO F 95 8.32 1.35 -42.27
N MET F 96 8.17 1.81 -41.04
CA MET F 96 6.97 2.60 -40.68
C MET F 96 6.75 3.74 -41.64
N LEU F 97 7.85 4.36 -42.09
CA LEU F 97 7.79 5.46 -43.04
C LEU F 97 7.16 5.00 -44.35
N ASP F 98 7.46 3.77 -44.75
CA ASP F 98 6.86 3.18 -45.95
C ASP F 98 5.35 3.06 -45.79
N LYS F 99 4.92 2.46 -44.69
CA LYS F 99 3.50 2.26 -44.46
C LYS F 99 2.74 3.58 -44.52
N LEU F 100 3.34 4.64 -43.97
CA LEU F 100 2.75 5.96 -44.02
C LEU F 100 2.51 6.36 -45.47
N ARG F 101 3.56 6.21 -46.28
CA ARG F 101 3.47 6.56 -47.70
C ARG F 101 2.29 5.88 -48.38
N GLU F 102 2.08 4.62 -48.01
CA GLU F 102 1.02 3.82 -48.63
C GLU F 102 -0.35 4.35 -48.24
N LYS F 103 -0.54 4.63 -46.95
CA LYS F 103 -1.80 5.17 -46.47
C LYS F 103 -1.99 6.59 -47.01
N ALA F 104 -0.90 7.23 -47.36
CA ALA F 104 -0.94 8.59 -47.89
C ALA F 104 -1.53 8.63 -49.30
N ALA F 105 -1.04 7.73 -50.15
CA ALA F 105 -1.53 7.66 -51.53
C ALA F 105 -3.02 7.30 -51.56
N ALA F 106 -3.48 6.57 -50.55
CA ALA F 106 -4.86 6.14 -50.49
C ALA F 106 -5.75 7.12 -49.73
N HIS F 107 -5.14 8.15 -49.13
CA HIS F 107 -5.90 9.15 -48.40
C HIS F 107 -6.28 10.32 -49.30
N PRO F 108 -7.50 10.85 -49.11
CA PRO F 108 -8.02 11.94 -49.95
C PRO F 108 -7.18 13.20 -49.79
N ASN F 109 -6.32 13.21 -48.78
CA ASN F 109 -5.51 14.39 -48.51
C ASN F 109 -4.04 14.03 -48.26
N GLY F 110 -3.64 12.84 -48.71
CA GLY F 110 -2.28 12.35 -48.52
C GLY F 110 -1.19 13.35 -48.91
N ASN F 111 -1.39 14.05 -50.01
CA ASN F 111 -0.37 14.98 -50.48
C ASN F 111 -0.01 16.07 -49.48
N LEU F 112 -0.82 16.23 -48.43
CA LEU F 112 -0.51 17.18 -47.36
C LEU F 112 0.42 16.59 -46.31
N VAL F 113 0.75 15.31 -46.48
CA VAL F 113 1.58 14.60 -45.51
C VAL F 113 2.96 14.25 -46.09
N VAL F 114 3.94 15.10 -45.81
CA VAL F 114 5.29 14.90 -46.34
C VAL F 114 6.20 14.13 -45.37
N PRO F 115 6.49 12.86 -45.69
CA PRO F 115 7.32 12.00 -44.86
C PRO F 115 8.80 12.35 -44.96
N VAL F 116 9.45 12.52 -43.82
CA VAL F 116 10.86 12.86 -43.77
C VAL F 116 11.65 11.86 -42.94
N LEU F 117 12.60 11.18 -43.57
CA LEU F 117 13.49 10.27 -42.86
C LEU F 117 14.58 11.05 -42.15
N GLY F 118 14.74 10.82 -40.85
CA GLY F 118 15.76 11.53 -40.08
C GLY F 118 15.84 11.19 -38.60
N ASN F 119 16.48 12.07 -37.85
CA ASN F 119 16.76 11.84 -36.45
C ASN F 119 16.41 13.06 -35.61
N PHE F 120 15.42 12.90 -34.74
CA PHE F 120 14.93 13.96 -33.85
C PHE F 120 16.03 14.96 -33.47
N ALA F 121 16.96 14.49 -32.65
CA ALA F 121 18.07 15.31 -32.21
C ALA F 121 18.78 15.96 -33.38
N LYS F 122 19.37 15.15 -34.25
CA LYS F 122 20.21 15.66 -35.34
C LYS F 122 19.64 15.37 -36.71
N LEU F 123 19.32 16.43 -37.45
CA LEU F 123 18.99 16.30 -38.86
C LEU F 123 18.91 17.64 -39.59
N ASP F 124 19.31 17.62 -40.86
CA ASP F 124 19.40 18.81 -41.67
C ASP F 124 18.18 18.97 -42.56
N LEU F 125 17.33 19.96 -42.26
CA LEU F 125 16.15 20.22 -43.07
C LEU F 125 16.29 21.52 -43.88
N GLY F 126 17.52 22.01 -43.97
CA GLY F 126 17.79 23.21 -44.74
C GLY F 126 17.15 24.44 -44.16
N GLU F 127 16.71 25.34 -45.04
CA GLU F 127 16.15 26.62 -44.63
C GLU F 127 14.69 26.52 -44.23
N GLN F 128 14.11 25.34 -44.40
CA GLN F 128 12.70 25.12 -44.09
C GLN F 128 12.39 25.43 -42.62
N ARG F 129 11.33 26.19 -42.38
CA ARG F 129 10.93 26.57 -41.03
C ARG F 129 9.46 26.21 -40.78
N TYR F 130 9.09 26.06 -39.52
CA TYR F 130 7.73 25.63 -39.18
C TYR F 130 7.05 26.52 -38.15
N SER F 131 5.72 26.58 -38.24
CA SER F 131 4.94 27.31 -37.27
C SER F 131 4.80 26.50 -36.00
N VAL F 132 4.76 25.18 -36.16
CA VAL F 132 4.70 24.28 -34.99
C VAL F 132 5.55 23.02 -35.18
N VAL F 133 6.30 22.67 -34.15
CA VAL F 133 6.97 21.39 -34.09
C VAL F 133 6.44 20.66 -32.88
N PHE F 134 5.81 19.51 -33.09
CA PHE F 134 5.24 18.79 -31.96
C PHE F 134 5.70 17.35 -31.87
N ALA F 135 5.66 16.83 -30.66
CA ALA F 135 5.96 15.45 -30.36
C ALA F 135 4.89 14.91 -29.41
N ALA F 136 4.01 14.07 -29.92
CA ALA F 136 2.90 13.55 -29.13
C ALA F 136 3.27 12.27 -28.41
N PHE F 137 2.37 11.84 -27.53
CA PHE F 137 2.50 10.61 -26.75
C PHE F 137 3.93 10.12 -26.49
N ASN F 138 4.66 10.83 -25.64
CA ASN F 138 5.94 10.36 -25.13
C ASN F 138 7.09 10.28 -26.14
N THR F 139 6.86 10.79 -27.34
CA THR F 139 7.89 10.78 -28.35
C THR F 139 9.21 11.34 -27.80
N LEU F 140 9.15 12.49 -27.14
CA LEU F 140 10.36 13.11 -26.62
C LEU F 140 11.07 12.20 -25.63
N PHE F 141 10.31 11.46 -24.84
CA PHE F 141 10.89 10.58 -23.84
C PHE F 141 11.43 9.28 -24.45
N CYS F 142 11.38 9.19 -25.77
CA CYS F 142 11.97 8.03 -26.45
C CYS F 142 13.48 8.15 -26.52
N LEU F 143 13.98 9.40 -26.47
CA LEU F 143 15.41 9.65 -26.38
C LEU F 143 15.86 9.40 -24.95
N LEU F 144 16.79 8.47 -24.79
CA LEU F 144 17.13 7.93 -23.48
C LEU F 144 18.17 8.72 -22.69
N GLY F 145 17.91 10.01 -22.47
CA GLY F 145 18.86 10.82 -21.70
C GLY F 145 18.48 12.29 -21.70
N GLN F 146 18.79 12.97 -20.61
CA GLN F 146 18.46 14.39 -20.50
C GLN F 146 19.15 15.24 -21.56
N ASP F 147 20.41 14.92 -21.83
CA ASP F 147 21.18 15.66 -22.83
C ASP F 147 20.56 15.52 -24.21
N GLU F 148 20.22 14.29 -24.61
CA GLU F 148 19.65 14.11 -25.94
C GLU F 148 18.34 14.86 -26.00
N GLN F 149 17.60 14.86 -24.91
CA GLN F 149 16.31 15.51 -24.91
C GLN F 149 16.42 17.02 -25.04
N ILE F 150 17.45 17.59 -24.43
CA ILE F 150 17.72 19.01 -24.56
C ILE F 150 18.14 19.34 -26.00
N ASP F 151 18.96 18.48 -26.60
CA ASP F 151 19.41 18.67 -27.97
C ASP F 151 18.23 18.64 -28.94
N CYS F 152 17.24 17.81 -28.66
CA CYS F 152 16.09 17.72 -29.54
C CYS F 152 15.26 18.99 -29.41
N MET F 153 15.06 19.42 -28.17
CA MET F 153 14.33 20.66 -27.92
C MET F 153 15.03 21.84 -28.60
N ARG F 154 16.36 21.88 -28.53
CA ARG F 154 17.10 22.97 -29.17
C ARG F 154 16.98 22.93 -30.69
N GLN F 155 17.20 21.76 -31.28
CA GLN F 155 17.04 21.61 -32.72
C GLN F 155 15.62 22.05 -33.12
N ALA F 156 14.64 21.65 -32.33
CA ALA F 156 13.26 22.08 -32.59
C ALA F 156 13.13 23.59 -32.58
N ARG F 157 13.67 24.24 -31.55
CA ARG F 157 13.60 25.70 -31.47
C ARG F 157 14.15 26.33 -32.74
N GLU F 158 15.22 25.75 -33.28
CA GLU F 158 15.89 26.33 -34.44
C GLU F 158 15.18 26.05 -35.76
N LEU F 159 13.99 25.45 -35.69
CA LEU F 159 13.19 25.21 -36.90
C LEU F 159 11.89 26.01 -36.85
N LEU F 160 11.70 26.73 -35.74
CA LEU F 160 10.52 27.56 -35.58
C LEU F 160 10.67 28.92 -36.23
N GLU F 161 9.66 29.33 -36.98
CA GLU F 161 9.59 30.71 -37.41
C GLU F 161 9.33 31.59 -36.18
N PRO F 162 9.31 32.91 -36.37
CA PRO F 162 8.98 33.83 -35.28
C PRO F 162 7.60 33.52 -34.72
N GLY F 163 7.46 33.57 -33.40
CA GLY F 163 6.18 33.28 -32.77
C GLY F 163 5.85 31.80 -32.78
N GLY F 164 6.60 31.02 -33.55
CA GLY F 164 6.38 29.57 -33.63
C GLY F 164 6.29 28.91 -32.27
N THR F 165 5.77 27.69 -32.22
CA THR F 165 5.63 26.98 -30.94
C THR F 165 6.04 25.51 -31.02
N PHE F 166 6.58 25.02 -29.92
CA PHE F 166 6.99 23.63 -29.81
C PHE F 166 6.10 22.96 -28.77
N VAL F 167 5.39 21.92 -29.21
CA VAL F 167 4.39 21.26 -28.38
C VAL F 167 4.77 19.81 -28.08
N VAL F 168 4.74 19.43 -26.80
CA VAL F 168 5.02 18.03 -26.44
C VAL F 168 3.93 17.45 -25.54
N GLN F 169 3.73 16.15 -25.65
CA GLN F 169 2.78 15.44 -24.80
C GLN F 169 3.53 14.35 -24.06
N CYS F 170 3.51 14.41 -22.73
CA CYS F 170 4.40 13.57 -21.93
C CYS F 170 3.71 13.00 -20.71
N LEU F 171 4.10 11.78 -20.33
CA LEU F 171 3.61 11.22 -19.10
C LEU F 171 4.04 12.13 -17.94
N ASN F 172 3.19 12.25 -16.94
CA ASN F 172 3.44 13.11 -15.80
C ASN F 172 3.70 12.23 -14.59
N PRO F 173 4.98 12.05 -14.22
CA PRO F 173 5.41 11.09 -13.19
C PRO F 173 4.59 11.17 -11.89
N ALA F 174 4.30 12.38 -11.41
CA ALA F 174 3.48 12.55 -10.22
C ALA F 174 2.12 11.89 -10.34
N GLY F 175 1.50 12.01 -11.50
CA GLY F 175 0.13 11.54 -11.70
C GLY F 175 0.07 10.07 -12.10
N GLN F 176 1.21 9.56 -12.52
CA GLN F 176 1.30 8.20 -13.00
C GLN F 176 1.58 7.25 -11.84
N ARG F 177 1.91 7.79 -10.67
CA ARG F 177 2.19 6.98 -9.47
C ARG F 177 2.99 5.71 -9.78
N LEU F 178 4.22 5.90 -10.26
CA LEU F 178 5.08 4.80 -10.70
C LEU F 178 5.82 4.12 -9.55
N ALA F 179 5.53 2.85 -9.34
CA ALA F 179 6.20 2.06 -8.33
C ALA F 179 7.71 2.06 -8.56
N THR F 180 8.48 2.07 -7.48
CA THR F 180 9.90 1.82 -7.64
C THR F 180 10.11 0.36 -8.01
N GLY F 181 11.03 0.11 -8.93
CA GLY F 181 11.41 -1.26 -9.25
C GLY F 181 10.51 -1.94 -10.26
N ASN F 182 10.44 -3.25 -10.15
CA ASN F 182 9.73 -4.02 -11.14
C ASN F 182 8.24 -4.01 -10.84
N THR F 183 7.41 -4.05 -11.88
CA THR F 183 5.98 -4.26 -11.69
C THR F 183 5.44 -5.18 -12.78
N PHE F 184 4.25 -5.74 -12.57
CA PHE F 184 3.57 -6.53 -13.61
C PHE F 184 2.08 -6.22 -13.55
N GLY F 185 1.47 -5.96 -14.69
CA GLY F 185 0.09 -5.53 -14.67
C GLY F 185 -0.71 -5.90 -15.90
N THR F 186 -2.02 -5.83 -15.78
CA THR F 186 -2.92 -6.11 -16.87
C THR F 186 -3.15 -4.82 -17.65
N VAL F 187 -2.81 -4.82 -18.94
CA VAL F 187 -3.08 -3.67 -19.79
C VAL F 187 -4.49 -3.67 -20.39
N GLU F 188 -4.89 -4.78 -21.01
CA GLU F 188 -6.22 -4.87 -21.59
C GLU F 188 -6.69 -6.32 -21.79
N LEU F 189 -8.00 -6.51 -21.89
CA LEU F 189 -8.54 -7.85 -22.20
C LEU F 189 -9.25 -7.90 -23.56
N GLU F 190 -9.16 -9.06 -24.21
CA GLU F 190 -9.87 -9.35 -25.45
C GLU F 190 -10.48 -10.74 -25.23
N ASP F 191 -11.40 -11.13 -26.11
CA ASP F 191 -12.04 -12.44 -25.97
C ASP F 191 -11.03 -13.58 -26.03
N THR F 192 -9.99 -13.43 -26.84
CA THR F 192 -9.08 -14.55 -27.08
C THR F 192 -7.64 -14.23 -26.75
N ALA F 193 -7.40 -13.10 -26.11
CA ALA F 193 -6.05 -12.76 -25.72
C ALA F 193 -6.06 -11.77 -24.56
N VAL F 194 -4.98 -11.75 -23.79
CA VAL F 194 -4.82 -10.75 -22.75
C VAL F 194 -3.61 -9.91 -23.09
N HIS F 195 -3.66 -8.63 -22.75
CA HIS F 195 -2.54 -7.72 -22.95
C HIS F 195 -1.96 -7.36 -21.59
N LEU F 196 -0.70 -7.69 -21.39
CA LEU F 196 -0.05 -7.47 -20.10
C LEU F 196 1.22 -6.65 -20.26
N GLU F 197 1.80 -6.23 -19.14
CA GLU F 197 3.02 -5.42 -19.19
C GLU F 197 3.92 -5.75 -18.03
N ALA F 198 5.19 -5.99 -18.36
CA ALA F 198 6.23 -6.17 -17.37
C ALA F 198 7.20 -4.98 -17.46
N SER F 199 7.50 -4.33 -16.35
CA SER F 199 8.37 -3.15 -16.42
C SER F 199 9.36 -3.03 -15.28
N LYS F 200 10.50 -2.40 -15.57
CA LYS F 200 11.50 -2.05 -14.58
C LYS F 200 11.60 -0.54 -14.58
N HIS F 201 11.40 0.07 -13.42
CA HIS F 201 11.44 1.53 -13.31
C HIS F 201 12.64 1.91 -12.47
N ASP F 202 13.55 2.70 -13.04
CA ASP F 202 14.67 3.21 -12.25
C ASP F 202 14.45 4.68 -11.93
N PRO F 203 14.01 4.97 -10.70
CA PRO F 203 13.58 6.31 -10.32
C PRO F 203 14.71 7.32 -10.27
N LEU F 204 15.95 6.83 -10.33
CA LEU F 204 17.11 7.73 -10.33
C LEU F 204 17.45 8.15 -11.73
N ALA F 205 17.60 7.19 -12.63
CA ALA F 205 17.86 7.50 -14.03
C ALA F 205 16.58 8.00 -14.68
N GLN F 206 15.48 7.90 -13.97
CA GLN F 206 14.18 8.26 -14.50
C GLN F 206 13.83 7.50 -15.78
N THR F 207 14.14 6.19 -15.79
CA THR F 207 13.86 5.34 -16.94
C THR F 207 12.79 4.31 -16.67
N LEU F 208 12.06 4.00 -17.74
CA LEU F 208 11.09 2.91 -17.78
C LEU F 208 11.50 1.94 -18.87
N SER F 209 11.66 0.68 -18.51
CA SER F 209 12.00 -0.33 -19.47
C SER F 209 10.95 -1.43 -19.31
N ALA F 210 10.28 -1.76 -20.39
CA ALA F 210 9.14 -2.64 -20.30
C ALA F 210 8.97 -3.54 -21.51
N HIS F 211 8.13 -4.57 -21.34
CA HIS F 211 7.66 -5.42 -22.42
C HIS F 211 6.15 -5.38 -22.40
N HIS F 212 5.54 -4.99 -23.52
CA HIS F 212 4.13 -5.23 -23.71
C HIS F 212 3.98 -6.68 -24.14
N ILE F 213 3.22 -7.46 -23.38
CA ILE F 213 3.08 -8.88 -23.60
C ILE F 213 1.69 -9.24 -24.13
N VAL F 214 1.63 -9.98 -25.22
CA VAL F 214 0.34 -10.53 -25.66
C VAL F 214 0.32 -12.06 -25.49
N LEU F 215 -0.58 -12.55 -24.65
CA LEU F 215 -0.83 -13.99 -24.53
C LEU F 215 -2.16 -14.31 -25.20
N SER F 216 -2.15 -15.30 -26.09
CA SER F 216 -3.37 -15.62 -26.84
C SER F 216 -3.67 -17.10 -26.73
N GLU F 217 -4.96 -17.43 -26.78
CA GLU F 217 -5.43 -18.83 -26.73
C GLU F 217 -4.72 -19.65 -27.79
N GLY F 218 -4.26 -20.83 -27.41
CA GLY F 218 -3.59 -21.68 -28.37
C GLY F 218 -2.09 -21.71 -28.24
N GLY F 219 -1.53 -20.83 -27.41
CA GLY F 219 -0.13 -20.92 -27.02
C GLY F 219 0.78 -19.80 -27.49
N GLY F 220 0.21 -18.79 -28.13
CA GLY F 220 0.98 -17.70 -28.74
C GLY F 220 1.43 -16.65 -27.73
N ILE F 221 2.67 -16.21 -27.88
CA ILE F 221 3.21 -15.16 -27.04
C ILE F 221 3.94 -14.16 -27.91
N ARG F 222 3.61 -12.88 -27.77
CA ARG F 222 4.35 -11.80 -28.44
C ARG F 222 4.90 -10.85 -27.39
N LEU F 223 6.17 -10.50 -27.53
CA LEU F 223 6.80 -9.52 -26.63
C LEU F 223 7.11 -8.25 -27.41
N PHE F 224 6.74 -7.10 -26.88
CA PHE F 224 7.10 -5.83 -27.54
C PHE F 224 7.79 -4.92 -26.56
N PRO F 225 9.12 -4.96 -26.55
CA PRO F 225 9.92 -4.16 -25.62
C PRO F 225 9.93 -2.68 -25.99
N TYR F 226 10.07 -1.83 -24.99
CA TYR F 226 10.23 -0.41 -25.23
C TYR F 226 10.89 0.25 -24.01
N ARG F 227 11.52 1.40 -24.22
CA ARG F 227 12.25 2.11 -23.18
C ARG F 227 11.92 3.60 -23.24
N LEU F 228 11.82 4.24 -22.09
CA LEU F 228 11.62 5.68 -22.04
C LEU F 228 12.53 6.25 -20.98
N ARG F 229 12.92 7.51 -21.15
CA ARG F 229 13.41 8.30 -20.03
C ARG F 229 12.47 9.47 -19.88
N TYR F 230 11.88 9.63 -18.70
CA TYR F 230 10.95 10.74 -18.50
C TYR F 230 11.60 11.90 -17.76
N ALA F 231 10.93 13.05 -17.79
CA ALA F 231 11.38 14.18 -17.02
C ALA F 231 10.20 14.70 -16.23
N TYR F 232 10.48 15.26 -15.06
CA TYR F 232 9.44 15.95 -14.33
C TYR F 232 9.29 17.31 -14.98
N PRO F 233 8.08 17.88 -14.89
CA PRO F 233 7.73 19.21 -15.39
C PRO F 233 8.80 20.26 -15.12
N ALA F 234 9.22 20.40 -13.86
CA ALA F 234 10.16 21.47 -13.52
C ALA F 234 11.52 21.25 -14.18
N GLU F 235 11.90 19.99 -14.31
CA GLU F 235 13.12 19.62 -15.01
C GLU F 235 12.95 19.91 -16.49
N LEU F 236 11.81 19.51 -17.04
CA LEU F 236 11.54 19.71 -18.45
C LEU F 236 11.58 21.19 -18.81
N ASP F 237 10.92 22.00 -18.01
CA ASP F 237 10.95 23.44 -18.22
C ASP F 237 12.36 24.01 -18.19
N LEU F 238 13.19 23.52 -17.28
CA LEU F 238 14.58 24.04 -17.20
C LEU F 238 15.36 23.56 -18.42
N MET F 239 15.13 22.31 -18.81
CA MET F 239 15.60 21.79 -20.08
C MET F 239 15.20 22.72 -21.23
N ALA F 240 13.93 23.11 -21.25
CA ALA F 240 13.47 24.00 -22.31
C ALA F 240 14.22 25.34 -22.29
N ASN F 241 14.44 25.89 -21.10
CA ASN F 241 15.16 27.16 -20.98
C ASN F 241 16.58 27.01 -21.51
N VAL F 242 17.24 25.94 -21.11
CA VAL F 242 18.57 25.68 -21.63
C VAL F 242 18.53 25.61 -23.16
N ALA F 243 17.42 25.11 -23.71
CA ALA F 243 17.28 24.99 -25.15
C ALA F 243 16.84 26.30 -25.82
N GLY F 244 16.70 27.37 -25.03
CA GLY F 244 16.22 28.64 -25.55
C GLY F 244 14.71 28.67 -25.77
N LEU F 245 13.97 27.89 -24.99
CA LEU F 245 12.51 27.93 -25.07
C LEU F 245 11.92 28.32 -23.72
N GLU F 246 10.74 28.95 -23.75
CA GLU F 246 9.98 29.23 -22.52
C GLU F 246 8.54 28.72 -22.56
N LEU F 247 8.06 28.20 -21.44
CA LEU F 247 6.72 27.63 -21.34
C LEU F 247 5.63 28.69 -21.47
N VAL F 248 4.70 28.52 -22.41
CA VAL F 248 3.58 29.47 -22.50
C VAL F 248 2.25 28.92 -21.96
N GLU F 249 2.10 27.60 -21.93
CA GLU F 249 0.92 27.00 -21.31
C GLU F 249 1.05 25.50 -21.13
N ARG F 250 0.30 24.96 -20.19
CA ARG F 250 0.30 23.53 -19.89
C ARG F 250 -1.11 23.02 -19.60
N HIS F 251 -1.47 21.94 -20.25
CA HIS F 251 -2.78 21.34 -20.03
C HIS F 251 -2.61 19.89 -19.65
N ALA F 252 -3.69 19.25 -19.28
CA ALA F 252 -3.67 17.82 -19.03
C ALA F 252 -3.75 17.05 -20.34
N ASP F 253 -4.36 17.68 -21.34
CA ASP F 253 -4.58 17.01 -22.62
C ASP F 253 -4.89 18.01 -23.74
N PHE F 254 -5.08 17.51 -24.96
CA PHE F 254 -5.30 18.40 -26.10
C PHE F 254 -6.66 19.11 -26.10
N GLU F 255 -7.45 18.88 -25.05
CA GLU F 255 -8.73 19.54 -24.95
C GLU F 255 -8.65 20.68 -23.94
N ARG F 256 -7.45 20.86 -23.38
CA ARG F 256 -7.17 21.99 -22.51
C ARG F 256 -7.79 21.87 -21.12
N ARG F 257 -8.00 20.64 -20.65
CA ARG F 257 -8.39 20.43 -19.26
C ARG F 257 -7.27 20.88 -18.32
N ARG F 258 -7.65 21.44 -17.18
CA ARG F 258 -6.69 21.89 -16.18
C ARG F 258 -5.65 20.80 -15.92
N PHE F 259 -4.39 21.21 -15.78
CA PHE F 259 -3.32 20.30 -15.40
C PHE F 259 -3.08 20.40 -13.92
N ASP F 260 -3.04 19.27 -13.23
CA ASP F 260 -2.65 19.25 -11.83
C ASP F 260 -1.86 17.99 -11.48
N ALA F 261 -1.58 17.79 -10.21
CA ALA F 261 -0.72 16.70 -9.79
C ALA F 261 -1.24 15.33 -10.17
N SER F 262 -2.55 15.20 -10.30
CA SER F 262 -3.10 13.88 -10.59
C SER F 262 -3.29 13.61 -12.11
N SER F 263 -2.95 14.58 -12.95
CA SER F 263 -3.04 14.37 -14.39
C SER F 263 -2.01 13.32 -14.84
N ARG F 264 -2.47 12.31 -15.58
CA ARG F 264 -1.56 11.27 -15.99
C ARG F 264 -0.59 11.79 -17.03
N TYR F 265 -1.04 12.72 -17.87
CA TYR F 265 -0.17 13.32 -18.91
C TYR F 265 -0.17 14.84 -18.83
N HIS F 266 0.67 15.46 -19.64
CA HIS F 266 0.55 16.89 -19.88
C HIS F 266 0.88 17.26 -21.31
N VAL F 267 0.25 18.32 -21.77
CA VAL F 267 0.56 18.92 -23.03
C VAL F 267 1.15 20.28 -22.72
N SER F 268 2.40 20.48 -23.10
CA SER F 268 3.09 21.71 -22.82
C SER F 268 3.43 22.40 -24.14
N VAL F 269 3.22 23.71 -24.15
CA VAL F 269 3.50 24.54 -25.31
C VAL F 269 4.61 25.55 -25.01
N TYR F 270 5.68 25.53 -25.82
CA TYR F 270 6.80 26.44 -25.60
C TYR F 270 6.99 27.44 -26.74
N ARG F 271 7.52 28.62 -26.41
CA ARG F 271 7.94 29.61 -27.40
C ARG F 271 9.45 29.80 -27.33
N ALA F 272 10.03 30.34 -28.40
CA ALA F 272 11.41 30.78 -28.37
C ALA F 272 11.55 31.86 -27.30
N ALA F 273 12.62 31.78 -26.52
CA ALA F 273 12.88 32.74 -25.44
C ALA F 273 12.68 34.18 -25.92
S SO4 G . 28.29 0.15 6.64
O1 SO4 G . 26.83 0.31 6.70
O2 SO4 G . 28.60 -1.24 6.28
O3 SO4 G . 28.80 1.05 5.60
O4 SO4 G . 28.87 0.51 7.94
S SO4 H . 9.60 26.43 -8.75
O1 SO4 H . 9.26 25.70 -9.97
O2 SO4 H . 9.26 25.59 -7.59
O3 SO4 H . 11.03 26.76 -8.73
O4 SO4 H . 8.84 27.68 -8.69
S SO4 I . 37.01 36.30 -8.87
O1 SO4 I . 37.89 35.71 -9.88
O2 SO4 I . 36.47 35.25 -8.02
O3 SO4 I . 37.75 37.25 -8.04
O4 SO4 I . 35.93 37.02 -9.56
S SO4 J . -14.71 -18.28 13.22
O1 SO4 J . -14.43 -18.59 11.83
O2 SO4 J . -14.14 -19.33 14.06
O3 SO4 J . -14.10 -16.99 13.56
O4 SO4 J . -16.16 -18.18 13.44
C1 EDO K . 17.37 -11.64 22.22
O1 EDO K . 16.35 -10.66 22.02
C2 EDO K . 18.11 -11.37 23.52
O2 EDO K . 17.86 -12.41 24.47
LI LI L . -33.77 28.21 -13.28
C1 EDO M . -30.29 0.04 7.55
O1 EDO M . -31.54 0.69 7.84
C2 EDO M . -29.14 0.93 8.01
O2 EDO M . -27.92 0.42 7.45
LI LI N . 3.52 -22.14 -26.93
C1 EDO O . -28.20 -1.60 -14.47
O1 EDO O . -29.27 -2.37 -13.89
C2 EDO O . -27.25 -1.10 -13.39
O2 EDO O . -26.60 -2.22 -12.76
S SO4 P . 29.45 0.38 -0.10
O1 SO4 P . 29.27 0.12 -1.53
O2 SO4 P . 29.01 -0.77 0.68
O3 SO4 P . 30.87 0.61 0.16
O4 SO4 P . 28.68 1.56 0.33
S SO4 Q . 34.09 -36.26 17.03
O1 SO4 Q . 32.84 -36.44 16.30
O2 SO4 Q . 34.54 -37.56 17.53
O3 SO4 Q . 35.10 -35.70 16.13
O4 SO4 Q . 33.87 -35.35 18.15
C1 EDO R . 7.75 -27.32 12.22
O1 EDO R . 8.75 -28.32 12.05
C2 EDO R . 7.30 -26.78 10.86
O2 EDO R . 8.03 -25.59 10.50
S SO4 S . -14.86 16.82 -18.30
O1 SO4 S . -14.03 17.59 -19.22
O2 SO4 S . -14.93 15.44 -18.74
O3 SO4 S . -14.28 16.88 -16.95
O4 SO4 S . -16.21 17.39 -18.31
S SO4 T . -11.39 21.73 -16.19
O1 SO4 T . -10.90 22.19 -17.48
O2 SO4 T . -10.48 20.73 -15.65
O3 SO4 T . -11.51 22.87 -15.27
O4 SO4 T . -12.71 21.09 -16.34
#